data_6H0G
#
_entry.id   6H0G
#
_cell.length_a   112.510
_cell.length_b   99.530
_cell.length_c   166.940
_cell.angle_alpha   90.000
_cell.angle_beta   108.490
_cell.angle_gamma   90.000
#
_symmetry.space_group_name_H-M   'P 1 21 1'
#
loop_
_entity.id
_entity.type
_entity.pdbx_description
1 polymer 'DNA damage-binding protein 1,DNA damage-binding protein 1,DNA damage-binding protein 1,DDB1 (DNA damage binding protein 1),DNA damage-binding protein 1,DNA damage-binding protein 1,DNA damage-binding protein 1'
2 polymer 'Protein cereblon'
3 polymer 'Zinc finger protein 692'
4 non-polymer 'ZINC ION'
5 non-polymer S-Pomalidomide
#
loop_
_entity_poly.entity_id
_entity_poly.type
_entity_poly.pdbx_seq_one_letter_code
_entity_poly.pdbx_strand_id
1 'polypeptide(L)'
;MHHHHHHVDEENLYFQGGGRMSYNYVVTAQKPTAVNGCVTGHFTSAEDLNLLIAKNTRLEIYVVTAEGLRPVKEVGMYGK
IAVMELFRPKGESKDLLFILTAKYNACILEYKQSGESIDIITRAHGNVQDRIGRPSETGIIGIIDPECRMIGLRLYDGLF
KVIPLDRDNKELKAFNIRLEELHVIDVKFLYGCQAPTICFVYQDPQGRHVKTYEVSLREKEFNKGPWKQENVEAEASMVI
AVPEPFGGAIIIGQESITYHNGDKYLAIAPPIIKQSTIVCHNRVDPNGSRYLLGDMEGRLFMLLLEKEEQMDGTVTLKDL
RVELLGETSIAECLTYLDNGVVFVGSRLGDSQLVKLNVDSNEQGSYVVAMETFTNLGPIVDMCVVDLERQGQGQLVTCSG
AFKEGSLRIIRNGIGGNGNSGEIQKLHIRTVPLYESPRKICYQEVSQCFGVLSSRIEVQDTSGGTTALRPSASTQALSSS
VSSSKLFSSSTAPHETSFGEEVEVHNLLIIDQHTFEVLHAHQFLQNEYALSLVSCKLGKDPNTYFIVGTAMVYPEEAEPK
QGRIVVFQYSDGKLQTVAEKEVKGAVYSMVEFNGKLLASINSTVRLYEWTTEKELRTECNHYNNIMALYLKTKGDFILVG
DLMRSVLLLAYKPMEGNFEEIARDFNPNWMSAVEILDDDNFLGAENAFNLFVCQKDSAATTDEERQHLQEVGLFHLGEFV
NVFCHGSLVMQNLGETSTPTQGSVLFGTVNGMIGLVTSLSESWYNLLLDMQNRLNKVIKSVGKIEHSFWRSFHTERKTEP
ATGFIDGDLIESFLDISRPKMQEVVANLQYDDGSGMKREATADDLIKVVEELTRIH
;
A,D
2 'polypeptide(L)'
;MDWSHPQFEKSAVDENLYFQGGGRAKKPNIINFDTSLPTSHTYLGADMEEFHGRTLHDDDSCQVIPVLPQVMMILIPGQT
LPLQLFHPQEVSMVRNLIQKDRTFAVLAYSNVQEREAQFGTTAEIYAYREEQDFGIEIVKVKAIGRQRFKVLELRTQSDG
IQQAKVQILPECVLPSTMSAVQLESLNKCQIFPSKPVSREDQCSYKWWQKYQKRKFHCANLTSWPRWLYSLYDAETLMDR
IKKQLREWDENLKDDSLPSNPIDFSYRVAACLPIDDVLRIQLLKIGSAIQRLRCELDIMNKCTSLCCKQCQETEITTKNE
IFSLSLCGPMAAYVNPHGYVHETLTVYKACNLNLIGRPSTEHSWFPGYAWTVAQCKICASHIGWKFTATKKDMSPQKFWG
LTRSALLPTIPDTEDEISPDKVILCL
;
B,E
3 'polypeptide(L)' GGGRPLQCEICGFTCRQKASLNWHQRKHAET C,F
#
loop_
_chem_comp.id
_chem_comp.type
_chem_comp.name
_chem_comp.formula
Y70 non-polymer S-Pomalidomide 'C13 H11 N3 O4'
ZN non-polymer 'ZINC ION' 'Zn 2'
#
# COMPACT_ATOMS: atom_id res chain seq x y z
N MET A 21 -13.90 39.92 8.46
CA MET A 21 -13.60 40.90 9.52
C MET A 21 -14.62 40.87 10.68
N SER A 22 -15.65 40.03 10.59
CA SER A 22 -16.68 39.94 11.61
C SER A 22 -16.18 39.22 12.84
N TYR A 23 -16.66 39.66 14.00
CA TYR A 23 -16.28 39.09 15.27
C TYR A 23 -17.54 38.83 16.10
N ASN A 24 -17.69 37.60 16.60
CA ASN A 24 -18.86 37.18 17.34
C ASN A 24 -18.51 36.34 18.54
N TYR A 25 -19.49 36.09 19.39
CA TYR A 25 -19.34 35.39 20.65
C TYR A 25 -20.52 34.46 20.85
N VAL A 26 -20.23 33.19 21.22
CA VAL A 26 -21.23 32.16 21.45
C VAL A 26 -21.08 31.54 22.84
N VAL A 27 -22.20 31.31 23.52
CA VAL A 27 -22.23 30.74 24.84
C VAL A 27 -23.48 29.89 25.02
N THR A 28 -23.37 28.88 25.89
CA THR A 28 -24.46 27.99 26.20
C THR A 28 -25.16 28.49 27.45
N ALA A 29 -26.46 28.70 27.35
CA ALA A 29 -27.29 29.12 28.47
C ALA A 29 -27.98 27.95 29.15
N GLN A 30 -28.20 26.85 28.43
CA GLN A 30 -28.80 25.64 28.96
C GLN A 30 -28.05 24.43 28.42
N LYS A 31 -27.79 23.47 29.27
CA LYS A 31 -27.07 22.29 28.90
C LYS A 31 -28.00 21.35 28.11
N PRO A 32 -27.46 20.58 27.15
CA PRO A 32 -28.29 19.62 26.42
C PRO A 32 -28.88 18.54 27.34
N THR A 33 -30.19 18.36 27.30
CA THR A 33 -30.89 17.41 28.16
C THR A 33 -31.18 16.06 27.52
N ALA A 34 -31.17 15.98 26.20
CA ALA A 34 -31.48 14.74 25.51
C ALA A 34 -30.50 13.63 25.87
N VAL A 35 -31.04 12.50 26.30
CA VAL A 35 -30.25 11.34 26.68
C VAL A 35 -30.06 10.46 25.45
N ASN A 36 -28.81 10.33 25.02
CA ASN A 36 -28.42 9.53 23.87
C ASN A 36 -27.74 8.21 24.21
N GLY A 37 -27.48 7.97 25.49
CA GLY A 37 -26.81 6.76 25.94
C GLY A 37 -26.72 6.61 27.44
N CYS A 38 -26.69 5.35 27.92
CA CYS A 38 -26.60 5.07 29.34
C CYS A 38 -26.01 3.68 29.57
N VAL A 39 -25.28 3.52 30.68
CA VAL A 39 -24.65 2.27 31.08
C VAL A 39 -24.59 2.14 32.58
N THR A 40 -24.35 0.93 33.05
CA THR A 40 -24.24 0.62 34.46
C THR A 40 -22.98 -0.17 34.74
N GLY A 41 -22.49 -0.07 35.97
CA GLY A 41 -21.30 -0.79 36.38
C GLY A 41 -20.77 -0.40 37.74
N HIS A 42 -19.46 -0.45 37.86
CA HIS A 42 -18.72 -0.12 39.06
C HIS A 42 -17.55 0.78 38.69
N PHE A 43 -17.82 2.08 38.51
CA PHE A 43 -16.85 3.08 38.07
C PHE A 43 -16.13 3.85 39.18
N THR A 44 -16.85 4.23 40.23
CA THR A 44 -16.29 4.95 41.36
C THR A 44 -15.56 4.03 42.33
N SER A 45 -16.09 2.84 42.54
CA SER A 45 -15.50 1.85 43.41
C SER A 45 -16.16 0.51 43.17
N ALA A 46 -15.44 -0.57 43.45
CA ALA A 46 -15.97 -1.91 43.27
C ALA A 46 -17.24 -2.17 44.09
N GLU A 47 -17.47 -1.37 45.15
CA GLU A 47 -18.61 -1.52 46.03
C GLU A 47 -19.81 -0.74 45.55
N ASP A 48 -19.60 0.55 45.22
CA ASP A 48 -20.68 1.42 44.77
C ASP A 48 -21.22 0.96 43.42
N LEU A 49 -22.54 1.11 43.24
CA LEU A 49 -23.24 0.75 42.02
C LEU A 49 -23.47 2.03 41.25
N ASN A 50 -22.81 2.14 40.09
CA ASN A 50 -22.77 3.36 39.30
C ASN A 50 -23.60 3.29 38.04
N LEU A 51 -24.23 4.41 37.72
CA LEU A 51 -25.02 4.61 36.52
C LEU A 51 -24.49 5.85 35.81
N LEU A 52 -24.05 5.68 34.56
CA LEU A 52 -23.50 6.76 33.75
C LEU A 52 -24.48 7.12 32.66
N ILE A 53 -24.75 8.41 32.49
CA ILE A 53 -25.67 8.93 31.50
C ILE A 53 -24.96 9.94 30.63
N ALA A 54 -25.04 9.78 29.32
CA ALA A 54 -24.46 10.69 28.34
C ALA A 54 -25.52 11.61 27.76
N LYS A 55 -25.18 12.89 27.63
CA LYS A 55 -26.06 13.91 27.06
C LYS A 55 -25.29 14.69 26.03
N ASN A 56 -25.10 14.07 24.88
CA ASN A 56 -24.34 14.61 23.78
C ASN A 56 -22.87 14.90 24.17
N THR A 57 -22.59 16.13 24.65
CA THR A 57 -21.24 16.57 25.03
C THR A 57 -20.92 16.51 26.51
N ARG A 58 -21.92 16.16 27.33
CA ARG A 58 -21.78 16.07 28.76
C ARG A 58 -21.94 14.61 29.23
N LEU A 59 -21.35 14.31 30.38
CA LEU A 59 -21.43 13.01 31.03
C LEU A 59 -21.71 13.20 32.51
N GLU A 60 -22.63 12.42 33.05
CA GLU A 60 -23.03 12.49 34.44
C GLU A 60 -22.93 11.12 35.08
N ILE A 61 -22.31 11.07 36.26
CA ILE A 61 -22.14 9.87 37.04
C ILE A 61 -23.06 9.94 38.25
N TYR A 62 -23.67 8.81 38.59
CA TYR A 62 -24.54 8.69 39.74
C TYR A 62 -24.29 7.38 40.47
N VAL A 63 -24.53 7.37 41.77
CA VAL A 63 -24.44 6.21 42.64
C VAL A 63 -25.87 5.78 42.93
N VAL A 64 -26.14 4.50 42.76
CA VAL A 64 -27.46 3.96 42.95
C VAL A 64 -27.74 3.72 44.43
N THR A 65 -28.81 4.36 44.94
CA THR A 65 -29.33 4.15 46.27
C THR A 65 -30.70 3.53 46.13
N ALA A 66 -31.21 2.95 47.21
CA ALA A 66 -32.52 2.32 47.19
C ALA A 66 -33.65 3.32 46.93
N GLU A 67 -33.49 4.57 47.38
CA GLU A 67 -34.49 5.60 47.22
C GLU A 67 -34.38 6.27 45.87
N GLY A 68 -33.20 6.78 45.56
CA GLY A 68 -32.94 7.45 44.30
C GLY A 68 -31.51 7.30 43.85
N LEU A 69 -31.00 8.30 43.16
CA LEU A 69 -29.64 8.33 42.67
C LEU A 69 -28.88 9.44 43.35
N ARG A 70 -27.59 9.21 43.64
CA ARG A 70 -26.74 10.18 44.32
C ARG A 70 -25.69 10.72 43.34
N PRO A 71 -25.83 11.96 42.86
CA PRO A 71 -24.85 12.50 41.92
C PRO A 71 -23.51 12.73 42.56
N VAL A 72 -22.44 12.49 41.80
CA VAL A 72 -21.06 12.60 42.26
C VAL A 72 -20.20 13.51 41.41
N LYS A 73 -20.36 13.44 40.10
CA LYS A 73 -19.57 14.22 39.18
C LYS A 73 -20.31 14.40 37.87
N GLU A 74 -20.05 15.55 37.23
CA GLU A 74 -20.58 15.93 35.93
C GLU A 74 -19.45 16.62 35.15
N VAL A 75 -19.08 16.04 34.02
CA VAL A 75 -17.98 16.52 33.21
C VAL A 75 -18.43 16.91 31.82
N GLY A 76 -17.69 17.84 31.24
CA GLY A 76 -17.92 18.32 29.88
C GLY A 76 -16.74 17.99 28.99
N MET A 77 -17.01 17.29 27.89
CA MET A 77 -16.00 16.83 26.96
C MET A 77 -15.89 17.71 25.73
N TYR A 78 -14.83 17.48 24.95
CA TYR A 78 -14.61 18.19 23.70
C TYR A 78 -14.86 17.24 22.57
N GLY A 79 -16.08 16.70 22.52
CA GLY A 79 -16.50 15.71 21.53
C GLY A 79 -17.92 15.21 21.75
N LYS A 80 -18.60 14.88 20.66
CA LYS A 80 -19.96 14.36 20.73
C LYS A 80 -19.91 12.88 21.06
N ILE A 81 -20.28 12.52 22.28
CA ILE A 81 -20.26 11.15 22.74
C ILE A 81 -21.05 10.26 21.81
N ALA A 82 -20.35 9.41 21.08
CA ALA A 82 -20.96 8.46 20.17
C ALA A 82 -21.12 7.09 20.81
N VAL A 83 -20.04 6.55 21.38
CA VAL A 83 -20.06 5.25 22.06
C VAL A 83 -19.52 5.44 23.47
N MET A 84 -20.10 4.71 24.41
CA MET A 84 -19.79 4.80 25.83
C MET A 84 -20.01 3.46 26.48
N GLU A 85 -18.93 2.76 26.88
CA GLU A 85 -19.02 1.43 27.47
C GLU A 85 -18.02 1.23 28.60
N LEU A 86 -18.46 0.54 29.66
CA LEU A 86 -17.62 0.20 30.81
C LEU A 86 -17.10 -1.22 30.71
N PHE A 87 -15.97 -1.50 31.34
CA PHE A 87 -15.36 -2.82 31.31
C PHE A 87 -14.36 -2.98 32.44
N ARG A 88 -14.00 -4.24 32.75
CA ARG A 88 -13.07 -4.58 33.82
C ARG A 88 -11.88 -5.41 33.30
N PRO A 89 -10.68 -4.81 33.18
CA PRO A 89 -9.51 -5.59 32.78
C PRO A 89 -9.01 -6.50 33.89
N LYS A 90 -7.96 -7.25 33.59
CA LYS A 90 -7.38 -8.14 34.58
C LYS A 90 -6.36 -7.37 35.38
N GLY A 91 -6.45 -7.48 36.70
CA GLY A 91 -5.56 -6.77 37.60
C GLY A 91 -5.91 -5.31 37.76
N GLU A 92 -7.21 -5.00 37.87
CA GLU A 92 -7.71 -3.64 38.03
C GLU A 92 -8.64 -3.56 39.24
N SER A 93 -8.57 -2.44 39.95
CA SER A 93 -9.35 -2.21 41.15
C SER A 93 -10.84 -2.03 40.87
N LYS A 94 -11.17 -1.39 39.76
CA LYS A 94 -12.55 -1.13 39.39
C LYS A 94 -12.73 -1.09 37.88
N ASP A 95 -13.94 -0.76 37.43
CA ASP A 95 -14.25 -0.67 36.01
C ASP A 95 -13.70 0.61 35.39
N LEU A 96 -13.19 0.50 34.16
CA LEU A 96 -12.71 1.60 33.36
C LEU A 96 -13.74 1.88 32.27
N LEU A 97 -13.85 3.14 31.88
CA LEU A 97 -14.77 3.62 30.86
C LEU A 97 -14.06 3.86 29.55
N PHE A 98 -14.78 3.70 28.46
CA PHE A 98 -14.31 3.96 27.12
C PHE A 98 -15.34 4.80 26.42
N ILE A 99 -14.90 5.92 25.85
CA ILE A 99 -15.76 6.86 25.11
C ILE A 99 -15.16 7.13 23.74
N LEU A 100 -16.00 7.15 22.73
CA LEU A 100 -15.62 7.48 21.37
C LEU A 100 -16.52 8.60 20.92
N THR A 101 -15.93 9.69 20.43
CA THR A 101 -16.64 10.89 19.99
C THR A 101 -17.08 10.78 18.55
N ALA A 102 -17.78 11.79 18.05
CA ALA A 102 -18.24 11.83 16.66
C ALA A 102 -17.10 12.07 15.72
N LYS A 103 -16.10 12.86 16.14
CA LYS A 103 -14.91 13.13 15.36
C LYS A 103 -13.88 12.02 15.50
N TYR A 104 -14.28 10.84 15.96
CA TYR A 104 -13.45 9.66 16.03
C TYR A 104 -12.31 9.77 17.06
N ASN A 105 -12.53 10.54 18.13
CA ASN A 105 -11.57 10.67 19.20
C ASN A 105 -11.92 9.66 20.27
N ALA A 106 -11.03 8.68 20.50
CA ALA A 106 -11.24 7.64 21.48
C ALA A 106 -10.39 7.84 22.72
N CYS A 107 -10.95 7.52 23.88
CA CYS A 107 -10.24 7.65 25.15
C CYS A 107 -10.79 6.71 26.20
N ILE A 108 -9.90 6.13 27.00
CA ILE A 108 -10.21 5.29 28.14
C ILE A 108 -9.99 6.15 29.37
N LEU A 109 -10.91 6.07 30.32
CA LEU A 109 -10.91 6.89 31.52
C LEU A 109 -11.05 6.06 32.81
N GLU A 110 -10.46 6.57 33.91
CA GLU A 110 -10.54 5.99 35.23
C GLU A 110 -10.95 7.08 36.20
N TYR A 111 -11.54 6.68 37.31
CA TYR A 111 -12.01 7.59 38.34
C TYR A 111 -11.01 7.69 39.48
N LYS A 112 -10.82 8.91 40.01
CA LYS A 112 -9.96 9.16 41.17
C LYS A 112 -10.56 10.26 42.04
N GLN A 113 -10.54 10.05 43.34
CA GLN A 113 -11.06 10.99 44.32
C GLN A 113 -10.02 11.21 45.40
N SER A 114 -9.62 12.46 45.61
CA SER A 114 -8.65 12.87 46.61
C SER A 114 -9.28 13.91 47.54
N GLY A 115 -10.19 13.44 48.38
CA GLY A 115 -10.90 14.30 49.30
C GLY A 115 -12.10 14.92 48.63
N GLU A 116 -12.23 16.25 48.73
CA GLU A 116 -13.35 16.97 48.14
C GLU A 116 -13.21 17.21 46.64
N SER A 117 -11.99 17.02 46.10
CA SER A 117 -11.71 17.21 44.68
C SER A 117 -11.83 15.89 43.96
N ILE A 118 -12.75 15.85 43.02
CA ILE A 118 -13.02 14.68 42.21
C ILE A 118 -12.64 15.03 40.78
N ASP A 119 -11.64 14.32 40.22
CA ASP A 119 -11.15 14.50 38.85
C ASP A 119 -11.17 13.17 38.08
N ILE A 120 -11.42 13.28 36.77
CA ILE A 120 -11.48 12.15 35.86
C ILE A 120 -10.18 12.10 35.09
N ILE A 121 -9.51 10.95 35.18
CA ILE A 121 -8.20 10.73 34.60
C ILE A 121 -8.33 10.05 33.25
N THR A 122 -7.40 10.36 32.36
CA THR A 122 -7.30 9.77 31.03
C THR A 122 -6.12 8.79 30.98
N ARG A 123 -6.41 7.50 30.83
CA ARG A 123 -5.39 6.47 30.77
C ARG A 123 -4.72 6.41 29.40
N ALA A 124 -5.53 6.42 28.35
CA ALA A 124 -5.07 6.39 26.97
C ALA A 124 -6.01 7.16 26.07
N HIS A 125 -5.46 7.81 25.04
CA HIS A 125 -6.21 8.63 24.11
C HIS A 125 -5.61 8.63 22.72
N GLY A 126 -6.45 8.93 21.73
CA GLY A 126 -6.03 9.03 20.35
C GLY A 126 -7.19 9.08 19.37
N ASN A 127 -6.87 9.45 18.12
CA ASN A 127 -7.82 9.54 17.02
C ASN A 127 -7.67 8.34 16.09
N VAL A 128 -8.79 7.80 15.65
CA VAL A 128 -8.83 6.62 14.79
C VAL A 128 -9.30 6.91 13.39
N GLN A 129 -9.60 8.15 13.07
CA GLN A 129 -10.10 8.53 11.77
C GLN A 129 -9.12 8.16 10.68
N ASP A 130 -9.58 7.40 9.70
CA ASP A 130 -8.79 6.95 8.58
C ASP A 130 -8.69 8.01 7.53
N ARG A 131 -7.68 7.88 6.65
CA ARG A 131 -7.45 8.84 5.60
C ARG A 131 -8.59 8.78 4.60
N ILE A 132 -9.04 7.57 4.24
CA ILE A 132 -10.16 7.36 3.34
C ILE A 132 -11.07 6.25 3.88
N GLY A 133 -12.27 6.20 3.31
CA GLY A 133 -13.28 5.23 3.67
C GLY A 133 -14.68 5.81 3.57
N ARG A 134 -15.67 4.95 3.42
CA ARG A 134 -17.07 5.34 3.33
C ARG A 134 -17.71 5.26 4.68
N PRO A 135 -18.02 6.38 5.30
CA PRO A 135 -18.73 6.33 6.57
C PRO A 135 -19.92 5.39 6.48
N SER A 136 -20.06 4.51 7.47
CA SER A 136 -21.05 3.46 7.45
C SER A 136 -22.49 3.95 7.40
N GLU A 137 -23.36 3.07 6.91
CA GLU A 137 -24.77 3.36 6.76
C GLU A 137 -25.46 3.36 8.10
N THR A 138 -25.20 2.32 8.89
CA THR A 138 -25.77 2.18 10.23
C THR A 138 -24.93 2.84 11.32
N GLY A 139 -24.18 3.87 10.97
CA GLY A 139 -23.42 4.63 11.94
C GLY A 139 -22.26 3.89 12.55
N ILE A 140 -21.57 4.58 13.46
CA ILE A 140 -20.43 4.03 14.16
C ILE A 140 -20.89 2.95 15.11
N ILE A 141 -20.16 1.85 15.15
CA ILE A 141 -20.45 0.73 16.02
C ILE A 141 -19.21 0.45 16.85
N GLY A 142 -19.43 0.11 18.11
CA GLY A 142 -18.36 -0.22 19.03
C GLY A 142 -18.72 -1.31 20.02
N ILE A 143 -17.85 -2.32 20.14
CA ILE A 143 -18.03 -3.46 21.05
C ILE A 143 -16.75 -3.82 21.76
N ILE A 144 -16.90 -4.49 22.91
CA ILE A 144 -15.79 -4.93 23.75
C ILE A 144 -15.96 -6.41 24.01
N ASP A 145 -14.85 -7.15 24.00
CA ASP A 145 -14.88 -8.57 24.28
C ASP A 145 -15.21 -8.80 25.73
N PRO A 146 -16.04 -9.82 26.05
CA PRO A 146 -16.42 -10.03 27.46
C PRO A 146 -15.24 -10.18 28.43
N GLU A 147 -14.17 -10.84 28.00
CA GLU A 147 -12.97 -11.02 28.80
C GLU A 147 -12.00 -9.84 28.71
N CYS A 148 -12.35 -8.79 27.97
CA CYS A 148 -11.55 -7.60 27.79
C CYS A 148 -10.22 -7.92 27.14
N ARG A 149 -10.29 -8.48 25.94
CA ARG A 149 -9.14 -8.86 25.13
C ARG A 149 -8.82 -7.87 23.99
N MET A 150 -9.81 -7.10 23.53
CA MET A 150 -9.67 -6.12 22.47
C MET A 150 -10.95 -5.29 22.35
N ILE A 151 -10.86 -4.18 21.61
CA ILE A 151 -11.99 -3.33 21.31
C ILE A 151 -12.18 -3.34 19.81
N GLY A 152 -13.40 -3.59 19.39
CA GLY A 152 -13.77 -3.63 17.98
C GLY A 152 -14.64 -2.47 17.59
N LEU A 153 -14.29 -1.82 16.48
CA LEU A 153 -15.01 -0.68 15.95
C LEU A 153 -15.34 -0.88 14.48
N ARG A 154 -16.50 -0.38 14.08
CA ARG A 154 -16.95 -0.36 12.69
C ARG A 154 -17.24 1.10 12.35
N LEU A 155 -16.38 1.68 11.52
CA LEU A 155 -16.46 3.07 11.09
C LEU A 155 -16.68 3.22 9.59
N TYR A 156 -16.12 2.31 8.79
CA TYR A 156 -16.23 2.34 7.35
C TYR A 156 -16.66 0.96 6.87
N ASP A 157 -17.67 0.91 5.99
CA ASP A 157 -18.19 -0.34 5.45
C ASP A 157 -17.08 -1.20 4.85
N GLY A 158 -16.98 -2.42 5.33
CA GLY A 158 -15.96 -3.36 4.89
C GLY A 158 -14.68 -3.38 5.72
N LEU A 159 -14.51 -2.43 6.64
CA LEU A 159 -13.33 -2.33 7.47
C LEU A 159 -13.70 -2.47 8.93
N PHE A 160 -13.01 -3.37 9.62
CA PHE A 160 -13.18 -3.62 11.04
C PHE A 160 -11.89 -3.22 11.74
N LYS A 161 -11.94 -2.15 12.51
CA LYS A 161 -10.79 -1.63 13.23
C LYS A 161 -10.69 -2.34 14.57
N VAL A 162 -9.49 -2.82 14.90
CA VAL A 162 -9.20 -3.54 16.12
C VAL A 162 -8.19 -2.77 16.93
N ILE A 163 -8.46 -2.64 18.22
CA ILE A 163 -7.60 -1.97 19.17
C ILE A 163 -7.24 -2.98 20.25
N PRO A 164 -5.99 -3.45 20.29
CA PRO A 164 -5.61 -4.40 21.34
C PRO A 164 -5.68 -3.77 22.73
N LEU A 165 -6.22 -4.52 23.69
CA LEU A 165 -6.35 -4.07 25.07
C LEU A 165 -5.15 -4.50 25.90
N ASP A 166 -3.97 -4.04 25.48
CA ASP A 166 -2.71 -4.26 26.18
C ASP A 166 -2.36 -2.97 26.88
N ARG A 167 -1.75 -3.08 28.06
CA ARG A 167 -1.36 -1.92 28.84
C ARG A 167 -0.40 -1.02 28.07
N ASP A 168 0.40 -1.62 27.15
CA ASP A 168 1.37 -0.90 26.35
C ASP A 168 0.74 0.09 25.40
N ASN A 169 -0.49 -0.17 24.95
CA ASN A 169 -1.14 0.67 23.97
C ASN A 169 -1.73 1.95 24.56
N LYS A 170 -0.87 2.78 25.12
CA LYS A 170 -1.26 4.08 25.63
C LYS A 170 -1.66 4.98 24.47
N GLU A 171 -1.05 4.81 23.30
CA GLU A 171 -1.32 5.60 22.10
C GLU A 171 -2.59 5.17 21.39
N LEU A 172 -3.18 4.02 21.78
CA LEU A 172 -4.37 3.47 21.17
C LEU A 172 -4.19 3.15 19.69
N LYS A 173 -3.07 2.53 19.36
CA LYS A 173 -2.79 2.08 18.01
C LYS A 173 -3.80 0.98 17.66
N ALA A 174 -4.28 1.02 16.43
CA ALA A 174 -5.24 0.05 15.94
C ALA A 174 -4.80 -0.47 14.60
N PHE A 175 -5.55 -1.43 14.06
CA PHE A 175 -5.31 -1.99 12.75
C PHE A 175 -6.60 -2.47 12.12
N ASN A 176 -6.70 -2.34 10.80
CA ASN A 176 -7.89 -2.70 10.07
C ASN A 176 -7.83 -4.10 9.49
N ILE A 177 -8.97 -4.78 9.46
CA ILE A 177 -9.17 -6.06 8.82
C ILE A 177 -10.30 -5.88 7.82
N ARG A 178 -10.10 -6.30 6.59
CA ARG A 178 -11.08 -6.08 5.53
C ARG A 178 -12.11 -7.22 5.48
N LEU A 179 -13.37 -6.85 5.36
CA LEU A 179 -14.55 -7.68 5.39
C LEU A 179 -15.18 -7.75 4.01
N GLU A 180 -15.69 -8.91 3.67
CA GLU A 180 -16.36 -9.16 2.40
C GLU A 180 -17.83 -8.75 2.51
N GLU A 181 -18.39 -8.77 3.72
CA GLU A 181 -19.77 -8.39 3.99
C GLU A 181 -19.81 -6.88 4.10
N LEU A 182 -20.53 -6.28 3.17
CA LEU A 182 -20.54 -4.85 2.97
C LEU A 182 -21.51 -4.10 3.85
N HIS A 183 -22.79 -4.43 3.72
CA HIS A 183 -23.84 -3.76 4.45
C HIS A 183 -24.17 -4.58 5.69
N VAL A 184 -23.36 -4.38 6.72
CA VAL A 184 -23.53 -5.05 7.99
C VAL A 184 -24.51 -4.28 8.83
N ILE A 185 -25.55 -4.95 9.30
CA ILE A 185 -26.58 -4.32 10.11
C ILE A 185 -26.14 -4.17 11.55
N ASP A 186 -25.62 -5.27 12.13
CA ASP A 186 -25.19 -5.31 13.53
C ASP A 186 -24.06 -6.35 13.75
N VAL A 187 -23.39 -6.24 14.88
CA VAL A 187 -22.32 -7.12 15.27
C VAL A 187 -22.13 -7.09 16.77
N LYS A 188 -21.73 -8.21 17.34
CA LYS A 188 -21.47 -8.36 18.76
C LYS A 188 -20.39 -9.42 19.02
N PHE A 189 -19.88 -9.44 20.24
CA PHE A 189 -18.95 -10.45 20.71
C PHE A 189 -19.72 -11.57 21.35
N LEU A 190 -19.14 -12.76 21.38
CA LEU A 190 -19.77 -13.92 21.98
C LEU A 190 -19.13 -14.23 23.33
N TYR A 191 -19.94 -14.80 24.21
CA TYR A 191 -19.52 -15.19 25.55
C TYR A 191 -19.20 -16.65 25.55
N GLY A 192 -18.35 -17.05 26.48
CA GLY A 192 -17.95 -18.43 26.66
C GLY A 192 -17.28 -19.05 25.46
N CYS A 193 -16.64 -18.22 24.63
CA CYS A 193 -15.94 -18.65 23.44
C CYS A 193 -14.47 -18.49 23.66
N GLN A 194 -13.71 -19.59 23.49
CA GLN A 194 -12.27 -19.59 23.71
C GLN A 194 -11.51 -18.70 22.75
N ALA A 195 -12.11 -18.37 21.60
CA ALA A 195 -11.55 -17.44 20.65
C ALA A 195 -12.41 -16.18 20.63
N PRO A 196 -11.80 -14.98 20.49
CA PRO A 196 -12.60 -13.75 20.41
C PRO A 196 -13.46 -13.75 19.18
N THR A 197 -14.60 -14.41 19.28
CA THR A 197 -15.51 -14.61 18.16
C THR A 197 -16.51 -13.48 18.07
N ILE A 198 -16.71 -13.01 16.85
CA ILE A 198 -17.69 -11.98 16.51
C ILE A 198 -18.81 -12.60 15.71
N CYS A 199 -20.05 -12.32 16.09
CA CYS A 199 -21.24 -12.75 15.38
C CYS A 199 -21.96 -11.52 14.90
N PHE A 200 -22.25 -11.45 13.61
CA PHE A 200 -22.84 -10.28 12.97
C PHE A 200 -23.92 -10.63 11.96
N VAL A 201 -24.89 -9.72 11.84
CA VAL A 201 -25.99 -9.81 10.89
C VAL A 201 -25.77 -8.76 9.78
N TYR A 202 -25.78 -9.21 8.53
CA TYR A 202 -25.57 -8.37 7.36
C TYR A 202 -26.60 -8.69 6.30
N GLN A 203 -26.50 -7.99 5.17
CA GLN A 203 -27.37 -8.18 4.02
C GLN A 203 -26.57 -8.32 2.74
N ASP A 204 -27.10 -9.15 1.83
CA ASP A 204 -26.58 -9.40 0.49
C ASP A 204 -27.75 -9.57 -0.48
N PRO A 205 -27.52 -9.71 -1.78
CA PRO A 205 -28.63 -9.86 -2.69
C PRO A 205 -29.61 -10.98 -2.36
N GLN A 206 -29.14 -12.06 -1.73
CA GLN A 206 -29.97 -13.21 -1.41
C GLN A 206 -30.80 -13.06 -0.15
N GLY A 207 -30.55 -12.02 0.63
CA GLY A 207 -31.27 -11.76 1.86
C GLY A 207 -30.35 -11.36 3.00
N ARG A 208 -30.88 -11.34 4.22
CA ARG A 208 -30.12 -11.02 5.41
C ARG A 208 -29.66 -12.30 6.04
N HIS A 209 -28.41 -12.33 6.49
CA HIS A 209 -27.79 -13.52 7.06
C HIS A 209 -26.97 -13.21 8.28
N VAL A 210 -26.79 -14.23 9.11
CA VAL A 210 -25.98 -14.20 10.31
C VAL A 210 -24.73 -15.01 10.01
N LYS A 211 -23.56 -14.49 10.43
CA LYS A 211 -22.27 -15.10 10.15
C LYS A 211 -21.27 -14.82 11.28
N THR A 212 -20.30 -15.72 11.44
CA THR A 212 -19.33 -15.64 12.51
C THR A 212 -17.91 -15.66 12.00
N TYR A 213 -17.03 -14.98 12.74
CA TYR A 213 -15.61 -14.94 12.48
C TYR A 213 -14.84 -15.02 13.80
N GLU A 214 -13.58 -15.41 13.73
CA GLU A 214 -12.68 -15.46 14.87
C GLU A 214 -11.56 -14.46 14.64
N VAL A 215 -11.42 -13.48 15.52
CA VAL A 215 -10.41 -12.45 15.41
C VAL A 215 -9.12 -12.95 16.04
N SER A 216 -8.04 -13.02 15.26
CA SER A 216 -6.73 -13.48 15.73
C SER A 216 -5.77 -12.32 15.75
N LEU A 217 -5.11 -12.09 16.89
CA LEU A 217 -4.20 -10.99 17.09
C LEU A 217 -2.82 -11.20 16.52
N ARG A 218 -2.24 -12.39 16.67
CA ARG A 218 -0.93 -12.64 16.10
C ARG A 218 -1.00 -12.86 14.60
N GLU A 219 -2.12 -13.40 14.11
CA GLU A 219 -2.40 -13.44 12.68
C GLU A 219 -2.87 -12.07 12.21
N LYS A 220 -3.39 -11.23 13.12
CA LYS A 220 -3.90 -9.91 12.83
C LYS A 220 -4.93 -9.99 11.72
N GLU A 221 -5.83 -10.97 11.79
CA GLU A 221 -6.81 -11.20 10.74
C GLU A 221 -7.96 -12.06 11.25
N PHE A 222 -8.71 -12.70 10.34
CA PHE A 222 -9.84 -13.53 10.67
C PHE A 222 -9.57 -15.00 10.42
N ASN A 223 -10.31 -15.85 11.11
CA ASN A 223 -10.28 -17.30 10.96
C ASN A 223 -11.71 -17.79 10.93
N LYS A 224 -11.92 -18.93 10.26
CA LYS A 224 -13.25 -19.51 10.07
C LYS A 224 -14.06 -19.47 11.35
N GLY A 225 -15.30 -19.04 11.24
CA GLY A 225 -16.20 -18.96 12.38
C GLY A 225 -16.58 -20.32 12.89
N PRO A 226 -16.99 -20.42 14.17
CA PRO A 226 -17.35 -21.72 14.72
C PRO A 226 -18.60 -22.33 14.12
N TRP A 227 -19.61 -21.50 13.82
CA TRP A 227 -20.88 -21.98 13.30
C TRP A 227 -20.95 -21.88 11.78
N LYS A 228 -22.14 -22.18 11.24
CA LYS A 228 -22.45 -22.10 9.83
C LYS A 228 -23.13 -20.76 9.57
N GLN A 229 -23.28 -20.40 8.29
CA GLN A 229 -23.99 -19.19 7.89
C GLN A 229 -25.44 -19.57 7.64
N GLU A 230 -26.33 -19.07 8.49
CA GLU A 230 -27.75 -19.33 8.40
C GLU A 230 -28.50 -18.08 7.97
N ASN A 231 -29.57 -18.28 7.21
CA ASN A 231 -30.42 -17.20 6.76
C ASN A 231 -31.35 -16.84 7.89
N VAL A 232 -31.74 -15.56 7.94
CA VAL A 232 -32.61 -15.03 8.97
C VAL A 232 -33.71 -14.15 8.36
N GLU A 233 -34.51 -13.52 9.22
CA GLU A 233 -35.59 -12.64 8.80
C GLU A 233 -35.02 -11.51 7.97
N ALA A 234 -35.75 -11.13 6.93
CA ALA A 234 -35.34 -10.03 6.08
C ALA A 234 -35.34 -8.70 6.84
N GLU A 235 -36.05 -8.63 7.97
CA GLU A 235 -36.16 -7.44 8.81
C GLU A 235 -35.41 -7.55 10.13
N ALA A 236 -34.39 -8.41 10.18
CA ALA A 236 -33.53 -8.57 11.37
C ALA A 236 -32.80 -7.25 11.66
N SER A 237 -33.17 -6.60 12.75
CA SER A 237 -32.72 -5.27 13.12
C SER A 237 -31.82 -5.16 14.34
N MET A 238 -31.64 -6.23 15.10
CA MET A 238 -30.85 -6.17 16.32
C MET A 238 -30.29 -7.54 16.68
N VAL A 239 -29.08 -7.52 17.28
CA VAL A 239 -28.38 -8.69 17.78
C VAL A 239 -28.10 -8.48 19.28
N ILE A 240 -28.25 -9.55 20.06
CA ILE A 240 -28.06 -9.54 21.51
C ILE A 240 -27.14 -10.69 21.91
N ALA A 241 -26.02 -10.36 22.57
CA ALA A 241 -25.04 -11.33 23.02
C ALA A 241 -25.48 -11.98 24.30
N VAL A 242 -25.67 -13.29 24.26
CA VAL A 242 -26.15 -14.04 25.38
C VAL A 242 -25.00 -14.41 26.26
N PRO A 243 -25.11 -14.14 27.57
CA PRO A 243 -24.05 -14.54 28.49
C PRO A 243 -24.18 -16.00 28.93
N GLU A 244 -23.17 -16.46 29.67
CA GLU A 244 -23.15 -17.79 30.22
C GLU A 244 -24.31 -17.98 31.19
N PRO A 245 -24.75 -19.23 31.39
CA PRO A 245 -24.23 -20.48 30.82
C PRO A 245 -24.71 -20.78 29.40
N PHE A 246 -25.67 -20.01 28.89
CA PHE A 246 -26.26 -20.26 27.59
C PHE A 246 -25.32 -20.05 26.46
N GLY A 247 -24.81 -18.83 26.35
CA GLY A 247 -23.96 -18.46 25.24
C GLY A 247 -24.78 -18.25 24.00
N GLY A 248 -24.12 -18.12 22.88
CA GLY A 248 -24.79 -17.91 21.62
C GLY A 248 -25.25 -16.47 21.46
N ALA A 249 -26.28 -16.30 20.64
CA ALA A 249 -26.84 -15.00 20.32
C ALA A 249 -28.33 -15.04 20.04
N ILE A 250 -28.97 -13.87 20.18
CA ILE A 250 -30.39 -13.67 19.93
C ILE A 250 -30.53 -12.66 18.82
N ILE A 251 -31.51 -12.87 17.95
CA ILE A 251 -31.82 -12.00 16.81
C ILE A 251 -33.24 -11.46 16.95
N ILE A 252 -33.38 -10.13 16.94
CA ILE A 252 -34.66 -9.43 17.05
C ILE A 252 -34.96 -8.74 15.74
N GLY A 253 -36.18 -8.82 15.29
CA GLY A 253 -36.61 -8.16 14.07
C GLY A 253 -37.95 -7.51 14.23
N GLN A 254 -38.73 -7.44 13.15
CA GLN A 254 -40.08 -6.87 13.20
C GLN A 254 -41.10 -7.88 13.69
N GLU A 255 -40.96 -9.16 13.27
CA GLU A 255 -41.94 -10.21 13.56
C GLU A 255 -41.41 -11.49 14.19
N SER A 256 -40.10 -11.63 14.32
CA SER A 256 -39.51 -12.85 14.83
C SER A 256 -38.42 -12.57 15.84
N ILE A 257 -38.29 -13.50 16.80
CA ILE A 257 -37.24 -13.51 17.80
C ILE A 257 -36.65 -14.91 17.82
N THR A 258 -35.39 -15.04 17.42
CA THR A 258 -34.69 -16.32 17.33
C THR A 258 -33.44 -16.37 18.19
N TYR A 259 -32.97 -17.57 18.46
CA TYR A 259 -31.76 -17.84 19.21
C TYR A 259 -30.93 -18.87 18.50
N HIS A 260 -29.68 -18.54 18.23
CA HIS A 260 -28.74 -19.44 17.59
C HIS A 260 -27.54 -19.69 18.48
N ASN A 261 -27.01 -20.91 18.41
CA ASN A 261 -25.78 -21.29 19.10
C ASN A 261 -25.25 -22.63 18.58
N GLY A 262 -24.68 -22.59 17.38
CA GLY A 262 -24.12 -23.76 16.73
C GLY A 262 -25.11 -24.88 16.55
N ASP A 263 -25.14 -25.78 17.52
CA ASP A 263 -26.03 -26.93 17.50
C ASP A 263 -27.41 -26.65 18.09
N LYS A 264 -27.63 -25.44 18.62
CA LYS A 264 -28.89 -25.06 19.24
C LYS A 264 -29.63 -24.00 18.44
N TYR A 265 -30.93 -24.23 18.21
CA TYR A 265 -31.82 -23.32 17.53
C TYR A 265 -33.20 -23.25 18.19
N LEU A 266 -33.67 -22.03 18.46
CA LEU A 266 -35.00 -21.77 18.97
C LEU A 266 -35.60 -20.59 18.23
N ALA A 267 -36.93 -20.56 18.13
CA ALA A 267 -37.63 -19.51 17.43
C ALA A 267 -39.03 -19.29 17.97
N ILE A 268 -39.44 -18.02 18.06
CA ILE A 268 -40.77 -17.61 18.49
C ILE A 268 -41.22 -16.42 17.65
N ALA A 269 -42.52 -16.38 17.35
CA ALA A 269 -43.14 -15.32 16.56
C ALA A 269 -44.28 -14.70 17.36
N PRO A 270 -43.93 -13.96 18.41
CA PRO A 270 -44.96 -13.35 19.25
C PRO A 270 -45.74 -12.26 18.53
N PRO A 271 -47.07 -12.39 18.39
CA PRO A 271 -47.83 -11.35 17.71
C PRO A 271 -47.89 -10.03 18.46
N ILE A 272 -47.56 -10.03 19.75
CA ILE A 272 -47.63 -8.85 20.59
C ILE A 272 -46.71 -7.71 20.17
N ILE A 273 -45.64 -8.03 19.46
CA ILE A 273 -44.65 -7.04 19.04
C ILE A 273 -44.81 -6.54 17.62
N LYS A 274 -45.61 -7.20 16.79
CA LYS A 274 -45.74 -6.84 15.38
C LYS A 274 -46.19 -5.40 15.13
N GLN A 275 -46.81 -4.74 16.12
CA GLN A 275 -47.29 -3.38 15.96
C GLN A 275 -46.15 -2.39 15.67
N SER A 276 -45.04 -2.52 16.36
CA SER A 276 -43.89 -1.65 16.14
C SER A 276 -42.62 -2.42 16.36
N THR A 277 -41.57 -2.00 15.71
CA THR A 277 -40.29 -2.67 15.79
C THR A 277 -39.56 -2.31 17.07
N ILE A 278 -38.78 -3.25 17.57
CA ILE A 278 -37.95 -3.09 18.76
C ILE A 278 -36.67 -2.47 18.31
N VAL A 279 -36.16 -1.55 19.10
CA VAL A 279 -34.99 -0.76 18.75
C VAL A 279 -33.87 -0.77 19.76
N CYS A 280 -34.19 -0.75 21.06
CA CYS A 280 -33.23 -0.71 22.15
C CYS A 280 -33.49 -1.83 23.14
N HIS A 281 -32.50 -2.06 24.00
CA HIS A 281 -32.55 -3.11 25.01
C HIS A 281 -31.48 -2.91 26.06
N ASN A 282 -31.47 -3.83 27.03
CA ASN A 282 -30.47 -3.97 28.07
C ASN A 282 -30.76 -5.24 28.89
N ARG A 283 -29.73 -5.71 29.60
CA ARG A 283 -29.81 -6.93 30.39
C ARG A 283 -30.29 -6.66 31.80
N VAL A 284 -31.20 -7.50 32.27
CA VAL A 284 -31.76 -7.41 33.62
C VAL A 284 -30.98 -8.35 34.51
N ASP A 285 -31.03 -9.64 34.20
CA ASP A 285 -30.33 -10.67 34.98
C ASP A 285 -29.02 -11.02 34.31
N PRO A 286 -27.90 -10.95 35.03
CA PRO A 286 -26.62 -11.28 34.40
C PRO A 286 -26.53 -12.67 33.78
N ASN A 287 -27.22 -13.65 34.38
CA ASN A 287 -27.23 -15.02 33.90
C ASN A 287 -27.88 -15.20 32.53
N GLY A 288 -28.71 -14.25 32.14
CA GLY A 288 -29.40 -14.27 30.88
C GLY A 288 -30.82 -14.80 30.92
N SER A 289 -31.51 -14.66 32.06
CA SER A 289 -32.87 -15.15 32.21
C SER A 289 -33.93 -14.11 31.87
N ARG A 290 -33.60 -12.82 32.00
CA ARG A 290 -34.51 -11.74 31.72
C ARG A 290 -33.81 -10.57 31.02
N TYR A 291 -34.44 -10.04 29.96
CA TYR A 291 -34.00 -8.88 29.20
C TYR A 291 -35.16 -7.92 29.00
N LEU A 292 -34.85 -6.63 28.86
CA LEU A 292 -35.84 -5.60 28.60
C LEU A 292 -35.73 -5.15 27.17
N LEU A 293 -36.88 -4.91 26.52
CA LEU A 293 -36.98 -4.48 25.13
C LEU A 293 -37.87 -3.26 25.03
N GLY A 294 -37.43 -2.28 24.24
CA GLY A 294 -38.15 -1.04 24.00
C GLY A 294 -38.43 -0.81 22.54
N ASP A 295 -39.66 -0.40 22.22
CA ASP A 295 -40.08 -0.18 20.85
C ASP A 295 -40.08 1.31 20.52
N MET A 296 -40.49 1.61 19.30
CA MET A 296 -40.52 2.96 18.80
C MET A 296 -41.66 3.75 19.36
N GLU A 297 -42.74 3.09 19.77
CA GLU A 297 -43.93 3.75 20.32
C GLU A 297 -43.92 3.97 21.85
N GLY A 298 -42.80 3.66 22.50
CA GLY A 298 -42.67 3.80 23.95
C GLY A 298 -43.17 2.65 24.79
N ARG A 299 -43.45 1.51 24.17
CA ARG A 299 -43.87 0.30 24.86
C ARG A 299 -42.66 -0.48 25.34
N LEU A 300 -42.73 -0.99 26.57
CA LEU A 300 -41.67 -1.74 27.20
C LEU A 300 -42.11 -3.16 27.41
N PHE A 301 -41.39 -4.11 26.81
CA PHE A 301 -41.63 -5.54 26.92
C PHE A 301 -40.52 -6.20 27.72
N MET A 302 -40.79 -7.42 28.18
CA MET A 302 -39.86 -8.26 28.92
C MET A 302 -39.69 -9.61 28.23
N LEU A 303 -38.44 -9.94 27.87
CA LEU A 303 -38.08 -11.22 27.31
C LEU A 303 -37.62 -12.10 28.46
N LEU A 304 -38.13 -13.33 28.52
CA LEU A 304 -37.80 -14.32 29.54
C LEU A 304 -37.34 -15.62 28.86
N LEU A 305 -36.20 -16.15 29.33
CA LEU A 305 -35.60 -17.37 28.81
C LEU A 305 -35.73 -18.49 29.84
N GLU A 306 -36.10 -19.69 29.40
CA GLU A 306 -36.18 -20.85 30.27
C GLU A 306 -34.90 -21.69 30.19
N LYS A 307 -34.72 -22.53 31.21
CA LYS A 307 -33.62 -23.46 31.33
C LYS A 307 -34.15 -24.81 31.77
N GLU A 308 -33.31 -25.84 31.70
CA GLU A 308 -33.65 -27.17 32.14
C GLU A 308 -32.39 -27.95 32.40
N GLU A 309 -32.13 -28.28 33.66
CA GLU A 309 -30.92 -28.98 34.05
C GLU A 309 -30.84 -30.38 33.47
N GLN A 310 -29.76 -30.66 32.74
CA GLN A 310 -29.52 -31.97 32.15
C GLN A 310 -28.77 -32.82 33.18
N MET A 311 -28.60 -34.12 32.89
CA MET A 311 -27.89 -35.00 33.82
C MET A 311 -26.44 -34.57 33.92
N ASP A 312 -25.83 -34.15 32.79
CA ASP A 312 -24.45 -33.68 32.77
C ASP A 312 -24.27 -32.41 33.61
N GLY A 313 -25.33 -31.64 33.79
CA GLY A 313 -25.31 -30.41 34.54
C GLY A 313 -25.34 -29.17 33.68
N THR A 314 -25.50 -29.33 32.35
CA THR A 314 -25.55 -28.23 31.41
C THR A 314 -27.01 -27.92 31.06
N VAL A 315 -27.47 -26.75 31.50
CA VAL A 315 -28.83 -26.31 31.27
C VAL A 315 -29.05 -25.91 29.81
N THR A 316 -30.02 -26.53 29.16
CA THR A 316 -30.37 -26.22 27.79
C THR A 316 -31.53 -25.24 27.78
N LEU A 317 -31.68 -24.50 26.68
CA LEU A 317 -32.77 -23.55 26.52
C LEU A 317 -34.05 -24.33 26.24
N LYS A 318 -34.96 -24.38 27.23
CA LYS A 318 -36.24 -25.04 27.05
C LYS A 318 -37.05 -24.25 26.02
N ASP A 319 -37.27 -22.97 26.26
CA ASP A 319 -38.09 -22.11 25.41
C ASP A 319 -37.84 -20.63 25.75
N LEU A 320 -38.46 -19.73 24.98
CA LEU A 320 -38.42 -18.29 25.16
C LEU A 320 -39.81 -17.79 25.47
N ARG A 321 -39.92 -16.51 25.81
CA ARG A 321 -41.20 -15.90 26.17
C ARG A 321 -41.09 -14.40 26.25
N VAL A 322 -42.08 -13.70 25.72
CA VAL A 322 -42.14 -12.24 25.73
C VAL A 322 -43.47 -11.80 26.25
N GLU A 323 -43.48 -10.76 27.07
CA GLU A 323 -44.70 -10.22 27.67
C GLU A 323 -44.58 -8.72 27.83
N LEU A 324 -45.60 -7.97 27.39
CA LEU A 324 -45.60 -6.52 27.48
C LEU A 324 -45.72 -6.11 28.93
N LEU A 325 -44.84 -5.23 29.37
CA LEU A 325 -44.86 -4.71 30.72
C LEU A 325 -45.69 -3.44 30.84
N GLY A 326 -45.51 -2.51 29.91
CA GLY A 326 -46.31 -1.28 29.92
C GLY A 326 -45.90 -0.22 28.91
N GLU A 327 -46.27 1.03 29.20
CA GLU A 327 -45.94 2.19 28.38
C GLU A 327 -45.19 3.19 29.20
N THR A 328 -44.12 3.74 28.62
CA THR A 328 -43.28 4.76 29.23
C THR A 328 -43.00 5.84 28.20
N SER A 329 -41.89 6.57 28.37
CA SER A 329 -41.46 7.56 27.41
C SER A 329 -40.76 6.88 26.28
N ILE A 330 -40.91 7.43 25.08
CA ILE A 330 -40.30 6.89 23.88
C ILE A 330 -38.80 6.83 24.12
N ALA A 331 -38.27 5.63 24.34
CA ALA A 331 -36.91 5.44 24.77
C ALA A 331 -35.85 5.37 23.67
N GLU A 332 -34.66 5.89 23.97
CA GLU A 332 -33.49 5.77 23.15
C GLU A 332 -32.58 4.68 23.70
N CYS A 333 -32.66 4.37 24.99
CA CYS A 333 -31.83 3.37 25.63
C CYS A 333 -32.48 2.95 26.90
N LEU A 334 -32.00 1.88 27.52
CA LEU A 334 -32.54 1.31 28.75
C LEU A 334 -31.44 0.73 29.61
N THR A 335 -31.75 0.46 30.88
CA THR A 335 -30.86 -0.17 31.85
C THR A 335 -31.60 -0.53 33.16
N TYR A 336 -31.14 -1.59 33.83
CA TYR A 336 -31.70 -2.07 35.09
C TYR A 336 -30.82 -1.61 36.21
N LEU A 337 -31.44 -1.19 37.32
CA LEU A 337 -30.75 -0.62 38.47
C LEU A 337 -31.06 -1.33 39.79
N ASP A 338 -31.31 -2.65 39.76
CA ASP A 338 -31.63 -3.45 40.94
C ASP A 338 -32.87 -2.94 41.66
N ASN A 339 -33.35 -3.69 42.65
CA ASN A 339 -34.51 -3.32 43.45
C ASN A 339 -35.75 -3.04 42.58
N GLY A 340 -35.84 -3.72 41.44
CA GLY A 340 -36.94 -3.51 40.51
C GLY A 340 -37.00 -2.13 39.87
N VAL A 341 -35.94 -1.33 40.03
CA VAL A 341 -35.86 0.01 39.49
C VAL A 341 -35.25 -0.03 38.08
N VAL A 342 -35.79 0.78 37.19
CA VAL A 342 -35.34 0.85 35.81
C VAL A 342 -35.27 2.29 35.39
N PHE A 343 -34.30 2.59 34.52
CA PHE A 343 -34.09 3.92 33.95
C PHE A 343 -34.40 3.93 32.47
N VAL A 344 -35.32 4.81 32.06
CA VAL A 344 -35.73 5.01 30.68
C VAL A 344 -35.10 6.29 30.19
N GLY A 345 -34.02 6.16 29.46
CA GLY A 345 -33.35 7.27 28.85
C GLY A 345 -34.02 7.62 27.55
N SER A 346 -34.79 8.71 27.56
CA SER A 346 -35.53 9.22 26.40
C SER A 346 -34.89 10.49 25.87
N ARG A 347 -34.92 10.67 24.55
CA ARG A 347 -34.46 11.87 23.89
C ARG A 347 -35.55 12.61 23.12
N LEU A 348 -36.77 12.07 23.08
CA LEU A 348 -37.96 12.72 22.54
C LEU A 348 -38.79 13.35 23.65
N GLY A 349 -38.91 12.67 24.77
CA GLY A 349 -39.63 13.18 25.92
C GLY A 349 -38.76 13.21 27.15
N ASP A 350 -39.36 13.51 28.26
CA ASP A 350 -38.69 13.54 29.54
C ASP A 350 -38.15 12.16 29.90
N SER A 351 -36.94 12.12 30.46
CA SER A 351 -36.37 10.86 30.92
C SER A 351 -37.16 10.40 32.13
N GLN A 352 -37.15 9.10 32.38
CA GLN A 352 -37.96 8.52 33.43
C GLN A 352 -37.24 7.50 34.30
N LEU A 353 -37.73 7.36 35.54
CA LEU A 353 -37.35 6.32 36.47
C LEU A 353 -38.64 5.62 36.86
N VAL A 354 -38.67 4.30 36.71
CA VAL A 354 -39.85 3.48 36.93
C VAL A 354 -39.55 2.30 37.84
N LYS A 355 -40.63 1.72 38.40
CA LYS A 355 -40.59 0.56 39.27
C LYS A 355 -41.34 -0.58 38.61
N LEU A 356 -40.85 -1.80 38.82
CA LEU A 356 -41.44 -3.00 38.29
C LEU A 356 -41.92 -3.90 39.41
N ASN A 357 -43.24 -4.03 39.53
CA ASN A 357 -43.87 -4.90 40.51
C ASN A 357 -44.43 -6.12 39.78
N VAL A 358 -44.38 -7.28 40.46
CA VAL A 358 -44.86 -8.54 39.92
C VAL A 358 -46.35 -8.55 39.68
N ASP A 359 -47.10 -7.68 40.37
CA ASP A 359 -48.54 -7.59 40.24
C ASP A 359 -48.93 -6.33 39.48
N SER A 360 -49.95 -6.45 38.63
CA SER A 360 -50.44 -5.34 37.83
C SER A 360 -51.17 -4.34 38.70
N ASN A 361 -51.26 -3.11 38.20
CA ASN A 361 -51.99 -2.05 38.88
C ASN A 361 -53.47 -2.19 38.56
N GLU A 362 -54.28 -1.25 39.03
CA GLU A 362 -55.71 -1.29 38.77
C GLU A 362 -56.00 -1.21 37.28
N GLN A 363 -55.15 -0.53 36.52
CA GLN A 363 -55.32 -0.38 35.08
C GLN A 363 -54.93 -1.64 34.31
N GLY A 364 -53.97 -2.39 34.82
CA GLY A 364 -53.46 -3.60 34.20
C GLY A 364 -52.00 -3.56 33.79
N SER A 365 -51.25 -2.50 34.14
CA SER A 365 -49.83 -2.36 33.81
C SER A 365 -48.95 -2.76 34.98
N TYR A 366 -47.81 -3.40 34.67
CA TYR A 366 -46.82 -3.84 35.65
C TYR A 366 -45.80 -2.76 35.99
N VAL A 367 -45.80 -1.65 35.26
CA VAL A 367 -44.83 -0.58 35.44
C VAL A 367 -45.47 0.58 36.14
N VAL A 368 -44.73 1.18 37.08
CA VAL A 368 -45.17 2.33 37.84
C VAL A 368 -44.12 3.42 37.68
N ALA A 369 -44.57 4.62 37.31
CA ALA A 369 -43.68 5.77 37.12
C ALA A 369 -43.24 6.32 38.46
N MET A 370 -41.93 6.35 38.72
CA MET A 370 -41.39 6.86 39.97
C MET A 370 -41.04 8.33 39.86
N GLU A 371 -40.40 8.74 38.78
CA GLU A 371 -40.02 10.13 38.59
C GLU A 371 -39.77 10.49 37.13
N THR A 372 -39.94 11.78 36.82
CA THR A 372 -39.73 12.36 35.50
C THR A 372 -38.64 13.41 35.57
N PHE A 373 -37.91 13.56 34.47
CA PHE A 373 -36.83 14.54 34.34
C PHE A 373 -37.00 15.28 33.02
N THR A 374 -37.25 16.58 33.11
CA THR A 374 -37.51 17.43 31.97
C THR A 374 -36.45 17.28 30.87
N ASN A 375 -36.95 17.27 29.62
CA ASN A 375 -36.15 17.15 28.43
C ASN A 375 -36.72 18.08 27.36
N LEU A 376 -36.02 19.20 27.12
CA LEU A 376 -36.43 20.19 26.14
C LEU A 376 -36.26 19.72 24.70
N GLY A 377 -35.38 18.78 24.48
CA GLY A 377 -35.12 18.26 23.16
C GLY A 377 -36.18 17.31 22.68
N PRO A 378 -36.58 17.39 21.40
CA PRO A 378 -36.15 18.35 20.37
C PRO A 378 -36.95 19.66 20.33
N ILE A 379 -36.26 20.82 20.31
CA ILE A 379 -36.87 22.13 20.15
C ILE A 379 -36.97 22.37 18.63
N VAL A 380 -38.17 22.65 18.19
CA VAL A 380 -38.45 22.90 16.78
C VAL A 380 -38.71 24.36 16.48
N ASP A 381 -39.28 25.08 17.43
CA ASP A 381 -39.56 26.51 17.30
C ASP A 381 -39.82 27.07 18.67
N MET A 382 -39.63 28.38 18.79
CA MET A 382 -39.75 29.09 20.04
C MET A 382 -40.01 30.58 19.83
N CYS A 383 -40.18 31.31 20.94
CA CYS A 383 -40.39 32.74 20.92
C CYS A 383 -40.09 33.34 22.26
N VAL A 384 -39.56 34.56 22.25
CA VAL A 384 -39.23 35.30 23.44
C VAL A 384 -40.37 36.25 23.70
N VAL A 385 -40.94 36.17 24.91
CA VAL A 385 -42.06 37.00 25.37
C VAL A 385 -41.85 37.49 26.81
N ASP A 386 -42.57 38.53 27.16
CA ASP A 386 -42.52 39.08 28.49
C ASP A 386 -43.93 39.15 29.02
N LEU A 387 -44.43 38.01 29.50
CA LEU A 387 -45.78 37.90 30.05
C LEU A 387 -46.00 38.97 31.11
N GLU A 388 -45.22 38.91 32.18
CA GLU A 388 -45.19 39.94 33.19
C GLU A 388 -44.12 40.87 32.71
N ARG A 389 -44.52 42.02 32.15
CA ARG A 389 -43.64 43.03 31.54
C ARG A 389 -42.58 43.59 32.50
N GLN A 390 -41.68 42.71 32.94
CA GLN A 390 -40.60 43.06 33.83
C GLN A 390 -39.41 43.64 33.08
N GLY A 391 -39.37 43.47 31.75
CA GLY A 391 -38.22 43.82 30.96
C GLY A 391 -37.14 42.75 31.07
N GLN A 392 -37.43 41.64 31.77
CA GLN A 392 -36.47 40.57 32.00
C GLN A 392 -36.41 39.67 30.78
N GLY A 393 -37.48 38.93 30.53
CA GLY A 393 -37.55 38.03 29.41
C GLY A 393 -37.90 36.61 29.81
N GLN A 394 -38.73 35.98 29.01
CA GLN A 394 -39.14 34.59 29.16
C GLN A 394 -39.10 33.91 27.79
N LEU A 395 -38.81 32.62 27.77
CA LEU A 395 -38.75 31.85 26.55
C LEU A 395 -39.82 30.78 26.56
N VAL A 396 -40.48 30.58 25.40
CA VAL A 396 -41.52 29.57 25.20
C VAL A 396 -41.13 28.74 24.01
N THR A 397 -41.00 27.44 24.21
CA THR A 397 -40.49 26.51 23.21
C THR A 397 -41.40 25.34 22.97
N CYS A 398 -41.39 24.84 21.72
CA CYS A 398 -42.09 23.65 21.29
C CYS A 398 -41.13 22.50 21.34
N SER A 399 -41.24 21.67 22.38
CA SER A 399 -40.40 20.52 22.61
C SER A 399 -41.16 19.22 22.47
N GLY A 400 -40.43 18.12 22.40
CA GLY A 400 -41.03 16.80 22.29
C GLY A 400 -41.59 16.46 20.92
N ALA A 401 -42.22 15.31 20.83
CA ALA A 401 -42.83 14.85 19.60
C ALA A 401 -43.77 13.72 19.90
N PHE A 402 -44.82 13.58 19.10
CA PHE A 402 -45.82 12.54 19.23
C PHE A 402 -46.48 12.64 20.61
N LYS A 403 -46.68 11.53 21.33
CA LYS A 403 -47.30 11.57 22.65
C LYS A 403 -46.48 12.34 23.69
N GLU A 404 -45.20 12.56 23.41
CA GLU A 404 -44.32 13.32 24.28
C GLU A 404 -44.34 14.82 24.01
N GLY A 405 -44.97 15.23 22.92
CA GLY A 405 -45.06 16.62 22.56
C GLY A 405 -45.48 17.48 23.73
N SER A 406 -44.88 18.64 23.85
CA SER A 406 -45.08 19.53 24.97
C SER A 406 -44.56 20.93 24.71
N LEU A 407 -44.88 21.86 25.60
CA LEU A 407 -44.39 23.22 25.59
C LEU A 407 -43.62 23.48 26.86
N ARG A 408 -42.57 24.26 26.76
CA ARG A 408 -41.69 24.56 27.88
C ARG A 408 -41.57 26.05 28.03
N ILE A 409 -41.60 26.53 29.27
CA ILE A 409 -41.48 27.93 29.60
C ILE A 409 -40.26 28.07 30.48
N ILE A 410 -39.33 28.95 30.08
CA ILE A 410 -38.06 29.12 30.74
C ILE A 410 -37.81 30.56 31.18
N ARG A 411 -37.22 30.74 32.38
CA ARG A 411 -36.82 32.02 32.93
C ARG A 411 -35.61 31.85 33.84
N ASN A 412 -35.12 32.96 34.40
CA ASN A 412 -34.03 32.98 35.37
C ASN A 412 -34.59 32.92 36.80
N GLY A 413 -33.83 32.32 37.71
CA GLY A 413 -34.23 32.17 39.10
C GLY A 413 -33.15 32.58 40.07
N LYS A 425 -30.49 27.14 39.02
CA LYS A 425 -30.61 28.56 38.70
C LYS A 425 -31.85 28.85 37.83
N LEU A 426 -31.91 28.25 36.62
CA LEU A 426 -33.01 28.47 35.69
C LEU A 426 -34.25 27.78 36.13
N HIS A 427 -35.40 28.41 35.86
CA HIS A 427 -36.72 27.90 36.21
C HIS A 427 -37.44 27.47 34.95
N ILE A 428 -37.98 26.25 34.96
CA ILE A 428 -38.69 25.66 33.84
C ILE A 428 -40.07 25.23 34.27
N ARG A 429 -41.05 25.41 33.36
CA ARG A 429 -42.44 25.00 33.55
C ARG A 429 -42.86 24.19 32.32
N THR A 430 -43.44 23.00 32.57
CA THR A 430 -43.84 22.05 31.55
C THR A 430 -45.33 22.12 31.29
N VAL A 431 -45.70 21.87 30.02
CA VAL A 431 -47.07 21.82 29.57
C VAL A 431 -47.23 20.68 28.55
N PRO A 432 -47.68 19.49 28.97
CA PRO A 432 -47.86 18.40 28.01
C PRO A 432 -48.92 18.68 26.97
N LEU A 433 -48.76 18.08 25.80
CA LEU A 433 -49.70 18.23 24.69
C LEU A 433 -50.18 16.92 24.12
N TYR A 434 -49.32 15.89 24.09
CA TYR A 434 -49.65 14.58 23.54
C TYR A 434 -49.89 14.61 22.04
N GLU A 435 -49.25 15.56 21.36
CA GLU A 435 -49.25 15.71 19.93
C GLU A 435 -48.10 16.62 19.53
N SER A 436 -47.54 16.38 18.35
CA SER A 436 -46.36 17.10 17.89
C SER A 436 -46.57 18.57 17.66
N PRO A 437 -45.89 19.46 18.43
CA PRO A 437 -45.96 20.89 18.14
C PRO A 437 -44.98 21.29 17.06
N ARG A 438 -45.30 22.36 16.32
CA ARG A 438 -44.54 22.83 15.16
C ARG A 438 -44.07 24.27 15.30
N LYS A 439 -44.95 25.25 15.26
CA LYS A 439 -44.60 26.65 15.36
C LYS A 439 -45.22 27.26 16.59
N ILE A 440 -45.03 28.56 16.80
CA ILE A 440 -45.60 29.27 17.93
C ILE A 440 -45.62 30.76 17.61
N CYS A 441 -46.47 31.50 18.30
CA CYS A 441 -46.64 32.93 18.11
C CYS A 441 -47.35 33.53 19.30
N TYR A 442 -47.22 34.84 19.49
CA TYR A 442 -47.85 35.56 20.60
C TYR A 442 -48.67 36.76 20.14
N GLN A 443 -49.76 37.04 20.86
CA GLN A 443 -50.64 38.18 20.65
C GLN A 443 -50.79 38.96 21.96
N GLU A 444 -50.32 40.20 21.96
CA GLU A 444 -50.35 41.08 23.10
C GLU A 444 -51.72 41.57 23.37
N VAL A 445 -52.38 42.06 22.33
CA VAL A 445 -53.72 42.62 22.45
C VAL A 445 -54.72 41.61 22.97
N SER A 446 -54.53 40.34 22.60
CA SER A 446 -55.40 39.25 23.04
C SER A 446 -54.82 38.45 24.20
N GLN A 447 -53.55 38.65 24.53
CA GLN A 447 -52.89 37.97 25.64
C GLN A 447 -53.04 36.46 25.51
N CYS A 448 -52.64 35.97 24.32
CA CYS A 448 -52.77 34.57 23.98
C CYS A 448 -51.76 34.10 22.95
N PHE A 449 -51.48 32.80 22.95
CA PHE A 449 -50.53 32.19 22.05
C PHE A 449 -51.20 31.31 21.03
N GLY A 450 -50.61 31.29 19.86
CA GLY A 450 -51.05 30.46 18.76
C GLY A 450 -49.97 29.46 18.40
N VAL A 451 -50.34 28.19 18.29
CA VAL A 451 -49.42 27.10 18.03
C VAL A 451 -49.95 26.16 16.98
N LEU A 452 -49.08 25.76 16.07
CA LEU A 452 -49.38 24.77 15.05
C LEU A 452 -48.99 23.41 15.60
N SER A 453 -49.88 22.44 15.49
CA SER A 453 -49.68 21.11 15.99
C SER A 453 -50.12 20.09 14.99
N SER A 454 -49.74 18.85 15.22
CA SER A 454 -50.10 17.75 14.35
C SER A 454 -50.21 16.47 15.14
N ARG A 455 -51.38 15.83 15.06
CA ARG A 455 -51.64 14.56 15.72
C ARG A 455 -51.68 13.44 14.69
N ILE A 456 -51.60 12.21 15.17
CA ILE A 456 -51.63 11.02 14.34
C ILE A 456 -52.96 10.32 14.53
N GLU A 457 -53.60 10.00 13.42
CA GLU A 457 -54.81 9.22 13.41
C GLU A 457 -54.58 8.03 12.48
N VAL A 458 -55.46 7.04 12.60
CA VAL A 458 -55.41 5.82 11.81
C VAL A 458 -56.73 5.60 11.09
N GLN A 459 -56.67 5.03 9.88
CA GLN A 459 -57.84 4.67 9.07
C GLN A 459 -58.68 3.67 9.86
N ASP A 460 -59.84 4.11 10.35
CA ASP A 460 -60.75 3.30 11.13
C ASP A 460 -61.49 2.32 10.22
N THR A 461 -62.51 1.67 10.76
CA THR A 461 -63.30 0.69 10.03
C THR A 461 -64.08 1.32 8.88
N SER A 462 -64.59 2.55 9.06
CA SER A 462 -65.35 3.26 8.04
C SER A 462 -64.41 3.97 7.04
N GLY A 463 -64.91 5.00 6.38
CA GLY A 463 -64.14 5.76 5.41
C GLY A 463 -63.20 6.78 6.01
N GLY A 464 -63.56 7.31 7.18
CA GLY A 464 -62.79 8.33 7.87
C GLY A 464 -61.62 7.80 8.66
N THR A 465 -61.28 8.49 9.75
CA THR A 465 -60.17 8.13 10.61
C THR A 465 -60.54 8.37 12.07
N THR A 466 -59.75 7.80 12.98
CA THR A 466 -59.94 7.97 14.42
C THR A 466 -58.60 8.12 15.11
N ALA A 467 -58.61 8.78 16.27
CA ALA A 467 -57.39 9.06 17.04
C ALA A 467 -56.97 7.90 17.93
N LEU A 468 -55.66 7.86 18.23
CA LEU A 468 -55.08 6.82 19.06
C LEU A 468 -55.25 7.16 20.50
N ARG A 469 -54.84 8.37 20.89
CA ARG A 469 -54.92 8.82 22.27
C ARG A 469 -55.42 10.27 22.36
N PRO A 470 -55.84 10.70 23.56
CA PRO A 470 -56.34 12.06 23.71
C PRO A 470 -55.21 13.07 23.66
N SER A 471 -55.41 14.11 22.88
CA SER A 471 -54.46 15.17 22.73
C SER A 471 -55.14 16.51 22.95
N ALA A 472 -54.42 17.59 22.78
CA ALA A 472 -54.94 18.91 22.99
C ALA A 472 -56.04 19.27 22.01
N SER A 473 -55.93 18.82 20.76
CA SER A 473 -56.93 19.12 19.72
C SER A 473 -58.28 18.45 19.93
N THR A 474 -58.29 17.32 20.64
CA THR A 474 -59.49 16.56 20.93
C THR A 474 -60.14 16.93 22.23
N GLN A 475 -59.40 17.54 23.16
CA GLN A 475 -59.90 17.95 24.45
C GLN A 475 -60.05 19.47 24.54
N ALA A 476 -60.16 20.15 23.40
CA ALA A 476 -60.29 21.60 23.39
C ALA A 476 -61.61 22.04 23.96
N LEU A 477 -61.59 23.10 24.77
CA LEU A 477 -62.79 23.67 25.40
C LEU A 477 -63.80 24.09 24.34
N SER A 478 -63.28 24.58 23.21
CA SER A 478 -64.05 24.92 22.04
C SER A 478 -63.25 24.50 20.81
N SER A 479 -63.92 23.90 19.84
CA SER A 479 -63.30 23.38 18.62
C SER A 479 -63.98 23.94 17.37
N SER A 480 -63.33 23.70 16.23
CA SER A 480 -63.82 24.14 14.93
C SER A 480 -63.11 23.42 13.81
N VAL A 481 -63.67 23.47 12.60
CA VAL A 481 -63.12 22.85 11.40
C VAL A 481 -63.19 23.84 10.24
N SER A 482 -62.24 23.75 9.31
CA SER A 482 -62.24 24.62 8.13
C SER A 482 -63.27 24.13 7.17
N SER A 483 -63.89 25.06 6.44
CA SER A 483 -65.00 24.75 5.56
C SER A 483 -64.84 25.19 4.11
N SER A 484 -63.66 25.69 3.71
CA SER A 484 -63.44 26.13 2.35
C SER A 484 -63.78 25.09 1.30
N LYS A 485 -64.24 25.57 0.14
CA LYS A 485 -64.65 24.74 -0.98
C LYS A 485 -63.94 25.15 -2.27
N LEU A 486 -62.64 25.39 -2.20
CA LEU A 486 -61.85 25.78 -3.36
C LEU A 486 -61.19 24.59 -4.07
N PHE A 487 -60.86 23.53 -3.31
CA PHE A 487 -60.20 22.34 -3.85
C PHE A 487 -61.03 21.08 -3.71
N SER A 488 -62.36 21.24 -3.62
CA SER A 488 -63.29 20.11 -3.52
C SER A 488 -63.24 19.30 -4.78
N SER A 489 -63.18 20.00 -5.92
CA SER A 489 -63.12 19.42 -7.24
C SER A 489 -61.64 19.29 -7.65
N SER A 490 -61.36 19.14 -8.97
CA SER A 490 -60.02 19.01 -9.52
C SER A 490 -59.37 17.67 -9.05
N THR A 491 -58.28 17.72 -8.21
CA THR A 491 -57.65 16.49 -7.66
C THR A 491 -58.64 15.91 -6.64
N ALA A 492 -59.63 15.13 -7.15
CA ALA A 492 -60.63 14.47 -6.32
C ALA A 492 -59.94 13.64 -5.26
N PRO A 493 -60.30 13.77 -3.96
CA PRO A 493 -59.59 13.00 -2.93
C PRO A 493 -59.51 11.51 -3.22
N HIS A 494 -58.30 10.95 -3.00
CA HIS A 494 -57.96 9.57 -3.28
C HIS A 494 -58.05 8.70 -2.04
N GLU A 495 -58.40 7.44 -2.25
CA GLU A 495 -58.59 6.46 -1.20
C GLU A 495 -57.31 6.09 -0.47
N THR A 496 -57.48 5.39 0.65
CA THR A 496 -56.41 4.87 1.49
C THR A 496 -56.82 3.52 2.05
N SER A 497 -55.85 2.66 2.35
CA SER A 497 -56.13 1.34 2.90
C SER A 497 -56.30 1.38 4.41
N PHE A 498 -56.81 0.27 4.95
CA PHE A 498 -57.02 0.13 6.38
C PHE A 498 -55.70 -0.11 7.11
N GLY A 499 -55.56 0.51 8.28
CA GLY A 499 -54.38 0.39 9.12
C GLY A 499 -53.28 1.41 8.89
N GLU A 500 -53.46 2.32 7.94
CA GLU A 500 -52.47 3.32 7.60
C GLU A 500 -52.59 4.51 8.53
N GLU A 501 -51.47 5.17 8.79
CA GLU A 501 -51.38 6.34 9.65
C GLU A 501 -51.46 7.62 8.82
N VAL A 502 -52.00 8.70 9.39
CA VAL A 502 -52.11 9.99 8.74
C VAL A 502 -51.98 11.11 9.76
N GLU A 503 -51.49 12.26 9.31
CA GLU A 503 -51.27 13.42 10.14
C GLU A 503 -52.41 14.41 9.98
N VAL A 504 -53.06 14.72 11.09
CA VAL A 504 -54.13 15.68 11.16
C VAL A 504 -53.54 16.91 11.80
N HIS A 505 -53.52 18.01 11.06
CA HIS A 505 -53.00 19.28 11.53
C HIS A 505 -54.04 20.09 12.26
N ASN A 506 -53.59 20.97 13.16
CA ASN A 506 -54.44 21.81 13.98
C ASN A 506 -53.74 23.10 14.39
N LEU A 507 -54.53 24.13 14.70
CA LEU A 507 -54.09 25.41 15.21
C LEU A 507 -54.73 25.60 16.57
N LEU A 508 -53.92 25.73 17.60
CA LEU A 508 -54.38 25.86 18.97
C LEU A 508 -54.16 27.26 19.50
N ILE A 509 -55.19 27.83 20.12
CA ILE A 509 -55.15 29.12 20.79
C ILE A 509 -55.19 28.84 22.29
N ILE A 510 -54.19 29.36 23.01
CA ILE A 510 -53.95 29.10 24.42
C ILE A 510 -53.82 30.39 25.19
N ASP A 511 -54.25 30.37 26.46
CA ASP A 511 -54.12 31.53 27.34
C ASP A 511 -52.69 31.58 27.86
N GLN A 512 -52.18 32.79 28.04
CA GLN A 512 -50.80 33.02 28.47
C GLN A 512 -50.54 32.74 29.94
N HIS A 513 -51.57 32.81 30.76
CA HIS A 513 -51.42 32.58 32.19
C HIS A 513 -51.83 31.17 32.58
N THR A 514 -53.05 30.76 32.23
CA THR A 514 -53.58 29.44 32.59
C THR A 514 -53.10 28.34 31.72
N PHE A 515 -52.67 28.64 30.49
CA PHE A 515 -52.22 27.65 29.52
C PHE A 515 -53.30 26.64 29.14
N GLU A 516 -54.54 27.09 29.14
CA GLU A 516 -55.67 26.25 28.79
C GLU A 516 -55.78 26.13 27.29
N VAL A 517 -56.34 25.02 26.83
CA VAL A 517 -56.60 24.80 25.42
C VAL A 517 -57.88 25.55 25.08
N LEU A 518 -57.79 26.88 24.96
CA LEU A 518 -58.93 27.73 24.71
C LEU A 518 -59.68 27.34 23.45
N HIS A 519 -58.98 27.27 22.31
CA HIS A 519 -59.56 26.90 21.04
C HIS A 519 -58.68 25.97 20.25
N ALA A 520 -59.29 25.14 19.40
CA ALA A 520 -58.60 24.20 18.52
C ALA A 520 -59.30 24.09 17.18
N HIS A 521 -58.65 24.57 16.15
CA HIS A 521 -59.16 24.57 14.79
C HIS A 521 -58.50 23.48 14.01
N GLN A 522 -59.29 22.59 13.43
CA GLN A 522 -58.83 21.47 12.63
C GLN A 522 -58.85 21.85 11.17
N PHE A 523 -57.70 21.73 10.52
CA PHE A 523 -57.54 22.11 9.13
C PHE A 523 -58.16 21.07 8.21
N LEU A 524 -58.11 21.35 6.92
CA LEU A 524 -58.67 20.46 5.91
C LEU A 524 -57.88 19.17 5.81
N GLN A 525 -58.41 18.21 5.08
CA GLN A 525 -57.74 16.96 4.84
C GLN A 525 -56.70 17.17 3.77
N ASN A 526 -55.66 16.35 3.76
CA ASN A 526 -54.59 16.43 2.78
C ASN A 526 -53.91 17.80 2.82
N GLU A 527 -53.83 18.40 4.01
CA GLU A 527 -53.26 19.71 4.22
C GLU A 527 -52.15 19.66 5.26
N TYR A 528 -51.23 20.62 5.14
CA TYR A 528 -50.07 20.78 6.02
C TYR A 528 -49.82 22.25 6.33
N ALA A 529 -49.79 22.60 7.60
CA ALA A 529 -49.51 23.96 8.02
C ALA A 529 -48.04 24.11 8.09
N LEU A 530 -47.51 25.20 7.52
CA LEU A 530 -46.06 25.42 7.42
C LEU A 530 -45.52 26.63 8.15
N SER A 531 -46.25 27.73 8.14
CA SER A 531 -45.84 29.00 8.74
C SER A 531 -46.92 29.60 9.60
N LEU A 532 -46.55 30.62 10.37
CA LEU A 532 -47.45 31.29 11.29
C LEU A 532 -46.89 32.64 11.75
N VAL A 533 -47.72 33.70 11.68
CA VAL A 533 -47.38 35.05 12.11
C VAL A 533 -48.63 35.77 12.67
N SER A 534 -48.40 36.78 13.52
CA SER A 534 -49.46 37.58 14.11
C SER A 534 -49.04 39.03 14.16
N CYS A 535 -49.84 39.89 13.54
CA CYS A 535 -49.51 41.29 13.41
C CYS A 535 -50.71 42.07 12.87
N LYS A 536 -50.52 43.38 12.72
CA LYS A 536 -51.46 44.33 12.12
C LYS A 536 -50.88 44.75 10.77
N LEU A 537 -51.75 44.84 9.76
CA LEU A 537 -51.37 45.14 8.39
C LEU A 537 -52.30 46.17 7.81
N GLY A 538 -51.76 46.98 6.93
CA GLY A 538 -52.47 48.09 6.33
C GLY A 538 -52.66 49.17 7.39
N LYS A 539 -53.92 49.57 7.61
CA LYS A 539 -54.31 50.52 8.62
C LYS A 539 -55.38 49.94 9.55
N ASP A 540 -55.48 48.61 9.60
CA ASP A 540 -56.44 47.95 10.47
C ASP A 540 -55.80 47.80 11.84
N PRO A 541 -56.44 48.35 12.89
CA PRO A 541 -55.86 48.24 14.23
C PRO A 541 -55.94 46.86 14.87
N ASN A 542 -56.73 45.93 14.31
CA ASN A 542 -56.89 44.62 14.90
C ASN A 542 -55.71 43.78 14.63
N THR A 543 -55.38 42.92 15.58
CA THR A 543 -54.30 41.97 15.46
C THR A 543 -54.92 40.64 15.10
N TYR A 544 -54.36 40.02 14.05
CA TYR A 544 -54.83 38.76 13.51
C TYR A 544 -53.77 37.71 13.51
N PHE A 545 -54.19 36.46 13.30
CA PHE A 545 -53.32 35.31 13.15
C PHE A 545 -53.35 34.90 11.68
N ILE A 546 -52.19 34.85 11.07
CA ILE A 546 -52.02 34.51 9.67
C ILE A 546 -51.29 33.17 9.57
N VAL A 547 -51.84 32.27 8.77
CA VAL A 547 -51.31 30.93 8.58
C VAL A 547 -51.15 30.63 7.12
N GLY A 548 -50.11 29.85 6.81
CA GLY A 548 -49.81 29.37 5.48
C GLY A 548 -49.81 27.86 5.45
N THR A 549 -50.38 27.31 4.39
CA THR A 549 -50.58 25.89 4.23
C THR A 549 -50.16 25.39 2.87
N ALA A 550 -50.24 24.07 2.68
CA ALA A 550 -49.93 23.42 1.42
C ALA A 550 -50.67 22.10 1.32
N MET A 551 -51.22 21.81 0.14
CA MET A 551 -51.97 20.60 -0.09
C MET A 551 -51.03 19.47 -0.47
N VAL A 552 -50.89 18.49 0.43
CA VAL A 552 -50.02 17.35 0.25
C VAL A 552 -50.82 16.18 -0.31
N TYR A 553 -50.30 15.58 -1.35
CA TYR A 553 -50.87 14.39 -1.95
C TYR A 553 -49.78 13.37 -2.13
N PRO A 554 -50.07 12.07 -1.92
CA PRO A 554 -49.06 11.03 -2.14
C PRO A 554 -48.57 10.91 -3.57
N GLU A 555 -49.18 11.63 -4.51
CA GLU A 555 -48.77 11.69 -5.89
C GLU A 555 -48.20 13.08 -6.14
N GLU A 556 -47.23 13.16 -7.05
CA GLU A 556 -46.53 14.38 -7.39
C GLU A 556 -45.85 14.94 -6.17
N ALA A 557 -44.54 14.95 -6.21
CA ALA A 557 -43.67 15.33 -5.11
C ALA A 557 -44.05 16.63 -4.46
N GLU A 558 -43.62 17.76 -5.02
CA GLU A 558 -43.90 19.04 -4.44
C GLU A 558 -45.33 19.43 -4.66
N PRO A 559 -45.95 20.07 -3.68
CA PRO A 559 -47.33 20.48 -3.86
C PRO A 559 -47.53 21.46 -4.99
N LYS A 560 -48.75 21.51 -5.48
CA LYS A 560 -49.15 22.42 -6.52
C LYS A 560 -50.31 23.29 -6.07
N GLN A 561 -50.64 23.28 -4.79
CA GLN A 561 -51.75 24.04 -4.24
C GLN A 561 -51.38 24.54 -2.87
N GLY A 562 -52.15 25.49 -2.36
CA GLY A 562 -51.91 26.07 -1.05
C GLY A 562 -52.78 27.26 -0.73
N ARG A 563 -52.90 27.55 0.58
CA ARG A 563 -53.72 28.64 1.08
C ARG A 563 -53.00 29.53 2.06
N ILE A 564 -53.49 30.76 2.17
CA ILE A 564 -53.08 31.74 3.16
C ILE A 564 -54.37 32.16 3.82
N VAL A 565 -54.49 31.92 5.11
CA VAL A 565 -55.71 32.21 5.84
C VAL A 565 -55.43 33.20 6.96
N VAL A 566 -56.42 34.06 7.22
CA VAL A 566 -56.38 35.10 8.24
C VAL A 566 -57.56 34.89 9.17
N PHE A 567 -57.25 34.72 10.47
CA PHE A 567 -58.20 34.53 11.55
C PHE A 567 -58.11 35.66 12.59
N GLN A 568 -59.20 35.87 13.30
CA GLN A 568 -59.27 36.87 14.35
C GLN A 568 -59.74 36.21 15.60
N TYR A 569 -59.07 36.49 16.71
CA TYR A 569 -59.48 35.96 17.99
C TYR A 569 -60.25 37.03 18.70
N SER A 570 -61.50 36.71 18.99
CA SER A 570 -62.42 37.62 19.64
C SER A 570 -63.49 36.83 20.34
N ASP A 571 -63.82 37.29 21.54
CA ASP A 571 -64.88 36.70 22.36
C ASP A 571 -64.64 35.21 22.67
N GLY A 572 -63.39 34.76 22.66
CA GLY A 572 -63.06 33.39 22.98
C GLY A 572 -63.24 32.37 21.88
N LYS A 573 -63.22 32.83 20.63
CA LYS A 573 -63.39 31.94 19.50
C LYS A 573 -62.77 32.52 18.27
N LEU A 574 -62.21 31.65 17.44
CA LEU A 574 -61.57 32.06 16.19
C LEU A 574 -62.59 32.11 15.09
N GLN A 575 -62.54 33.19 14.30
CA GLN A 575 -63.44 33.42 13.17
C GLN A 575 -62.61 33.53 11.92
N THR A 576 -62.90 32.69 10.95
CA THR A 576 -62.17 32.70 9.70
C THR A 576 -62.42 34.02 8.99
N VAL A 577 -61.45 34.92 8.99
CA VAL A 577 -61.62 36.23 8.40
C VAL A 577 -61.48 36.27 6.92
N ALA A 578 -60.38 35.78 6.42
CA ALA A 578 -60.12 35.84 4.99
C ALA A 578 -59.28 34.67 4.51
N GLU A 579 -59.28 34.43 3.19
CA GLU A 579 -58.51 33.38 2.54
C GLU A 579 -58.01 33.84 1.17
N LYS A 580 -56.87 33.28 0.75
CA LYS A 580 -56.25 33.52 -0.56
C LYS A 580 -55.60 32.25 -1.06
N GLU A 581 -55.77 31.97 -2.34
CA GLU A 581 -55.25 30.77 -2.94
C GLU A 581 -53.94 31.04 -3.60
N VAL A 582 -53.08 30.02 -3.64
CA VAL A 582 -51.79 30.06 -4.29
C VAL A 582 -51.50 28.68 -4.87
N LYS A 583 -50.80 28.63 -6.00
CA LYS A 583 -50.46 27.39 -6.68
C LYS A 583 -49.08 26.88 -6.24
N GLY A 584 -48.95 26.70 -4.95
CA GLY A 584 -47.71 26.25 -4.35
C GLY A 584 -47.78 26.23 -2.84
N ALA A 585 -46.67 25.84 -2.20
CA ALA A 585 -46.59 25.75 -0.75
C ALA A 585 -46.11 27.04 -0.13
N VAL A 586 -46.76 27.48 0.93
CA VAL A 586 -46.41 28.68 1.64
C VAL A 586 -45.46 28.30 2.72
N TYR A 587 -44.18 28.31 2.40
CA TYR A 587 -43.13 27.87 3.31
C TYR A 587 -42.94 28.79 4.50
N SER A 588 -42.94 30.09 4.26
CA SER A 588 -42.73 31.07 5.29
C SER A 588 -43.41 32.38 4.97
N MET A 589 -43.63 33.17 6.01
CA MET A 589 -44.25 34.47 5.92
C MET A 589 -43.62 35.41 6.97
N VAL A 590 -43.82 36.71 6.77
CA VAL A 590 -43.28 37.75 7.64
C VAL A 590 -43.99 39.10 7.42
N GLU A 591 -43.94 39.97 8.43
CA GLU A 591 -44.44 41.32 8.35
C GLU A 591 -43.32 42.21 7.83
N PHE A 592 -43.62 42.97 6.78
CA PHE A 592 -42.66 43.83 6.13
C PHE A 592 -43.29 45.20 5.93
N ASN A 593 -43.02 46.10 6.86
CA ASN A 593 -43.50 47.48 6.85
C ASN A 593 -44.96 47.57 6.44
N GLY A 594 -45.80 46.92 7.25
CA GLY A 594 -47.24 46.90 7.08
C GLY A 594 -47.82 45.94 6.07
N LYS A 595 -46.97 45.40 5.20
CA LYS A 595 -47.37 44.46 4.17
C LYS A 595 -46.98 43.05 4.60
N LEU A 596 -47.48 42.04 3.85
CA LEU A 596 -47.24 40.64 4.16
C LEU A 596 -46.39 40.00 3.09
N LEU A 597 -45.16 39.66 3.45
CA LEU A 597 -44.24 38.98 2.55
C LEU A 597 -44.37 37.49 2.77
N ALA A 598 -44.37 36.73 1.68
CA ALA A 598 -44.51 35.29 1.71
C ALA A 598 -43.69 34.64 0.62
N SER A 599 -43.47 33.34 0.77
CA SER A 599 -42.72 32.50 -0.15
C SER A 599 -43.58 31.36 -0.65
N ILE A 600 -43.57 31.15 -1.96
CA ILE A 600 -44.34 30.11 -2.62
C ILE A 600 -43.40 29.39 -3.55
N ASN A 601 -42.98 28.19 -3.18
CA ASN A 601 -42.08 27.37 -3.97
C ASN A 601 -40.79 28.15 -4.25
N SER A 602 -40.45 28.38 -5.51
CA SER A 602 -39.25 29.10 -5.88
C SER A 602 -39.47 30.62 -5.97
N THR A 603 -40.67 31.10 -5.63
CA THR A 603 -41.04 32.50 -5.75
C THR A 603 -41.22 33.19 -4.42
N VAL A 604 -41.11 34.52 -4.44
CA VAL A 604 -41.32 35.39 -3.29
C VAL A 604 -42.33 36.45 -3.69
N ARG A 605 -43.40 36.60 -2.90
CA ARG A 605 -44.54 37.45 -3.21
C ARG A 605 -44.93 38.35 -2.06
N LEU A 606 -45.27 39.59 -2.39
CA LEU A 606 -45.69 40.59 -1.43
C LEU A 606 -47.17 40.90 -1.61
N TYR A 607 -47.91 40.89 -0.49
CA TYR A 607 -49.33 41.14 -0.46
C TYR A 607 -49.63 42.40 0.31
N GLU A 608 -50.61 43.17 -0.19
CA GLU A 608 -51.11 44.36 0.46
C GLU A 608 -52.55 44.11 0.89
N TRP A 609 -52.91 44.64 2.08
CA TRP A 609 -54.21 44.48 2.70
C TRP A 609 -55.12 45.58 2.18
N THR A 610 -56.11 45.21 1.38
CA THR A 610 -57.02 46.15 0.75
C THR A 610 -57.97 46.74 1.74
N THR A 611 -58.64 47.77 1.30
CA THR A 611 -59.63 48.45 2.10
C THR A 611 -60.82 47.52 2.34
N GLU A 612 -61.14 46.65 1.37
CA GLU A 612 -62.21 45.67 1.50
C GLU A 612 -61.86 44.51 2.42
N LYS A 613 -60.70 44.59 3.08
CA LYS A 613 -60.24 43.61 4.03
C LYS A 613 -59.94 42.27 3.36
N GLU A 614 -59.17 42.32 2.27
CA GLU A 614 -58.68 41.18 1.51
C GLU A 614 -57.19 41.39 1.19
N LEU A 615 -56.61 40.57 0.31
CA LEU A 615 -55.20 40.67 -0.05
C LEU A 615 -55.01 40.76 -1.55
N ARG A 616 -54.06 41.57 -1.98
CA ARG A 616 -53.74 41.73 -3.39
C ARG A 616 -52.24 41.70 -3.57
N THR A 617 -51.79 40.97 -4.57
CA THR A 617 -50.38 40.85 -4.89
C THR A 617 -49.83 42.16 -5.41
N GLU A 618 -48.52 42.34 -5.31
CA GLU A 618 -47.86 43.54 -5.79
C GLU A 618 -46.74 43.21 -6.78
N CYS A 619 -45.72 42.45 -6.32
CA CYS A 619 -44.55 42.09 -7.11
C CYS A 619 -44.09 40.67 -6.81
N ASN A 620 -43.11 40.18 -7.59
CA ASN A 620 -42.60 38.84 -7.49
C ASN A 620 -41.12 38.72 -7.81
N HIS A 621 -40.53 37.62 -7.39
CA HIS A 621 -39.14 37.23 -7.68
C HIS A 621 -39.13 35.74 -7.85
N TYR A 622 -38.35 35.23 -8.79
CA TYR A 622 -38.34 33.83 -9.10
C TYR A 622 -37.05 33.08 -8.76
N ASN A 623 -36.03 33.10 -9.64
CA ASN A 623 -34.80 32.28 -9.54
C ASN A 623 -34.45 31.86 -8.14
N ASN A 624 -34.25 30.56 -7.94
CA ASN A 624 -33.98 30.01 -6.64
C ASN A 624 -33.76 28.55 -6.76
N ILE A 625 -33.57 27.92 -5.61
CA ILE A 625 -33.69 26.49 -5.39
C ILE A 625 -35.01 26.26 -4.59
N MET A 626 -35.25 27.08 -3.56
CA MET A 626 -36.49 27.04 -2.83
C MET A 626 -36.44 28.09 -1.77
N ALA A 627 -37.46 28.93 -1.69
CA ALA A 627 -37.52 29.98 -0.68
C ALA A 627 -38.08 29.47 0.64
N LEU A 628 -37.24 28.79 1.40
CA LEU A 628 -37.62 28.21 2.68
C LEU A 628 -37.60 29.21 3.79
N TYR A 629 -36.41 29.76 4.10
CA TYR A 629 -36.24 30.70 5.20
C TYR A 629 -36.41 32.12 4.74
N LEU A 630 -37.11 32.91 5.54
CA LEU A 630 -37.33 34.32 5.28
C LEU A 630 -37.12 35.11 6.52
N LYS A 631 -36.37 36.22 6.41
CA LYS A 631 -36.16 37.17 7.47
C LYS A 631 -36.08 38.59 6.90
N THR A 632 -36.44 39.58 7.72
CA THR A 632 -36.49 40.97 7.33
C THR A 632 -35.95 41.89 8.38
N LYS A 633 -35.45 43.03 7.95
CA LYS A 633 -34.97 44.10 8.81
C LYS A 633 -35.04 45.41 8.01
N GLY A 634 -35.97 46.27 8.40
CA GLY A 634 -36.19 47.53 7.69
C GLY A 634 -36.70 47.23 6.30
N ASP A 635 -35.94 47.68 5.27
CA ASP A 635 -36.25 47.44 3.87
C ASP A 635 -35.36 46.37 3.23
N PHE A 636 -34.64 45.60 4.04
CA PHE A 636 -33.81 44.50 3.61
C PHE A 636 -34.48 43.18 3.94
N ILE A 637 -34.37 42.21 3.04
CA ILE A 637 -34.95 40.90 3.19
C ILE A 637 -33.92 39.84 2.88
N LEU A 638 -33.89 38.75 3.66
CA LEU A 638 -32.97 37.63 3.48
C LEU A 638 -33.74 36.37 3.21
N VAL A 639 -33.42 35.69 2.11
CA VAL A 639 -34.05 34.47 1.68
C VAL A 639 -33.03 33.37 1.77
N GLY A 640 -33.46 32.21 2.25
CA GLY A 640 -32.60 31.08 2.48
C GLY A 640 -33.06 29.76 1.95
N ASP A 641 -32.13 29.01 1.34
CA ASP A 641 -32.38 27.71 0.75
C ASP A 641 -31.96 26.58 1.68
N LEU A 642 -32.42 25.35 1.39
CA LEU A 642 -32.07 24.20 2.19
C LEU A 642 -30.60 23.83 2.07
N MET A 643 -29.95 24.09 0.96
CA MET A 643 -28.57 23.72 0.78
C MET A 643 -27.74 24.81 0.19
N ARG A 644 -28.29 25.55 -0.79
CA ARG A 644 -27.64 26.59 -1.56
C ARG A 644 -27.47 27.87 -0.81
N SER A 645 -27.23 27.77 0.45
CA SER A 645 -27.02 28.93 1.23
C SER A 645 -28.17 29.93 0.98
N VAL A 646 -27.89 31.21 0.77
CA VAL A 646 -28.90 32.26 0.78
C VAL A 646 -28.67 33.30 -0.27
N LEU A 647 -29.56 34.30 -0.27
CA LEU A 647 -29.51 35.49 -1.08
C LEU A 647 -30.21 36.65 -0.38
N LEU A 648 -29.95 37.87 -0.84
CA LEU A 648 -30.48 39.08 -0.26
C LEU A 648 -31.24 39.90 -1.28
N LEU A 649 -32.33 40.54 -0.83
CA LEU A 649 -33.19 41.38 -1.62
C LEU A 649 -33.50 42.70 -0.89
N ALA A 650 -33.91 43.72 -1.62
CA ALA A 650 -34.27 45.04 -1.07
C ALA A 650 -35.45 45.62 -1.85
N TYR A 651 -36.47 46.01 -1.14
CA TYR A 651 -37.68 46.55 -1.72
C TYR A 651 -37.43 47.97 -2.18
N LYS A 652 -37.65 48.23 -3.46
CA LYS A 652 -37.44 49.56 -4.06
C LYS A 652 -38.76 50.33 -4.06
N PRO A 653 -38.83 51.49 -3.37
CA PRO A 653 -40.11 52.20 -3.27
C PRO A 653 -40.79 52.57 -4.56
N MET A 654 -40.11 53.33 -5.40
CA MET A 654 -40.71 53.79 -6.64
C MET A 654 -40.97 52.68 -7.64
N GLU A 655 -40.01 51.76 -7.79
CA GLU A 655 -40.15 50.64 -8.72
C GLU A 655 -41.24 49.68 -8.30
N GLY A 656 -41.51 49.59 -7.00
CA GLY A 656 -42.48 48.67 -6.46
C GLY A 656 -42.09 47.25 -6.74
N ASN A 657 -40.79 46.97 -6.71
CA ASN A 657 -40.24 45.67 -7.00
C ASN A 657 -39.07 45.37 -6.07
N PHE A 658 -38.30 44.32 -6.38
CA PHE A 658 -37.13 43.90 -5.63
C PHE A 658 -35.85 44.12 -6.41
N GLU A 659 -34.72 43.87 -5.81
CA GLU A 659 -33.41 43.99 -6.44
C GLU A 659 -32.47 43.01 -5.76
N GLU A 660 -32.00 42.04 -6.50
CA GLU A 660 -31.10 41.01 -5.98
C GLU A 660 -29.79 41.69 -5.58
N ILE A 661 -29.42 41.56 -4.32
CA ILE A 661 -28.25 42.22 -3.78
C ILE A 661 -27.04 41.32 -3.81
N ALA A 662 -27.11 40.18 -3.13
CA ALA A 662 -26.00 39.23 -3.04
C ALA A 662 -26.46 37.82 -2.87
N ARG A 663 -25.50 36.87 -2.94
CA ARG A 663 -25.78 35.44 -2.87
C ARG A 663 -24.53 34.62 -2.50
N ASP A 664 -24.77 33.39 -2.03
CA ASP A 664 -23.73 32.41 -1.67
C ASP A 664 -23.99 31.12 -2.46
N PHE A 665 -22.93 30.33 -2.61
CA PHE A 665 -22.86 29.12 -3.41
C PHE A 665 -22.79 27.81 -2.65
N ASN A 666 -22.01 27.78 -1.53
CA ASN A 666 -21.69 26.58 -0.78
C ASN A 666 -22.90 25.66 -0.66
N PRO A 667 -22.80 24.40 -1.14
CA PRO A 667 -23.89 23.47 -0.94
C PRO A 667 -23.76 22.66 0.36
N ASN A 668 -24.41 23.13 1.42
CA ASN A 668 -24.43 22.48 2.73
C ASN A 668 -25.83 22.61 3.28
N TRP A 669 -26.33 21.53 3.85
CA TRP A 669 -27.68 21.48 4.36
C TRP A 669 -27.95 22.52 5.46
N MET A 670 -28.67 23.60 5.13
CA MET A 670 -29.05 24.65 6.06
C MET A 670 -30.09 24.12 7.03
N SER A 671 -29.99 24.52 8.26
CA SER A 671 -30.94 24.11 9.29
C SER A 671 -31.78 25.26 9.80
N ALA A 672 -31.21 26.47 9.80
CA ALA A 672 -31.84 27.71 10.22
C ALA A 672 -30.90 28.88 9.94
N VAL A 673 -31.48 30.07 9.85
CA VAL A 673 -30.75 31.30 9.59
C VAL A 673 -31.36 32.45 10.40
N GLU A 674 -30.64 33.57 10.51
CA GLU A 674 -31.08 34.75 11.23
C GLU A 674 -30.24 35.95 10.89
N ILE A 675 -30.84 37.13 10.97
CA ILE A 675 -30.18 38.36 10.66
C ILE A 675 -29.53 38.89 11.91
N LEU A 676 -28.22 39.14 11.85
CA LEU A 676 -27.51 39.74 12.96
C LEU A 676 -27.75 41.24 12.93
N ASP A 677 -27.21 41.91 11.92
CA ASP A 677 -27.39 43.33 11.71
C ASP A 677 -27.52 43.55 10.21
N ASP A 678 -27.48 44.79 9.77
CA ASP A 678 -27.62 45.11 8.36
C ASP A 678 -26.43 44.72 7.48
N ASP A 679 -25.38 44.08 8.05
CA ASP A 679 -24.21 43.65 7.30
C ASP A 679 -23.75 42.21 7.56
N ASN A 680 -24.14 41.60 8.69
CA ASN A 680 -23.75 40.25 9.08
C ASN A 680 -24.97 39.35 9.15
N PHE A 681 -24.79 38.08 8.78
CA PHE A 681 -25.86 37.08 8.77
C PHE A 681 -25.35 35.73 9.19
N LEU A 682 -26.08 35.04 10.08
CA LEU A 682 -25.71 33.75 10.63
C LEU A 682 -26.52 32.64 10.10
N GLY A 683 -25.93 31.45 10.02
CA GLY A 683 -26.61 30.27 9.58
C GLY A 683 -25.99 28.96 10.03
N ALA A 684 -26.83 28.06 10.56
CA ALA A 684 -26.43 26.75 10.99
C ALA A 684 -26.61 25.79 9.87
N GLU A 685 -25.72 24.81 9.79
CA GLU A 685 -25.70 23.84 8.71
C GLU A 685 -25.57 22.42 9.22
N ASN A 686 -25.42 21.49 8.29
CA ASN A 686 -25.37 20.05 8.44
C ASN A 686 -24.49 19.52 9.55
N ALA A 687 -23.17 19.69 9.44
CA ALA A 687 -22.22 19.08 10.35
C ALA A 687 -22.15 19.78 11.70
N PHE A 688 -23.30 20.16 12.26
CA PHE A 688 -23.43 20.85 13.51
C PHE A 688 -22.58 22.11 13.51
N ASN A 689 -22.45 22.74 12.34
CA ASN A 689 -21.61 23.93 12.17
C ASN A 689 -22.43 25.18 12.02
N LEU A 690 -21.77 26.33 12.27
CA LEU A 690 -22.34 27.66 12.14
C LEU A 690 -21.43 28.51 11.30
N PHE A 691 -21.96 29.09 10.22
CA PHE A 691 -21.20 29.99 9.38
C PHE A 691 -21.93 31.30 9.27
N VAL A 692 -21.16 32.36 9.21
CA VAL A 692 -21.61 33.72 9.16
C VAL A 692 -21.05 34.42 7.95
N CYS A 693 -21.92 35.04 7.16
CA CYS A 693 -21.56 35.78 5.96
C CYS A 693 -21.75 37.26 6.10
N GLN A 694 -21.13 38.01 5.18
CA GLN A 694 -21.13 39.46 5.17
C GLN A 694 -21.27 40.00 3.76
N LYS A 695 -21.83 41.20 3.65
CA LYS A 695 -22.02 41.92 2.40
C LYS A 695 -20.87 42.90 2.19
N ASP A 696 -21.07 43.93 1.34
CA ASP A 696 -20.11 44.99 1.08
C ASP A 696 -20.85 46.23 0.59
N SER A 697 -20.64 47.34 1.29
CA SER A 697 -21.24 48.62 0.96
C SER A 697 -20.34 49.47 0.06
N ALA A 698 -19.00 49.18 0.03
CA ALA A 698 -18.07 49.98 -0.77
C ALA A 698 -18.36 49.85 -2.27
N ALA A 699 -17.58 50.56 -3.08
CA ALA A 699 -17.78 50.56 -4.53
C ALA A 699 -17.19 49.34 -5.19
N THR A 700 -15.86 49.30 -5.36
CA THR A 700 -15.15 48.21 -6.02
C THR A 700 -15.81 47.85 -7.33
N THR A 701 -16.55 46.73 -7.36
CA THR A 701 -17.24 46.26 -8.54
C THR A 701 -18.55 45.64 -8.16
N ASP A 702 -19.48 45.64 -9.11
CA ASP A 702 -20.79 45.00 -8.96
C ASP A 702 -20.62 43.52 -8.61
N GLU A 703 -19.56 42.89 -9.13
CA GLU A 703 -19.26 41.49 -8.87
C GLU A 703 -18.88 41.27 -7.42
N GLU A 704 -18.16 42.23 -6.81
CA GLU A 704 -17.71 42.13 -5.43
C GLU A 704 -18.82 42.39 -4.43
N ARG A 705 -19.74 43.29 -4.76
CA ARG A 705 -20.86 43.57 -3.90
C ARG A 705 -21.82 42.40 -3.84
N GLN A 706 -22.07 41.78 -5.00
CA GLN A 706 -23.03 40.71 -5.16
C GLN A 706 -22.57 39.39 -4.61
N HIS A 707 -21.40 39.31 -4.02
CA HIS A 707 -20.99 38.09 -3.40
C HIS A 707 -20.85 38.26 -1.90
N LEU A 708 -21.01 37.16 -1.19
CA LEU A 708 -20.98 37.09 0.25
C LEU A 708 -19.74 36.38 0.70
N GLN A 709 -19.10 36.92 1.71
CA GLN A 709 -17.85 36.41 2.22
C GLN A 709 -18.06 35.58 3.46
N GLU A 710 -17.64 34.31 3.43
CA GLU A 710 -17.71 33.41 4.59
C GLU A 710 -16.71 33.91 5.62
N VAL A 711 -17.13 34.89 6.42
CA VAL A 711 -16.29 35.56 7.42
C VAL A 711 -16.30 34.89 8.80
N GLY A 712 -17.12 33.88 8.98
CA GLY A 712 -17.15 33.14 10.23
C GLY A 712 -17.44 31.67 10.04
N LEU A 713 -16.66 30.80 10.70
CA LEU A 713 -16.86 29.36 10.68
C LEU A 713 -16.65 28.82 12.08
N PHE A 714 -17.47 27.87 12.49
CA PHE A 714 -17.40 27.28 13.80
C PHE A 714 -18.15 25.94 13.84
N HIS A 715 -17.74 25.03 14.73
CA HIS A 715 -18.38 23.73 14.95
C HIS A 715 -19.10 23.76 16.32
N LEU A 716 -20.41 23.87 16.31
CA LEU A 716 -21.19 23.95 17.52
C LEU A 716 -21.35 22.63 18.21
N GLY A 717 -21.50 21.57 17.45
CA GLY A 717 -21.79 20.26 18.00
C GLY A 717 -23.26 20.01 18.26
N GLU A 718 -24.14 20.94 17.85
CA GLU A 718 -25.58 20.82 18.00
C GLU A 718 -26.28 21.14 16.70
N PHE A 719 -27.49 20.64 16.55
CA PHE A 719 -28.30 20.87 15.37
C PHE A 719 -29.33 21.93 15.70
N VAL A 720 -29.06 23.17 15.31
CA VAL A 720 -29.95 24.30 15.59
C VAL A 720 -31.19 24.22 14.72
N ASN A 721 -32.32 24.65 15.27
CA ASN A 721 -33.57 24.66 14.53
C ASN A 721 -34.31 25.98 14.55
N VAL A 722 -34.05 26.86 15.50
CA VAL A 722 -34.76 28.12 15.59
C VAL A 722 -33.90 29.20 16.21
N PHE A 723 -34.10 30.43 15.74
CA PHE A 723 -33.45 31.63 16.26
C PHE A 723 -34.49 32.67 16.67
N CYS A 724 -34.12 33.54 17.64
CA CYS A 724 -34.95 34.62 18.18
C CYS A 724 -34.11 35.79 18.62
N HIS A 725 -34.74 36.95 18.73
CA HIS A 725 -34.09 38.16 19.19
C HIS A 725 -34.61 38.49 20.58
N GLY A 726 -33.70 38.81 21.48
CA GLY A 726 -34.02 39.13 22.86
C GLY A 726 -33.07 38.43 23.81
N SER A 727 -33.44 38.46 25.10
CA SER A 727 -32.65 37.85 26.17
C SER A 727 -33.49 37.67 27.42
N LEU A 728 -32.91 36.99 28.42
CA LEU A 728 -33.54 36.74 29.71
C LEU A 728 -32.97 37.61 30.80
N VAL A 729 -32.09 38.56 30.46
CA VAL A 729 -31.52 39.50 31.41
C VAL A 729 -32.16 40.88 31.21
N MET A 730 -32.29 41.67 32.27
CA MET A 730 -32.83 43.02 32.14
C MET A 730 -32.10 43.86 31.08
N GLN A 731 -32.84 44.68 30.31
CA GLN A 731 -32.27 45.55 29.30
C GLN A 731 -31.73 46.80 30.01
N ASN A 732 -30.36 46.77 30.22
CA ASN A 732 -29.52 47.72 30.97
C ASN A 732 -30.02 49.14 30.97
N LEU A 733 -29.47 49.99 30.07
CA LEU A 733 -29.75 51.42 29.99
C LEU A 733 -28.91 52.17 31.02
N GLY A 734 -28.60 51.52 32.15
CA GLY A 734 -27.75 52.06 33.20
C GLY A 734 -26.31 52.23 32.79
N GLU A 735 -25.80 51.33 31.88
CA GLU A 735 -24.47 51.42 31.31
C GLU A 735 -24.56 51.59 29.77
N THR A 736 -24.16 52.79 29.34
CA THR A 736 -23.95 53.21 27.95
C THR A 736 -22.82 52.41 27.31
N SER A 737 -21.91 51.86 28.16
CA SER A 737 -20.79 51.05 27.75
C SER A 737 -21.12 49.58 27.95
N THR A 738 -21.86 49.02 26.99
CA THR A 738 -22.22 47.61 27.01
C THR A 738 -21.08 46.81 26.38
N PRO A 739 -20.66 45.72 27.02
CA PRO A 739 -19.61 44.90 26.43
C PRO A 739 -20.07 44.13 25.19
N THR A 740 -21.31 43.62 25.20
CA THR A 740 -21.91 42.85 24.11
C THR A 740 -22.99 43.65 23.36
N GLN A 741 -22.88 43.65 22.03
CA GLN A 741 -23.78 44.37 21.15
C GLN A 741 -24.61 43.37 20.45
N GLY A 742 -25.92 43.50 20.57
CA GLY A 742 -26.85 42.57 19.97
C GLY A 742 -27.07 41.36 20.84
N SER A 743 -28.09 40.57 20.47
CA SER A 743 -28.48 39.38 21.22
C SER A 743 -29.38 38.51 20.40
N VAL A 744 -28.99 37.25 20.25
CA VAL A 744 -29.73 36.28 19.47
C VAL A 744 -29.72 34.94 20.16
N LEU A 745 -30.88 34.47 20.57
CA LEU A 745 -31.05 33.17 21.20
C LEU A 745 -31.29 32.11 20.14
N PHE A 746 -30.92 30.88 20.45
CA PHE A 746 -31.11 29.77 19.53
C PHE A 746 -31.39 28.48 20.27
N GLY A 747 -32.21 27.64 19.66
CA GLY A 747 -32.59 26.35 20.19
C GLY A 747 -32.19 25.23 19.27
N THR A 748 -31.94 24.07 19.81
CA THR A 748 -31.43 22.93 19.05
C THR A 748 -32.29 21.68 19.13
N VAL A 749 -31.69 20.49 18.93
CA VAL A 749 -32.40 19.22 18.96
C VAL A 749 -32.17 18.45 20.25
N ASN A 750 -30.97 18.53 20.80
CA ASN A 750 -30.60 17.83 22.03
C ASN A 750 -31.10 18.56 23.29
N GLY A 751 -31.95 19.55 23.15
CA GLY A 751 -32.47 20.30 24.29
C GLY A 751 -31.58 21.40 24.82
N MET A 752 -30.59 21.80 24.06
CA MET A 752 -29.65 22.83 24.40
C MET A 752 -30.12 24.17 23.88
N ILE A 753 -29.90 25.21 24.68
CA ILE A 753 -30.24 26.58 24.36
C ILE A 753 -28.98 27.42 24.49
N GLY A 754 -28.78 28.34 23.57
CA GLY A 754 -27.62 29.19 23.56
C GLY A 754 -27.88 30.63 23.17
N LEU A 755 -26.92 31.49 23.46
CA LEU A 755 -26.96 32.89 23.12
C LEU A 755 -25.73 33.26 22.33
N VAL A 756 -25.91 34.09 21.31
CA VAL A 756 -24.85 34.60 20.46
C VAL A 756 -24.98 36.12 20.37
N THR A 757 -23.83 36.78 20.31
CA THR A 757 -23.77 38.24 20.20
C THR A 757 -22.57 38.60 19.36
N SER A 758 -22.46 39.90 19.11
CA SER A 758 -21.35 40.49 18.39
C SER A 758 -20.41 41.19 19.36
N LEU A 759 -19.15 41.32 18.95
CA LEU A 759 -18.11 41.94 19.73
C LEU A 759 -17.39 43.00 18.92
N SER A 760 -16.38 43.64 19.52
CA SER A 760 -15.51 44.60 18.88
C SER A 760 -14.18 43.94 18.56
N GLU A 761 -13.37 44.61 17.75
CA GLU A 761 -12.10 44.06 17.29
C GLU A 761 -11.16 43.79 18.43
N SER A 762 -10.96 44.76 19.30
CA SER A 762 -10.06 44.62 20.43
C SER A 762 -10.47 43.49 21.35
N TRP A 763 -11.75 43.44 21.70
CA TRP A 763 -12.28 42.40 22.57
C TRP A 763 -12.08 41.02 21.97
N TYR A 764 -12.27 40.90 20.66
CA TYR A 764 -12.08 39.64 19.97
C TYR A 764 -10.64 39.16 20.04
N ASN A 765 -9.70 40.06 19.74
CA ASN A 765 -8.28 39.73 19.77
C ASN A 765 -7.83 39.28 21.16
N LEU A 766 -8.23 40.01 22.17
CA LEU A 766 -7.86 39.69 23.54
C LEU A 766 -8.47 38.37 24.00
N LEU A 767 -9.72 38.12 23.66
CA LEU A 767 -10.38 36.90 24.04
C LEU A 767 -9.81 35.69 23.33
N LEU A 768 -9.31 35.84 22.09
CA LEU A 768 -8.69 34.72 21.39
C LEU A 768 -7.33 34.41 21.99
N ASP A 769 -6.57 35.45 22.37
CA ASP A 769 -5.31 35.26 23.07
C ASP A 769 -5.58 34.51 24.38
N MET A 770 -6.66 34.89 25.08
CA MET A 770 -7.06 34.22 26.32
C MET A 770 -7.44 32.76 26.06
N GLN A 771 -8.05 32.49 24.92
CA GLN A 771 -8.41 31.14 24.50
C GLN A 771 -7.18 30.24 24.42
N ASN A 772 -6.14 30.73 23.75
CA ASN A 772 -4.88 30.01 23.59
C ASN A 772 -4.17 29.80 24.91
N ARG A 773 -4.09 30.85 25.72
CA ARG A 773 -3.47 30.76 27.02
C ARG A 773 -4.21 29.80 27.96
N LEU A 774 -5.53 29.76 27.88
CA LEU A 774 -6.34 28.86 28.72
C LEU A 774 -6.11 27.41 28.31
N ASN A 775 -6.14 27.14 27.01
CA ASN A 775 -5.90 25.78 26.53
C ASN A 775 -4.52 25.29 26.88
N LYS A 776 -3.55 26.20 27.00
CA LYS A 776 -2.23 25.80 27.42
C LYS A 776 -2.26 25.10 28.77
N VAL A 777 -3.19 25.45 29.65
CA VAL A 777 -3.24 24.95 31.02
C VAL A 777 -4.29 23.90 31.25
N ILE A 778 -5.53 24.20 30.94
CA ILE A 778 -6.66 23.36 31.27
C ILE A 778 -6.47 21.91 30.84
N LYS A 779 -6.94 21.01 31.70
CA LYS A 779 -6.99 19.58 31.47
C LYS A 779 -8.18 19.30 30.58
N SER A 780 -7.96 18.49 29.56
CA SER A 780 -9.01 18.09 28.67
C SER A 780 -9.55 16.72 29.05
N VAL A 781 -10.89 16.56 28.97
CA VAL A 781 -11.52 15.30 29.25
C VAL A 781 -11.20 14.37 28.09
N GLY A 782 -10.25 13.48 28.30
CA GLY A 782 -9.77 12.57 27.26
C GLY A 782 -8.55 13.04 26.49
N LYS A 783 -7.89 14.15 26.90
CA LYS A 783 -6.69 14.72 26.28
C LYS A 783 -6.89 15.10 24.80
N ILE A 784 -8.08 15.67 24.49
CA ILE A 784 -8.51 16.11 23.17
C ILE A 784 -8.33 17.64 23.07
N GLU A 785 -7.57 18.11 22.10
CA GLU A 785 -7.32 19.54 21.93
C GLU A 785 -8.59 20.31 21.63
N HIS A 786 -8.82 21.40 22.37
CA HIS A 786 -10.01 22.21 22.22
C HIS A 786 -10.11 22.82 20.85
N SER A 787 -8.97 23.17 20.26
CA SER A 787 -8.94 23.78 18.95
C SER A 787 -9.43 22.82 17.86
N PHE A 788 -9.22 21.51 18.04
CA PHE A 788 -9.69 20.52 17.10
C PHE A 788 -11.18 20.26 17.26
N TRP A 789 -11.70 20.36 18.49
CA TRP A 789 -13.10 20.14 18.77
C TRP A 789 -13.97 21.22 18.19
N ARG A 790 -13.48 22.45 18.16
CA ARG A 790 -14.24 23.56 17.63
C ARG A 790 -13.87 23.88 16.19
N SER A 791 -13.42 22.88 15.43
CA SER A 791 -13.04 23.05 14.05
C SER A 791 -14.15 22.67 13.12
N PHE A 792 -14.51 23.60 12.22
CA PHE A 792 -15.48 23.37 11.16
C PHE A 792 -15.12 22.07 10.47
N HIS A 793 -16.05 21.12 10.49
CA HIS A 793 -15.84 19.78 10.00
C HIS A 793 -16.95 19.27 9.07
N THR A 794 -16.55 18.73 7.92
CA THR A 794 -17.41 18.02 6.99
C THR A 794 -16.60 16.85 6.47
N GLU A 795 -17.25 15.99 5.71
CA GLU A 795 -16.57 14.81 5.18
C GLU A 795 -15.46 15.15 4.20
N ARG A 796 -15.53 16.33 3.56
CA ARG A 796 -14.56 16.76 2.55
C ARG A 796 -13.46 17.69 3.08
N LYS A 797 -13.87 18.63 3.94
CA LYS A 797 -13.03 19.72 4.44
C LYS A 797 -13.22 19.90 5.94
N THR A 798 -12.10 20.08 6.64
CA THR A 798 -12.05 20.33 8.07
C THR A 798 -11.17 21.54 8.32
N GLU A 799 -11.80 22.69 8.61
CA GLU A 799 -11.12 23.96 8.83
C GLU A 799 -11.21 24.40 10.28
N PRO A 800 -10.26 25.25 10.74
CA PRO A 800 -10.33 25.74 12.11
C PRO A 800 -11.27 26.92 12.23
N ALA A 801 -11.81 27.11 13.44
CA ALA A 801 -12.76 28.19 13.69
C ALA A 801 -12.16 29.55 13.42
N THR A 802 -12.99 30.47 12.95
CA THR A 802 -12.61 31.85 12.64
C THR A 802 -13.81 32.77 12.87
N GLY A 803 -13.55 33.94 13.42
CA GLY A 803 -14.58 34.92 13.69
C GLY A 803 -15.54 34.53 14.78
N PHE A 804 -15.10 33.71 15.71
CA PHE A 804 -15.91 33.23 16.81
C PHE A 804 -15.10 33.11 18.06
N ILE A 805 -15.79 33.20 19.21
CA ILE A 805 -15.23 33.04 20.54
C ILE A 805 -16.11 32.10 21.33
N ASP A 806 -15.51 30.99 21.83
CA ASP A 806 -16.23 30.03 22.64
C ASP A 806 -16.45 30.59 24.02
N GLY A 807 -17.70 30.83 24.35
CA GLY A 807 -18.07 31.42 25.63
C GLY A 807 -17.89 30.51 26.80
N ASP A 808 -18.08 29.21 26.59
CA ASP A 808 -17.93 28.22 27.66
C ASP A 808 -16.51 28.17 28.17
N LEU A 809 -15.53 28.19 27.26
CA LEU A 809 -14.13 28.17 27.62
C LEU A 809 -13.72 29.48 28.31
N ILE A 810 -14.26 30.62 27.88
CA ILE A 810 -13.97 31.90 28.50
C ILE A 810 -14.52 31.95 29.91
N GLU A 811 -15.70 31.36 30.11
CA GLU A 811 -16.33 31.34 31.40
C GLU A 811 -15.61 30.39 32.36
N SER A 812 -15.06 29.29 31.84
CA SER A 812 -14.36 28.31 32.66
C SER A 812 -13.15 28.86 33.39
N PHE A 813 -12.73 30.08 33.05
CA PHE A 813 -11.61 30.71 33.71
C PHE A 813 -11.88 30.94 35.18
N LEU A 814 -13.13 31.19 35.55
CA LEU A 814 -13.46 31.48 36.94
C LEU A 814 -13.38 30.28 37.87
N ASP A 815 -13.51 29.07 37.35
CA ASP A 815 -13.58 27.87 38.18
C ASP A 815 -12.24 27.25 38.55
N ILE A 816 -11.18 27.55 37.81
CA ILE A 816 -9.88 26.96 38.06
C ILE A 816 -9.25 27.54 39.29
N SER A 817 -8.22 26.87 39.81
CA SER A 817 -7.50 27.33 40.97
C SER A 817 -6.80 28.65 40.69
N ARG A 818 -6.44 29.36 41.75
CA ARG A 818 -5.83 30.68 41.62
C ARG A 818 -4.42 30.62 41.06
N PRO A 819 -3.59 29.65 41.47
CA PRO A 819 -2.27 29.55 40.84
C PRO A 819 -2.34 29.47 39.32
N LYS A 820 -3.31 28.71 38.79
CA LYS A 820 -3.52 28.58 37.35
C LYS A 820 -4.12 29.84 36.75
N MET A 821 -4.98 30.53 37.50
CA MET A 821 -5.51 31.84 37.09
C MET A 821 -4.37 32.81 36.85
N GLN A 822 -3.37 32.82 37.74
CA GLN A 822 -2.21 33.68 37.63
C GLN A 822 -1.30 33.26 36.50
N GLU A 823 -1.17 31.94 36.27
CA GLU A 823 -0.38 31.42 35.16
C GLU A 823 -0.97 31.88 33.82
N VAL A 824 -2.30 31.93 33.73
CA VAL A 824 -2.99 32.32 32.51
C VAL A 824 -2.75 33.79 32.16
N VAL A 825 -2.92 34.67 33.14
CA VAL A 825 -2.79 36.10 32.96
C VAL A 825 -1.37 36.59 33.11
N ALA A 826 -0.39 35.70 32.94
CA ALA A 826 1.01 36.04 33.08
C ALA A 826 1.54 36.60 31.77
N ASN A 827 2.17 37.77 31.83
CA ASN A 827 2.75 38.47 30.68
C ASN A 827 1.69 38.70 29.61
N LEU A 828 0.60 39.39 29.99
CA LEU A 828 -0.52 39.71 29.14
C LEU A 828 -0.88 41.19 29.24
N GLN A 829 -0.97 41.87 28.11
CA GLN A 829 -1.29 43.29 28.03
C GLN A 829 -2.79 43.47 27.94
N TYR A 830 -3.35 44.22 28.88
CA TYR A 830 -4.78 44.48 29.04
C TYR A 830 -5.05 45.97 29.15
N ASP A 831 -6.16 46.41 28.55
CA ASP A 831 -6.57 47.80 28.51
C ASP A 831 -7.87 47.98 29.32
N ASP A 832 -7.72 48.60 30.50
CA ASP A 832 -8.80 48.89 31.43
C ASP A 832 -9.38 50.27 31.16
N GLY A 833 -10.68 50.30 30.90
CA GLY A 833 -11.38 51.54 30.61
C GLY A 833 -10.89 52.30 29.40
N SER A 834 -10.29 51.58 28.44
CA SER A 834 -9.73 52.15 27.22
C SER A 834 -8.69 53.29 27.51
N GLY A 835 -7.85 53.05 28.51
CA GLY A 835 -6.82 53.99 28.92
C GLY A 835 -5.46 53.57 28.43
N MET A 836 -4.62 53.08 29.34
CA MET A 836 -3.29 52.61 29.01
C MET A 836 -3.23 51.08 29.07
N LYS A 837 -2.47 50.48 28.14
CA LYS A 837 -2.21 49.04 28.15
C LYS A 837 -1.24 48.75 29.30
N ARG A 838 -1.66 47.87 30.24
CA ARG A 838 -0.87 47.48 31.40
C ARG A 838 -0.94 45.96 31.62
N GLU A 839 -0.11 45.47 32.56
CA GLU A 839 -0.07 44.06 32.89
C GLU A 839 -1.40 43.66 33.55
N ALA A 840 -1.97 42.55 33.10
CA ALA A 840 -3.24 42.08 33.59
C ALA A 840 -3.11 41.26 34.86
N THR A 841 -3.96 41.55 35.84
CA THR A 841 -4.05 40.79 37.09
C THR A 841 -5.21 39.82 36.98
N ALA A 842 -5.27 38.83 37.89
CA ALA A 842 -6.36 37.86 37.90
C ALA A 842 -7.71 38.51 38.22
N ASP A 843 -7.71 39.57 39.04
CA ASP A 843 -8.92 40.26 39.44
C ASP A 843 -9.62 40.98 38.28
N ASP A 844 -8.85 41.59 37.39
CA ASP A 844 -9.40 42.28 36.23
C ASP A 844 -10.14 41.29 35.34
N LEU A 845 -9.52 40.16 35.04
CA LEU A 845 -10.12 39.13 34.21
C LEU A 845 -11.32 38.51 34.90
N ILE A 846 -11.27 38.36 36.22
CA ILE A 846 -12.41 37.83 36.95
C ILE A 846 -13.61 38.76 36.78
N LYS A 847 -13.42 40.06 36.93
CA LYS A 847 -14.49 41.04 36.77
C LYS A 847 -15.07 41.04 35.37
N VAL A 848 -14.19 40.96 34.36
CA VAL A 848 -14.60 40.91 32.97
C VAL A 848 -15.47 39.69 32.69
N VAL A 849 -15.02 38.52 33.13
CA VAL A 849 -15.72 37.26 32.90
C VAL A 849 -17.06 37.24 33.65
N GLU A 850 -17.15 37.87 34.84
CA GLU A 850 -18.39 37.95 35.59
C GLU A 850 -19.40 38.82 34.84
N GLU A 851 -18.96 39.96 34.33
CA GLU A 851 -19.82 40.82 33.53
C GLU A 851 -20.33 40.09 32.26
N LEU A 852 -19.49 39.22 31.68
CA LEU A 852 -19.86 38.44 30.51
C LEU A 852 -20.89 37.42 30.90
N THR A 853 -20.68 36.68 31.96
CA THR A 853 -21.62 35.66 32.42
C THR A 853 -23.00 36.23 32.73
N ARG A 854 -23.06 37.49 33.15
CA ARG A 854 -24.32 38.13 33.48
C ARG A 854 -25.16 38.55 32.29
N ILE A 855 -24.89 37.99 31.07
CA ILE A 855 -25.70 38.22 29.84
C ILE A 855 -26.75 37.12 29.55
N HIS A 856 -26.74 36.06 30.38
CA HIS A 856 -27.69 34.97 30.26
C HIS A 856 -28.10 34.41 31.61
N LYS B 26 -48.67 12.82 -28.33
CA LYS B 26 -49.17 11.90 -29.33
C LYS B 26 -48.43 10.56 -29.21
N LYS B 27 -49.02 9.50 -29.78
CA LYS B 27 -48.59 8.11 -29.61
C LYS B 27 -48.26 7.36 -30.91
N PRO B 28 -47.12 7.68 -31.54
CA PRO B 28 -46.74 6.99 -32.77
C PRO B 28 -45.93 5.70 -32.54
N ASN B 29 -45.35 5.17 -33.63
CA ASN B 29 -44.56 3.94 -33.60
C ASN B 29 -43.15 4.19 -33.12
N ILE B 30 -42.51 3.14 -32.57
CA ILE B 30 -41.12 3.16 -32.12
C ILE B 30 -40.31 1.97 -32.62
N ILE B 31 -40.94 1.04 -33.31
CA ILE B 31 -40.30 -0.18 -33.74
C ILE B 31 -39.69 -0.05 -35.13
N ASN B 32 -38.64 -0.85 -35.36
CA ASN B 32 -37.94 -1.02 -36.62
C ASN B 32 -36.98 0.10 -36.98
N PHE B 33 -35.69 -0.10 -36.71
CA PHE B 33 -34.62 0.81 -37.10
C PHE B 33 -33.26 0.36 -36.58
N ASP B 34 -33.08 0.45 -35.25
CA ASP B 34 -31.86 0.14 -34.50
C ASP B 34 -31.32 1.41 -33.87
N THR B 35 -31.52 1.57 -32.56
CA THR B 35 -31.05 2.75 -31.83
C THR B 35 -29.53 2.81 -31.68
N SER B 36 -28.83 1.73 -31.98
CA SER B 36 -27.38 1.69 -31.88
C SER B 36 -26.65 2.18 -33.12
N LEU B 37 -27.38 2.48 -34.21
CA LEU B 37 -26.76 2.93 -35.44
C LEU B 37 -26.16 4.32 -35.29
N PRO B 38 -26.91 5.31 -34.81
CA PRO B 38 -26.33 6.65 -34.68
C PRO B 38 -25.18 6.74 -33.69
N THR B 39 -25.27 6.06 -32.52
CA THR B 39 -24.23 6.10 -31.48
C THR B 39 -22.84 5.70 -32.01
N SER B 40 -22.80 4.86 -33.03
CA SER B 40 -21.56 4.45 -33.64
C SER B 40 -20.99 5.50 -34.58
N HIS B 41 -21.84 6.41 -35.09
CA HIS B 41 -21.48 7.46 -36.03
C HIS B 41 -20.81 6.85 -37.24
N THR B 42 -21.54 5.96 -37.91
CA THR B 42 -21.08 5.23 -39.07
C THR B 42 -20.68 6.12 -40.22
N TYR B 43 -21.25 7.31 -40.29
CA TYR B 43 -20.99 8.26 -41.36
C TYR B 43 -19.54 8.74 -41.45
N LEU B 44 -18.73 8.47 -40.44
CA LEU B 44 -17.34 8.88 -40.43
C LEU B 44 -16.40 7.93 -41.15
N GLY B 45 -16.87 6.75 -41.51
CA GLY B 45 -16.12 5.80 -42.31
C GLY B 45 -15.58 4.59 -41.60
N ALA B 46 -14.44 4.09 -42.12
CA ALA B 46 -13.77 2.91 -41.61
C ALA B 46 -13.45 3.06 -40.14
N ASP B 47 -13.39 1.91 -39.46
CA ASP B 47 -13.14 1.87 -38.04
C ASP B 47 -11.83 2.56 -37.71
N MET B 48 -11.89 3.41 -36.67
CA MET B 48 -10.78 4.24 -36.25
C MET B 48 -9.86 3.50 -35.28
N GLU B 49 -8.70 4.09 -35.04
CA GLU B 49 -7.74 3.59 -34.09
C GLU B 49 -8.19 4.09 -32.71
N GLU B 50 -8.70 3.17 -31.90
CA GLU B 50 -9.23 3.51 -30.60
C GLU B 50 -8.18 3.47 -29.52
N PHE B 51 -8.33 4.34 -28.54
CA PHE B 51 -7.49 4.37 -27.36
C PHE B 51 -8.36 4.13 -26.14
N HIS B 52 -7.77 3.44 -25.15
CA HIS B 52 -8.43 3.05 -23.93
C HIS B 52 -7.77 3.57 -22.64
N GLY B 53 -6.53 4.06 -22.71
CA GLY B 53 -5.87 4.65 -21.55
C GLY B 53 -6.48 6.00 -21.24
N ARG B 54 -7.08 6.14 -20.05
CA ARG B 54 -7.77 7.37 -19.65
C ARG B 54 -6.93 8.19 -18.70
N THR B 55 -7.35 9.45 -18.51
CA THR B 55 -6.66 10.41 -17.68
C THR B 55 -7.64 11.34 -16.96
N LEU B 56 -7.35 11.61 -15.68
CA LEU B 56 -8.14 12.48 -14.84
C LEU B 56 -7.24 13.12 -13.79
N HIS B 57 -7.26 14.44 -13.74
CA HIS B 57 -6.42 15.19 -12.82
C HIS B 57 -7.07 15.33 -11.48
N ASP B 58 -6.32 15.81 -10.50
CA ASP B 58 -6.84 16.05 -9.17
C ASP B 58 -7.78 17.25 -9.18
N ASP B 59 -8.66 17.30 -8.19
CA ASP B 59 -9.60 18.41 -8.06
C ASP B 59 -8.89 19.63 -7.53
N ASP B 60 -9.27 20.82 -8.03
CA ASP B 60 -8.69 22.11 -7.71
C ASP B 60 -7.26 22.27 -8.22
N SER B 61 -6.75 21.29 -8.98
CA SER B 61 -5.41 21.35 -9.51
C SER B 61 -5.34 22.26 -10.70
N CYS B 62 -4.18 22.85 -10.88
CA CYS B 62 -3.92 23.78 -11.96
C CYS B 62 -3.30 23.03 -13.10
N GLN B 63 -3.85 23.20 -14.31
CA GLN B 63 -3.39 22.54 -15.53
C GLN B 63 -3.40 23.48 -16.73
N VAL B 64 -2.42 23.30 -17.62
CA VAL B 64 -2.28 24.06 -18.85
C VAL B 64 -2.71 23.17 -19.98
N ILE B 65 -3.77 23.57 -20.67
CA ILE B 65 -4.37 22.77 -21.71
C ILE B 65 -4.59 23.61 -22.96
N PRO B 66 -4.40 23.04 -24.14
CA PRO B 66 -4.73 23.76 -25.37
C PRO B 66 -6.23 23.83 -25.64
N VAL B 67 -6.65 24.80 -26.47
CA VAL B 67 -8.05 25.06 -26.81
C VAL B 67 -8.28 24.87 -28.30
N LEU B 68 -9.46 24.32 -28.66
CA LEU B 68 -9.88 24.19 -30.05
C LEU B 68 -10.62 25.48 -30.41
N PRO B 69 -10.31 26.09 -31.55
CA PRO B 69 -10.86 27.40 -31.84
C PRO B 69 -12.32 27.47 -32.22
N GLN B 70 -12.68 26.75 -33.26
CA GLN B 70 -13.99 26.81 -33.85
C GLN B 70 -15.00 25.90 -33.20
N VAL B 71 -14.78 25.50 -31.95
CA VAL B 71 -15.73 24.67 -31.23
C VAL B 71 -16.70 25.61 -30.55
N MET B 72 -17.83 25.88 -31.20
CA MET B 72 -18.87 26.74 -30.66
C MET B 72 -19.87 25.96 -29.81
N MET B 73 -19.50 24.76 -29.37
CA MET B 73 -20.36 23.92 -28.57
C MET B 73 -19.93 23.96 -27.10
N ILE B 74 -20.93 23.94 -26.23
CA ILE B 74 -20.76 23.96 -24.78
C ILE B 74 -20.83 22.52 -24.31
N LEU B 75 -19.69 21.89 -24.07
CA LEU B 75 -19.61 20.48 -23.74
C LEU B 75 -20.03 20.16 -22.34
N ILE B 76 -20.60 18.96 -22.14
CA ILE B 76 -21.01 18.43 -20.86
C ILE B 76 -20.17 17.18 -20.55
N PRO B 77 -19.73 16.97 -19.31
CA PRO B 77 -19.03 15.74 -18.99
C PRO B 77 -19.86 14.51 -19.33
N GLY B 78 -19.25 13.58 -20.03
CA GLY B 78 -19.89 12.34 -20.47
C GLY B 78 -20.57 12.42 -21.81
N GLN B 79 -20.48 13.56 -22.50
CA GLN B 79 -21.12 13.75 -23.78
C GLN B 79 -20.15 13.41 -24.88
N THR B 80 -20.61 12.63 -25.86
CA THR B 80 -19.81 12.26 -27.02
C THR B 80 -19.73 13.42 -27.98
N LEU B 81 -18.57 13.62 -28.58
CA LEU B 81 -18.31 14.70 -29.50
C LEU B 81 -17.50 14.27 -30.71
N PRO B 82 -18.12 14.25 -31.92
CA PRO B 82 -17.37 13.96 -33.13
C PRO B 82 -16.83 15.24 -33.78
N LEU B 83 -15.67 15.15 -34.42
CA LEU B 83 -15.02 16.29 -35.03
C LEU B 83 -14.31 15.90 -36.31
N GLN B 84 -14.36 16.77 -37.32
CA GLN B 84 -13.63 16.62 -38.56
C GLN B 84 -12.85 17.89 -38.73
N LEU B 85 -11.51 17.81 -38.60
CA LEU B 85 -10.62 18.95 -38.67
C LEU B 85 -9.88 18.99 -39.98
N PHE B 86 -9.74 20.20 -40.50
CA PHE B 86 -9.13 20.48 -41.78
C PHE B 86 -7.91 21.36 -41.69
N HIS B 87 -7.92 22.40 -40.85
CA HIS B 87 -6.79 23.30 -40.77
C HIS B 87 -5.52 22.58 -40.40
N PRO B 88 -4.36 22.97 -40.95
CA PRO B 88 -3.11 22.28 -40.61
C PRO B 88 -2.70 22.38 -39.15
N GLN B 89 -3.04 23.49 -38.47
CA GLN B 89 -2.68 23.69 -37.07
C GLN B 89 -3.43 22.75 -36.18
N GLU B 90 -4.70 22.54 -36.49
CA GLU B 90 -5.52 21.60 -35.76
C GLU B 90 -4.96 20.19 -35.91
N VAL B 91 -4.60 19.81 -37.12
CA VAL B 91 -4.05 18.49 -37.38
C VAL B 91 -2.72 18.30 -36.63
N SER B 92 -1.89 19.34 -36.58
CA SER B 92 -0.61 19.26 -35.88
C SER B 92 -0.80 19.10 -34.37
N MET B 93 -1.71 19.85 -33.79
CA MET B 93 -2.01 19.74 -32.38
C MET B 93 -2.52 18.31 -32.08
N VAL B 94 -3.37 17.77 -32.95
CA VAL B 94 -3.90 16.41 -32.78
C VAL B 94 -2.79 15.39 -32.83
N ARG B 95 -1.87 15.53 -33.77
CA ARG B 95 -0.74 14.62 -33.88
C ARG B 95 0.08 14.66 -32.59
N ASN B 96 0.32 15.86 -32.04
CA ASN B 96 1.09 16.02 -30.82
C ASN B 96 0.38 15.40 -29.62
N LEU B 97 -0.94 15.45 -29.60
CA LEU B 97 -1.72 14.89 -28.50
C LEU B 97 -1.91 13.40 -28.59
N ILE B 98 -1.89 12.80 -29.79
CA ILE B 98 -2.10 11.36 -29.95
C ILE B 98 -1.08 10.54 -29.16
N GLN B 99 0.15 11.03 -29.04
CA GLN B 99 1.18 10.33 -28.27
C GLN B 99 1.15 10.68 -26.78
N LYS B 100 0.67 11.86 -26.42
CA LYS B 100 0.64 12.33 -25.05
C LYS B 100 -0.59 11.84 -24.33
N ASP B 101 -1.35 12.73 -23.68
CA ASP B 101 -2.52 12.38 -22.89
C ASP B 101 -3.86 12.40 -23.63
N ARG B 102 -3.85 12.87 -24.89
CA ARG B 102 -5.02 12.90 -25.75
C ARG B 102 -6.16 13.73 -25.18
N THR B 103 -5.83 14.74 -24.37
CA THR B 103 -6.79 15.59 -23.74
C THR B 103 -6.60 17.05 -24.15
N PHE B 104 -7.71 17.73 -24.42
CA PHE B 104 -7.77 19.15 -24.74
C PHE B 104 -8.96 19.80 -24.02
N ALA B 105 -9.14 21.09 -24.24
CA ALA B 105 -10.18 21.87 -23.61
C ALA B 105 -11.19 22.40 -24.62
N VAL B 106 -12.38 22.71 -24.12
CA VAL B 106 -13.50 23.27 -24.87
C VAL B 106 -14.12 24.42 -24.07
N LEU B 107 -13.99 25.62 -24.60
CA LEU B 107 -14.50 26.79 -23.95
C LEU B 107 -15.98 26.87 -24.12
N ALA B 108 -16.64 27.37 -23.08
CA ALA B 108 -18.06 27.61 -23.10
C ALA B 108 -18.27 29.10 -23.41
N TYR B 109 -18.40 29.39 -24.71
CA TYR B 109 -18.54 30.73 -25.21
C TYR B 109 -19.89 31.31 -24.83
N SER B 110 -19.88 32.18 -23.84
CA SER B 110 -21.09 32.85 -23.39
C SER B 110 -21.51 33.88 -24.45
N ASN B 111 -20.58 34.75 -24.86
CA ASN B 111 -20.78 35.76 -25.88
C ASN B 111 -19.87 35.39 -27.03
N VAL B 112 -20.42 34.72 -28.03
CA VAL B 112 -19.70 34.25 -29.20
C VAL B 112 -19.07 35.37 -30.02
N GLN B 113 -19.63 36.56 -29.94
CA GLN B 113 -19.11 37.71 -30.68
C GLN B 113 -17.76 38.17 -30.14
N GLU B 114 -17.67 38.34 -28.82
CA GLU B 114 -16.44 38.74 -28.14
C GLU B 114 -15.50 37.57 -27.79
N ARG B 115 -15.91 36.32 -28.07
CA ARG B 115 -15.16 35.11 -27.75
C ARG B 115 -14.87 35.07 -26.25
N GLU B 116 -15.86 35.45 -25.44
CA GLU B 116 -15.73 35.45 -23.99
C GLU B 116 -16.13 34.09 -23.45
N ALA B 117 -15.32 33.58 -22.51
CA ALA B 117 -15.54 32.30 -21.86
C ALA B 117 -14.88 32.29 -20.48
N GLN B 118 -15.67 32.05 -19.45
CA GLN B 118 -15.22 32.00 -18.07
C GLN B 118 -15.10 30.59 -17.56
N PHE B 119 -15.84 29.64 -18.17
CA PHE B 119 -15.83 28.23 -17.80
C PHE B 119 -15.57 27.39 -19.04
N GLY B 120 -15.45 26.10 -18.83
CA GLY B 120 -15.25 25.14 -19.89
C GLY B 120 -15.23 23.71 -19.41
N THR B 121 -15.02 22.80 -20.36
CA THR B 121 -14.99 21.38 -20.11
C THR B 121 -13.86 20.69 -20.87
N THR B 122 -13.18 19.75 -20.20
CA THR B 122 -12.12 19.00 -20.83
C THR B 122 -12.70 17.94 -21.73
N ALA B 123 -11.94 17.49 -22.69
CA ALA B 123 -12.36 16.46 -23.63
C ALA B 123 -11.21 15.52 -23.93
N GLU B 124 -11.48 14.22 -23.93
CA GLU B 124 -10.50 13.18 -24.16
C GLU B 124 -10.80 12.46 -25.44
N ILE B 125 -9.79 12.26 -26.28
CA ILE B 125 -9.94 11.59 -27.56
C ILE B 125 -9.96 10.09 -27.34
N TYR B 126 -10.95 9.41 -27.91
CA TYR B 126 -11.09 7.96 -27.82
C TYR B 126 -11.07 7.25 -29.16
N ALA B 127 -11.13 7.97 -30.27
CA ALA B 127 -11.00 7.38 -31.60
C ALA B 127 -10.38 8.37 -32.56
N TYR B 128 -9.53 7.89 -33.43
CA TYR B 128 -8.74 8.72 -34.33
C TYR B 128 -8.48 8.06 -35.66
N ARG B 129 -8.50 8.85 -36.74
CA ARG B 129 -8.13 8.37 -38.06
C ARG B 129 -7.80 9.54 -38.98
N GLU B 130 -6.60 9.51 -39.59
CA GLU B 130 -6.16 10.51 -40.55
C GLU B 130 -6.45 10.01 -41.95
N GLU B 131 -6.63 10.94 -42.87
CA GLU B 131 -6.90 10.64 -44.27
C GLU B 131 -6.31 11.72 -45.15
N GLN B 132 -5.38 11.31 -46.04
CA GLN B 132 -4.76 12.18 -47.01
C GLN B 132 -5.38 11.96 -48.42
N ASP B 133 -6.65 11.53 -48.45
CA ASP B 133 -7.35 11.25 -49.70
C ASP B 133 -7.84 12.53 -50.37
N PHE B 134 -7.95 12.45 -51.70
CA PHE B 134 -8.43 13.53 -52.54
C PHE B 134 -7.61 14.82 -52.42
N GLY B 135 -6.35 14.69 -52.05
CA GLY B 135 -5.44 15.82 -51.90
C GLY B 135 -5.80 16.85 -50.86
N ILE B 136 -6.22 16.40 -49.67
CA ILE B 136 -6.56 17.27 -48.56
C ILE B 136 -6.30 16.58 -47.24
N GLU B 137 -5.64 17.26 -46.31
CA GLU B 137 -5.32 16.72 -44.99
C GLU B 137 -6.56 16.75 -44.11
N ILE B 138 -7.22 15.60 -43.98
CA ILE B 138 -8.41 15.45 -43.16
C ILE B 138 -8.07 14.60 -41.95
N VAL B 139 -8.65 14.94 -40.80
CA VAL B 139 -8.50 14.16 -39.59
C VAL B 139 -9.84 14.02 -38.90
N LYS B 140 -10.24 12.78 -38.60
CA LYS B 140 -11.48 12.45 -37.94
C LYS B 140 -11.18 11.99 -36.54
N VAL B 141 -11.89 12.56 -35.56
CA VAL B 141 -11.72 12.33 -34.14
C VAL B 141 -13.06 12.19 -33.40
N LYS B 142 -13.09 11.29 -32.42
CA LYS B 142 -14.21 11.09 -31.53
C LYS B 142 -13.68 11.26 -30.15
N ALA B 143 -14.24 12.19 -29.40
CA ALA B 143 -13.86 12.49 -28.04
C ALA B 143 -15.05 12.44 -27.09
N ILE B 144 -14.77 12.55 -25.80
CA ILE B 144 -15.76 12.49 -24.73
C ILE B 144 -15.42 13.49 -23.66
N GLY B 145 -16.45 14.03 -23.03
CA GLY B 145 -16.27 14.94 -21.93
C GLY B 145 -15.75 14.23 -20.71
N ARG B 146 -15.12 14.97 -19.80
CA ARG B 146 -14.53 14.42 -18.60
C ARG B 146 -14.74 15.29 -17.37
N GLN B 147 -14.07 16.44 -17.31
CA GLN B 147 -14.11 17.30 -16.15
C GLN B 147 -14.51 18.71 -16.49
N ARG B 148 -15.19 19.34 -15.55
CA ARG B 148 -15.56 20.74 -15.63
C ARG B 148 -14.38 21.55 -15.14
N PHE B 149 -14.31 22.81 -15.54
CA PHE B 149 -13.25 23.68 -15.08
C PHE B 149 -13.61 25.14 -15.19
N LYS B 150 -12.92 25.95 -14.40
CA LYS B 150 -13.03 27.40 -14.37
C LYS B 150 -11.74 27.98 -14.93
N VAL B 151 -11.86 28.98 -15.81
CA VAL B 151 -10.74 29.59 -16.49
C VAL B 151 -10.02 30.55 -15.57
N LEU B 152 -8.69 30.45 -15.52
CA LEU B 152 -7.85 31.34 -14.73
C LEU B 152 -7.10 32.36 -15.62
N GLU B 153 -6.46 31.88 -16.68
CA GLU B 153 -5.73 32.73 -17.60
C GLU B 153 -5.67 32.10 -18.99
N LEU B 154 -5.51 32.95 -20.02
CA LEU B 154 -5.43 32.52 -21.41
C LEU B 154 -4.22 33.16 -22.06
N ARG B 155 -3.39 32.35 -22.70
CA ARG B 155 -2.24 32.81 -23.44
C ARG B 155 -2.34 32.30 -24.87
N THR B 156 -1.61 32.93 -25.78
CA THR B 156 -1.61 32.56 -27.17
C THR B 156 -0.18 32.43 -27.65
N GLN B 157 0.17 31.25 -28.17
CA GLN B 157 1.51 31.00 -28.70
C GLN B 157 1.63 31.57 -30.12
N SER B 158 2.85 31.59 -30.67
CA SER B 158 3.13 32.16 -32.00
C SER B 158 2.48 31.40 -33.16
N ASP B 159 2.34 30.09 -32.99
CA ASP B 159 1.75 29.18 -33.97
C ASP B 159 0.21 29.18 -34.01
N GLY B 160 -0.43 30.13 -33.34
CA GLY B 160 -1.89 30.25 -33.33
C GLY B 160 -2.61 29.49 -32.23
N ILE B 161 -2.20 28.25 -31.96
CA ILE B 161 -2.82 27.42 -30.95
C ILE B 161 -2.67 28.12 -29.62
N GLN B 162 -3.78 28.33 -28.94
CA GLN B 162 -3.81 29.03 -27.66
C GLN B 162 -3.88 28.09 -26.49
N GLN B 163 -3.21 28.45 -25.39
CA GLN B 163 -3.17 27.67 -24.15
C GLN B 163 -4.01 28.34 -23.08
N ALA B 164 -4.43 27.54 -22.12
CA ALA B 164 -5.26 28.00 -21.04
C ALA B 164 -4.83 27.43 -19.70
N LYS B 165 -4.53 28.32 -18.74
CA LYS B 165 -4.23 27.98 -17.34
C LYS B 165 -5.59 27.88 -16.69
N VAL B 166 -5.93 26.67 -16.25
CA VAL B 166 -7.24 26.30 -15.79
C VAL B 166 -7.21 25.61 -14.45
N GLN B 167 -8.29 25.78 -13.68
CA GLN B 167 -8.46 25.15 -12.39
C GLN B 167 -9.61 24.17 -12.49
N ILE B 168 -9.35 22.92 -12.11
CA ILE B 168 -10.36 21.87 -12.14
C ILE B 168 -11.41 22.15 -11.09
N LEU B 169 -12.68 22.08 -11.48
CA LEU B 169 -13.77 22.33 -10.57
C LEU B 169 -14.15 21.06 -9.85
N PRO B 170 -14.28 21.10 -8.51
CA PRO B 170 -14.59 19.89 -7.77
C PRO B 170 -16.05 19.52 -7.80
N GLU B 171 -16.30 18.22 -7.70
CA GLU B 171 -17.64 17.70 -7.63
C GLU B 171 -18.00 17.59 -6.17
N CYS B 172 -18.87 18.50 -5.69
CA CYS B 172 -19.30 18.54 -4.30
C CYS B 172 -20.49 17.62 -4.03
N VAL B 173 -20.22 16.55 -3.29
CA VAL B 173 -21.21 15.57 -2.92
C VAL B 173 -21.44 15.62 -1.46
N LEU B 174 -22.69 15.45 -1.08
CA LEU B 174 -23.09 15.53 0.30
C LEU B 174 -23.70 14.23 0.80
N PRO B 175 -23.65 14.02 2.12
CA PRO B 175 -24.31 12.85 2.70
C PRO B 175 -25.78 13.12 2.83
N SER B 176 -26.56 12.08 3.11
CA SER B 176 -28.00 12.21 3.23
C SER B 176 -28.37 13.21 4.32
N THR B 177 -29.42 13.99 4.08
CA THR B 177 -29.87 15.02 4.99
C THR B 177 -30.05 14.49 6.39
N MET B 178 -30.42 13.23 6.53
CA MET B 178 -30.67 12.61 7.82
C MET B 178 -29.43 12.27 8.61
N SER B 179 -28.27 12.18 7.98
CA SER B 179 -27.04 11.80 8.65
C SER B 179 -26.77 12.59 9.93
N ALA B 180 -27.08 13.88 9.94
CA ALA B 180 -26.83 14.71 11.12
C ALA B 180 -27.81 14.47 12.28
N VAL B 181 -29.07 14.38 11.94
CA VAL B 181 -30.14 14.21 12.92
C VAL B 181 -30.46 12.79 13.27
N GLN B 182 -30.05 11.84 12.43
CA GLN B 182 -30.36 10.44 12.59
C GLN B 182 -30.11 10.00 14.02
N LEU B 183 -31.13 9.42 14.64
CA LEU B 183 -31.02 8.89 15.98
C LEU B 183 -30.27 7.58 15.94
N GLU B 184 -29.49 7.34 16.99
CA GLU B 184 -28.60 6.18 17.07
C GLU B 184 -29.35 4.88 17.15
N SER B 185 -30.49 4.88 17.80
CA SER B 185 -31.29 3.67 17.95
C SER B 185 -31.88 3.22 16.62
N LEU B 186 -32.15 4.16 15.71
CA LEU B 186 -32.72 3.87 14.41
C LEU B 186 -31.71 3.68 13.31
N ASN B 187 -30.41 3.87 13.57
CA ASN B 187 -29.36 3.64 12.60
C ASN B 187 -29.47 2.24 12.01
N LYS B 188 -29.80 1.26 12.86
CA LYS B 188 -29.98 -0.12 12.46
C LYS B 188 -31.22 -0.23 11.62
N CYS B 189 -31.19 -1.07 10.64
CA CYS B 189 -32.26 -1.22 9.67
C CYS B 189 -32.52 0.04 8.84
N GLN B 190 -31.60 1.04 8.83
CA GLN B 190 -31.67 2.14 7.88
C GLN B 190 -31.59 1.55 6.47
N ILE B 191 -30.99 0.35 6.36
CA ILE B 191 -30.90 -0.43 5.13
C ILE B 191 -32.24 -1.18 4.90
N PHE B 192 -32.69 -1.22 3.65
CA PHE B 192 -33.97 -1.83 3.29
C PHE B 192 -33.79 -3.26 2.83
N PRO B 193 -34.75 -4.12 3.15
CA PRO B 193 -34.64 -5.52 2.76
C PRO B 193 -34.93 -5.75 1.29
N SER B 194 -34.21 -6.70 0.64
CA SER B 194 -34.33 -6.99 -0.78
C SER B 194 -34.45 -5.68 -1.51
N LYS B 195 -33.30 -5.02 -1.58
CA LYS B 195 -33.11 -3.64 -2.02
C LYS B 195 -34.02 -3.18 -3.15
N PRO B 196 -34.04 -3.85 -4.29
CA PRO B 196 -34.79 -3.33 -5.43
C PRO B 196 -36.25 -3.68 -5.40
N VAL B 197 -37.03 -2.93 -6.17
CA VAL B 197 -38.44 -3.21 -6.35
C VAL B 197 -38.57 -4.09 -7.56
N SER B 198 -39.68 -4.82 -7.66
CA SER B 198 -39.94 -5.68 -8.79
C SER B 198 -40.33 -4.90 -10.04
N ARG B 199 -39.66 -3.77 -10.33
CA ARG B 199 -39.84 -2.93 -11.52
C ARG B 199 -41.23 -2.32 -11.63
N GLU B 200 -42.31 -3.09 -11.35
CA GLU B 200 -43.72 -2.66 -11.28
C GLU B 200 -43.78 -1.44 -10.41
N ASP B 201 -44.65 -0.45 -10.76
CA ASP B 201 -44.74 0.80 -9.99
C ASP B 201 -45.91 0.87 -8.96
N GLN B 202 -46.70 -0.23 -8.85
CA GLN B 202 -47.73 -0.38 -7.83
C GLN B 202 -47.04 -0.89 -6.57
N CYS B 203 -46.27 -2.00 -6.71
CA CYS B 203 -45.38 -2.53 -5.66
C CYS B 203 -44.40 -1.40 -5.27
N SER B 204 -44.00 -0.58 -6.26
CA SER B 204 -43.04 0.50 -6.04
C SER B 204 -43.64 1.73 -5.36
N TYR B 205 -44.94 2.00 -5.57
CA TYR B 205 -45.63 3.09 -4.87
C TYR B 205 -45.68 2.77 -3.37
N LYS B 206 -46.06 1.52 -3.03
CA LYS B 206 -46.03 1.00 -1.67
C LYS B 206 -44.62 1.12 -1.12
N TRP B 207 -43.62 0.71 -1.92
CA TRP B 207 -42.21 0.75 -1.57
C TRP B 207 -41.71 2.17 -1.30
N TRP B 208 -42.11 3.14 -2.13
CA TRP B 208 -41.71 4.53 -1.98
C TRP B 208 -42.33 5.13 -0.73
N GLN B 209 -43.58 4.78 -0.42
CA GLN B 209 -44.21 5.27 0.79
C GLN B 209 -43.52 4.71 2.03
N LYS B 210 -43.22 3.41 2.03
CA LYS B 210 -42.49 2.78 3.14
C LYS B 210 -41.09 3.40 3.25
N TYR B 211 -40.44 3.65 2.11
CA TYR B 211 -39.10 4.26 2.04
C TYR B 211 -39.10 5.64 2.66
N GLN B 212 -40.12 6.44 2.36
CA GLN B 212 -40.24 7.78 2.88
C GLN B 212 -40.51 7.78 4.37
N LYS B 213 -41.38 6.89 4.84
CA LYS B 213 -41.69 6.83 6.24
C LYS B 213 -40.49 6.38 7.06
N ARG B 214 -39.67 5.49 6.52
CA ARG B 214 -38.52 4.94 7.23
C ARG B 214 -37.29 5.82 7.15
N LYS B 215 -36.82 6.11 5.95
CA LYS B 215 -35.59 6.87 5.77
C LYS B 215 -35.67 8.26 6.39
N PHE B 216 -36.82 8.92 6.24
CA PHE B 216 -37.02 10.26 6.72
C PHE B 216 -37.85 10.33 7.98
N HIS B 217 -37.82 9.31 8.80
CA HIS B 217 -38.55 9.32 10.06
C HIS B 217 -38.07 10.45 10.95
N CYS B 218 -36.76 10.51 11.21
CA CYS B 218 -36.14 11.54 12.05
C CYS B 218 -36.40 12.95 11.59
N ALA B 219 -37.02 13.14 10.43
CA ALA B 219 -37.44 14.44 9.95
C ALA B 219 -38.36 15.13 10.96
N ASN B 220 -39.05 14.34 11.78
CA ASN B 220 -39.91 14.89 12.80
C ASN B 220 -39.16 15.74 13.80
N LEU B 221 -37.84 15.60 13.88
CA LEU B 221 -37.02 16.34 14.80
C LEU B 221 -36.60 17.71 14.32
N THR B 222 -36.88 18.03 13.07
CA THR B 222 -36.49 19.28 12.45
C THR B 222 -37.67 20.20 12.20
N SER B 223 -37.40 21.35 11.55
CA SER B 223 -38.42 22.35 11.28
C SER B 223 -39.33 22.03 10.13
N TRP B 224 -39.00 21.00 9.35
CA TRP B 224 -39.69 20.63 8.14
C TRP B 224 -40.20 19.20 8.15
N PRO B 225 -41.10 18.86 7.21
CA PRO B 225 -41.64 17.51 7.15
C PRO B 225 -40.91 16.61 6.17
N ARG B 226 -41.33 15.36 6.05
CA ARG B 226 -40.68 14.37 5.22
C ARG B 226 -40.72 14.70 3.75
N TRP B 227 -41.89 15.05 3.26
CA TRP B 227 -42.06 15.33 1.84
C TRP B 227 -41.16 16.43 1.33
N LEU B 228 -40.69 17.33 2.19
CA LEU B 228 -39.78 18.38 1.77
C LEU B 228 -38.44 17.75 1.47
N TYR B 229 -37.88 16.99 2.42
CA TYR B 229 -36.59 16.31 2.23
C TYR B 229 -36.62 15.36 1.05
N SER B 230 -37.73 14.69 0.83
CA SER B 230 -37.87 13.80 -0.28
C SER B 230 -37.55 14.50 -1.59
N LEU B 231 -37.78 15.82 -1.68
CA LEU B 231 -37.45 16.60 -2.86
C LEU B 231 -35.95 16.74 -3.05
N TYR B 232 -35.16 16.60 -1.98
CA TYR B 232 -33.71 16.73 -2.03
C TYR B 232 -32.98 15.39 -1.88
N ASP B 233 -33.65 14.28 -2.18
CA ASP B 233 -33.05 12.95 -2.11
C ASP B 233 -32.72 12.48 -3.49
N ALA B 234 -31.48 12.05 -3.67
CA ALA B 234 -31.00 11.63 -4.97
C ALA B 234 -31.84 10.52 -5.60
N GLU B 235 -32.22 9.52 -4.78
CA GLU B 235 -33.01 8.37 -5.21
C GLU B 235 -34.35 8.79 -5.77
N THR B 236 -35.05 9.63 -5.05
CA THR B 236 -36.37 10.07 -5.48
C THR B 236 -36.30 10.88 -6.76
N LEU B 237 -35.32 11.76 -6.84
CA LEU B 237 -35.12 12.58 -8.01
C LEU B 237 -34.82 11.71 -9.22
N MET B 238 -33.93 10.73 -9.06
CA MET B 238 -33.58 9.83 -10.15
C MET B 238 -34.79 9.02 -10.62
N ASP B 239 -35.66 8.60 -9.70
CA ASP B 239 -36.85 7.84 -10.05
C ASP B 239 -37.83 8.68 -10.86
N ARG B 240 -38.03 9.92 -10.44
CA ARG B 240 -38.90 10.83 -11.16
C ARG B 240 -38.35 11.10 -12.54
N ILE B 241 -37.04 11.24 -12.66
CA ILE B 241 -36.42 11.45 -13.95
C ILE B 241 -36.57 10.22 -14.81
N LYS B 242 -36.46 9.03 -14.23
CA LYS B 242 -36.67 7.79 -14.96
C LYS B 242 -38.08 7.73 -15.50
N LYS B 243 -39.07 8.14 -14.71
CA LYS B 243 -40.46 8.17 -15.12
C LYS B 243 -40.68 9.14 -16.29
N GLN B 244 -39.95 10.25 -16.32
CA GLN B 244 -40.02 11.20 -17.42
C GLN B 244 -39.34 10.67 -18.67
N LEU B 245 -38.28 9.89 -18.50
CA LEU B 245 -37.51 9.34 -19.61
C LEU B 245 -38.22 8.23 -20.32
N ARG B 246 -38.83 7.31 -19.56
CA ARG B 246 -39.62 6.22 -20.13
C ARG B 246 -40.71 6.76 -21.03
N GLU B 247 -41.27 7.93 -20.69
CA GLU B 247 -42.31 8.56 -21.48
C GLU B 247 -41.84 8.86 -22.89
N TRP B 248 -40.52 9.04 -23.09
CA TRP B 248 -39.95 9.36 -24.38
C TRP B 248 -39.57 8.16 -25.20
N ASP B 249 -39.16 7.08 -24.53
CA ASP B 249 -38.84 5.85 -25.22
C ASP B 249 -39.11 4.67 -24.32
N GLU B 250 -39.71 3.64 -24.89
CA GLU B 250 -40.11 2.44 -24.19
C GLU B 250 -39.06 1.35 -24.20
N ASN B 251 -37.99 1.52 -25.00
CA ASN B 251 -36.89 0.56 -25.05
C ASN B 251 -35.89 0.80 -23.92
N LEU B 252 -36.34 1.39 -22.80
CA LEU B 252 -35.50 1.69 -21.68
C LEU B 252 -35.53 0.57 -20.66
N LYS B 253 -34.37 0.31 -20.08
CA LYS B 253 -34.20 -0.62 -18.98
C LYS B 253 -33.42 0.15 -17.96
N ASP B 254 -33.74 -0.08 -16.70
CA ASP B 254 -33.06 0.55 -15.58
C ASP B 254 -31.55 0.31 -15.59
N ASP B 255 -31.11 -0.75 -16.28
CA ASP B 255 -29.71 -1.09 -16.43
C ASP B 255 -28.99 -0.06 -17.28
N SER B 256 -29.60 0.36 -18.39
CA SER B 256 -28.95 1.26 -19.33
C SER B 256 -28.46 2.55 -18.69
N LEU B 257 -29.22 3.08 -17.74
CA LEU B 257 -28.86 4.33 -17.06
C LEU B 257 -27.90 4.09 -15.90
N PRO B 258 -26.90 4.97 -15.71
CA PRO B 258 -25.98 4.79 -14.59
C PRO B 258 -26.66 4.97 -13.24
N SER B 259 -26.16 4.30 -12.21
CA SER B 259 -26.75 4.42 -10.89
C SER B 259 -26.16 5.58 -10.12
N ASN B 260 -24.93 6.01 -10.46
CA ASN B 260 -24.27 7.10 -9.78
C ASN B 260 -25.01 8.39 -10.07
N PRO B 261 -25.50 9.08 -9.04
CA PRO B 261 -26.24 10.32 -9.29
C PRO B 261 -25.46 11.42 -10.04
N ILE B 262 -24.15 11.42 -9.92
CA ILE B 262 -23.35 12.43 -10.58
C ILE B 262 -23.34 12.17 -12.06
N ASP B 263 -22.94 10.98 -12.46
CA ASP B 263 -22.93 10.58 -13.87
C ASP B 263 -24.34 10.57 -14.43
N PHE B 264 -25.32 10.18 -13.63
CA PHE B 264 -26.72 10.20 -14.03
C PHE B 264 -27.14 11.62 -14.35
N SER B 265 -26.82 12.56 -13.48
CA SER B 265 -27.18 13.96 -13.70
C SER B 265 -26.55 14.52 -14.95
N TYR B 266 -25.27 14.23 -15.16
CA TYR B 266 -24.56 14.73 -16.34
C TYR B 266 -25.14 14.18 -17.60
N ARG B 267 -25.52 12.91 -17.57
CA ARG B 267 -26.14 12.25 -18.71
C ARG B 267 -27.49 12.85 -19.03
N VAL B 268 -28.30 13.11 -18.02
CA VAL B 268 -29.61 13.70 -18.22
C VAL B 268 -29.48 15.08 -18.82
N ALA B 269 -28.58 15.88 -18.29
CA ALA B 269 -28.37 17.23 -18.78
C ALA B 269 -27.86 17.28 -20.19
N ALA B 270 -27.02 16.33 -20.57
CA ALA B 270 -26.42 16.31 -21.90
C ALA B 270 -27.41 16.19 -23.05
N CYS B 271 -28.60 15.65 -22.77
CA CYS B 271 -29.62 15.43 -23.79
C CYS B 271 -30.95 16.19 -23.53
N LEU B 272 -30.84 17.32 -22.86
CA LEU B 272 -31.96 18.21 -22.63
C LEU B 272 -31.76 19.42 -23.52
N PRO B 273 -32.72 19.67 -24.42
CA PRO B 273 -32.60 20.85 -25.30
C PRO B 273 -32.80 22.18 -24.57
N ILE B 274 -31.73 22.94 -24.45
CA ILE B 274 -31.75 24.23 -23.82
C ILE B 274 -30.93 25.22 -24.61
N ASP B 275 -31.07 26.48 -24.28
CA ASP B 275 -30.27 27.56 -24.84
C ASP B 275 -28.93 27.63 -24.13
N ASP B 276 -28.04 28.40 -24.71
CA ASP B 276 -26.69 28.44 -24.24
C ASP B 276 -26.54 29.02 -22.86
N VAL B 277 -27.27 30.09 -22.58
CA VAL B 277 -27.18 30.73 -21.28
C VAL B 277 -27.57 29.77 -20.18
N LEU B 278 -28.67 29.05 -20.36
CA LEU B 278 -29.17 28.10 -19.38
C LEU B 278 -28.25 26.90 -19.26
N ARG B 279 -27.62 26.48 -20.36
CA ARG B 279 -26.64 25.40 -20.32
C ARG B 279 -25.42 25.81 -19.46
N ILE B 280 -24.92 27.05 -19.65
CA ILE B 280 -23.82 27.60 -18.87
C ILE B 280 -24.20 27.54 -17.40
N GLN B 281 -25.38 28.05 -17.06
CA GLN B 281 -25.86 28.08 -15.69
C GLN B 281 -25.89 26.71 -15.06
N LEU B 282 -26.41 25.72 -15.79
CA LEU B 282 -26.49 24.36 -15.29
C LEU B 282 -25.12 23.74 -15.09
N LEU B 283 -24.18 24.05 -15.96
CA LEU B 283 -22.85 23.54 -15.79
C LEU B 283 -22.19 24.11 -14.54
N LYS B 284 -22.45 25.39 -14.22
CA LYS B 284 -21.87 26.03 -13.04
C LYS B 284 -22.19 25.32 -11.75
N ILE B 285 -23.28 24.55 -11.73
CA ILE B 285 -23.70 23.81 -10.54
C ILE B 285 -22.63 22.82 -10.11
N GLY B 286 -22.40 22.76 -8.81
CA GLY B 286 -21.39 21.88 -8.22
C GLY B 286 -21.93 20.58 -7.67
N SER B 287 -23.12 20.63 -7.06
CA SER B 287 -23.74 19.45 -6.45
C SER B 287 -24.67 18.79 -7.39
N ALA B 288 -24.65 17.46 -7.40
CA ALA B 288 -25.51 16.69 -8.28
C ALA B 288 -26.98 16.82 -7.91
N ILE B 289 -27.27 17.03 -6.63
CA ILE B 289 -28.65 17.18 -6.15
C ILE B 289 -29.30 18.38 -6.82
N GLN B 290 -28.59 19.51 -6.83
CA GLN B 290 -29.10 20.74 -7.45
C GLN B 290 -29.24 20.61 -8.96
N ARG B 291 -28.33 19.87 -9.57
CA ARG B 291 -28.37 19.61 -11.01
C ARG B 291 -29.64 18.84 -11.36
N LEU B 292 -29.93 17.77 -10.61
CA LEU B 292 -31.11 16.94 -10.82
C LEU B 292 -32.38 17.72 -10.56
N ARG B 293 -32.40 18.54 -9.52
CA ARG B 293 -33.56 19.38 -9.23
C ARG B 293 -33.85 20.30 -10.41
N CYS B 294 -32.81 20.94 -10.93
CA CYS B 294 -32.96 21.83 -12.07
C CYS B 294 -33.49 21.11 -13.27
N GLU B 295 -32.97 19.93 -13.52
CA GLU B 295 -33.41 19.15 -14.66
C GLU B 295 -34.88 18.82 -14.59
N LEU B 296 -35.35 18.34 -13.43
CA LEU B 296 -36.76 18.01 -13.25
C LEU B 296 -37.62 19.22 -13.41
N ASP B 297 -37.17 20.34 -12.87
CA ASP B 297 -37.90 21.58 -12.98
C ASP B 297 -38.06 21.97 -14.46
N ILE B 298 -36.99 21.90 -15.23
CA ILE B 298 -37.07 22.27 -16.62
C ILE B 298 -37.98 21.33 -17.38
N MET B 299 -37.89 20.06 -17.12
CA MET B 299 -38.71 19.07 -17.79
C MET B 299 -40.18 19.33 -17.55
N ASN B 300 -40.53 19.83 -16.37
CA ASN B 300 -41.92 20.14 -16.05
C ASN B 300 -42.32 21.47 -16.67
N LYS B 301 -41.49 22.51 -16.51
CA LYS B 301 -41.77 23.86 -17.01
C LYS B 301 -41.93 23.91 -18.50
N CYS B 302 -40.83 23.99 -19.23
CA CYS B 302 -40.82 24.17 -20.66
C CYS B 302 -41.48 23.06 -21.45
N THR B 303 -42.75 23.29 -21.81
CA THR B 303 -43.54 22.40 -22.62
C THR B 303 -43.59 22.80 -24.09
N SER B 304 -43.10 23.99 -24.42
CA SER B 304 -43.05 24.45 -25.79
C SER B 304 -41.60 24.62 -26.27
N LEU B 305 -41.42 24.55 -27.58
CA LEU B 305 -40.15 24.77 -28.22
C LEU B 305 -40.38 25.59 -29.47
N CYS B 306 -39.95 26.84 -29.45
CA CYS B 306 -40.15 27.81 -30.52
C CYS B 306 -38.86 28.13 -31.22
N CYS B 307 -38.93 29.00 -32.21
CA CYS B 307 -37.76 29.46 -32.95
C CYS B 307 -36.97 30.40 -32.09
N LYS B 308 -35.67 30.22 -32.05
CA LYS B 308 -34.79 31.07 -31.27
C LYS B 308 -34.72 32.46 -31.84
N GLN B 309 -34.74 32.58 -33.16
CA GLN B 309 -34.65 33.88 -33.78
C GLN B 309 -35.96 34.64 -33.68
N CYS B 310 -37.08 33.98 -33.97
CA CYS B 310 -38.40 34.60 -33.93
C CYS B 310 -38.88 34.77 -32.53
N GLN B 311 -38.75 33.71 -31.73
CA GLN B 311 -39.18 33.66 -30.34
C GLN B 311 -40.67 33.44 -30.21
N GLU B 312 -41.45 33.76 -31.25
CA GLU B 312 -42.89 33.63 -31.24
C GLU B 312 -43.41 32.47 -32.07
N THR B 313 -42.58 31.96 -33.00
CA THR B 313 -42.97 30.86 -33.88
C THR B 313 -42.81 29.52 -33.20
N GLU B 314 -43.93 28.87 -32.90
CA GLU B 314 -43.91 27.57 -32.26
C GLU B 314 -43.50 26.51 -33.25
N ILE B 315 -42.55 25.67 -32.87
CA ILE B 315 -42.01 24.62 -33.70
C ILE B 315 -42.49 23.26 -33.26
N THR B 316 -42.53 22.99 -31.95
CA THR B 316 -43.02 21.72 -31.40
C THR B 316 -43.22 21.77 -29.87
N THR B 317 -43.57 20.62 -29.28
CA THR B 317 -43.77 20.43 -27.85
C THR B 317 -43.01 19.17 -27.40
N LYS B 318 -42.88 19.01 -26.08
CA LYS B 318 -42.21 17.87 -25.49
C LYS B 318 -42.97 16.57 -25.69
N ASN B 319 -44.26 16.66 -26.01
CA ASN B 319 -45.09 15.50 -26.28
C ASN B 319 -44.55 14.77 -27.51
N GLU B 320 -43.95 15.52 -28.44
CA GLU B 320 -43.39 14.98 -29.67
C GLU B 320 -41.98 14.49 -29.52
N ILE B 321 -41.35 14.68 -28.39
CA ILE B 321 -39.99 14.24 -28.17
C ILE B 321 -39.94 12.73 -28.00
N PHE B 322 -38.90 12.11 -28.53
CA PHE B 322 -38.67 10.69 -28.44
C PHE B 322 -37.19 10.40 -28.67
N SER B 323 -36.69 9.32 -28.09
CA SER B 323 -35.31 8.91 -28.21
C SER B 323 -35.12 7.97 -29.39
N LEU B 324 -34.40 8.43 -30.42
CA LEU B 324 -34.08 7.61 -31.58
C LEU B 324 -32.67 7.01 -31.44
N SER B 325 -31.91 7.39 -30.37
CA SER B 325 -30.58 6.87 -30.09
C SER B 325 -30.51 6.25 -28.69
N LEU B 326 -29.42 5.54 -28.40
CA LEU B 326 -29.22 4.89 -27.11
C LEU B 326 -28.98 5.88 -25.98
N CYS B 327 -28.31 6.99 -26.28
CA CYS B 327 -28.00 8.03 -25.31
C CYS B 327 -29.25 8.79 -24.87
N GLY B 328 -30.01 9.25 -25.84
CA GLY B 328 -31.20 10.01 -25.60
C GLY B 328 -31.75 10.64 -26.86
N PRO B 329 -32.68 11.58 -26.67
CA PRO B 329 -33.30 12.25 -27.81
C PRO B 329 -32.39 13.24 -28.54
N MET B 330 -31.53 13.92 -27.78
CA MET B 330 -30.60 14.90 -28.31
C MET B 330 -29.19 14.40 -28.17
N ALA B 331 -28.36 14.75 -29.13
CA ALA B 331 -26.96 14.42 -29.14
C ALA B 331 -26.24 15.23 -30.20
N ALA B 332 -24.93 15.32 -30.04
CA ALA B 332 -24.08 16.06 -30.95
C ALA B 332 -23.58 15.17 -32.08
N TYR B 333 -23.74 15.67 -33.31
CA TYR B 333 -23.28 15.01 -34.52
C TYR B 333 -22.44 15.99 -35.33
N VAL B 334 -21.52 15.48 -36.13
CA VAL B 334 -20.63 16.27 -36.97
C VAL B 334 -21.06 16.17 -38.41
N ASN B 335 -20.80 17.24 -39.17
CA ASN B 335 -21.17 17.34 -40.56
C ASN B 335 -19.97 17.28 -41.47
N PRO B 336 -20.19 17.23 -42.78
CA PRO B 336 -19.06 17.17 -43.70
C PRO B 336 -18.07 18.32 -43.63
N HIS B 337 -18.48 19.49 -43.15
CA HIS B 337 -17.62 20.65 -43.04
C HIS B 337 -17.15 20.96 -41.60
N GLY B 338 -17.13 19.96 -40.73
CA GLY B 338 -16.62 20.16 -39.38
C GLY B 338 -17.41 21.05 -38.43
N TYR B 339 -18.73 21.18 -38.69
CA TYR B 339 -19.67 21.89 -37.84
C TYR B 339 -20.42 20.85 -37.02
N VAL B 340 -20.58 21.13 -35.74
CA VAL B 340 -21.24 20.24 -34.81
C VAL B 340 -22.67 20.71 -34.58
N HIS B 341 -23.61 19.77 -34.56
CA HIS B 341 -25.02 20.09 -34.33
C HIS B 341 -25.58 19.26 -33.19
N GLU B 342 -26.01 19.93 -32.11
CA GLU B 342 -26.64 19.25 -30.99
C GLU B 342 -28.06 19.02 -31.45
N THR B 343 -28.28 17.97 -32.24
CA THR B 343 -29.56 17.71 -32.86
C THR B 343 -30.48 16.87 -32.01
N LEU B 344 -31.78 17.19 -32.08
CA LEU B 344 -32.86 16.56 -31.33
C LEU B 344 -33.82 15.88 -32.26
N THR B 345 -34.19 14.63 -31.95
CA THR B 345 -35.10 13.82 -32.75
C THR B 345 -36.51 13.96 -32.24
N VAL B 346 -37.43 14.40 -33.10
CA VAL B 346 -38.86 14.57 -32.77
C VAL B 346 -39.72 13.98 -33.87
N TYR B 347 -40.95 13.64 -33.52
CA TYR B 347 -41.90 13.06 -34.45
C TYR B 347 -42.42 14.11 -35.39
N LYS B 348 -43.10 15.14 -34.83
CA LYS B 348 -43.78 16.17 -35.60
C LYS B 348 -43.21 17.56 -35.36
N ALA B 349 -43.27 18.37 -36.41
CA ALA B 349 -42.89 19.76 -36.41
C ALA B 349 -43.81 20.52 -37.35
N CYS B 350 -43.75 21.83 -37.31
CA CYS B 350 -44.61 22.68 -38.12
C CYS B 350 -43.98 24.04 -38.33
N ASN B 351 -44.60 24.86 -39.18
CA ASN B 351 -44.14 26.21 -39.53
C ASN B 351 -42.75 26.14 -40.13
N LEU B 352 -42.57 25.22 -41.05
CA LEU B 352 -41.30 25.00 -41.70
C LEU B 352 -41.47 24.76 -43.19
N ASN B 353 -40.63 25.43 -43.99
CA ASN B 353 -40.58 25.23 -45.42
C ASN B 353 -39.32 24.43 -45.73
N LEU B 354 -39.42 23.46 -46.63
CA LEU B 354 -38.29 22.61 -46.96
C LEU B 354 -37.54 23.17 -48.15
N ILE B 355 -36.19 23.13 -48.08
CA ILE B 355 -35.28 23.63 -49.10
C ILE B 355 -34.50 22.47 -49.68
N GLY B 356 -34.45 22.45 -51.00
CA GLY B 356 -33.77 21.40 -51.75
C GLY B 356 -34.57 20.14 -51.87
N ARG B 357 -33.86 19.05 -52.14
CA ARG B 357 -34.45 17.73 -52.28
C ARG B 357 -33.76 16.78 -51.30
N PRO B 358 -34.46 15.75 -50.84
CA PRO B 358 -33.87 14.81 -49.89
C PRO B 358 -32.60 14.12 -50.37
N SER B 359 -31.66 13.96 -49.45
CA SER B 359 -30.36 13.36 -49.72
C SER B 359 -29.94 12.46 -48.60
N THR B 360 -29.16 11.43 -48.92
CA THR B 360 -28.56 10.54 -47.95
C THR B 360 -27.06 10.84 -47.74
N GLU B 361 -26.56 11.91 -48.35
CA GLU B 361 -25.16 12.27 -48.27
C GLU B 361 -24.74 12.55 -46.86
N HIS B 362 -23.87 11.68 -46.30
CA HIS B 362 -23.32 11.83 -44.97
C HIS B 362 -24.40 11.84 -43.88
N SER B 363 -25.48 11.04 -44.09
CA SER B 363 -26.59 11.01 -43.15
C SER B 363 -26.19 10.40 -41.79
N TRP B 364 -26.65 11.01 -40.69
CA TRP B 364 -26.36 10.54 -39.35
C TRP B 364 -27.18 9.35 -38.92
N PHE B 365 -28.34 9.14 -39.58
CA PHE B 365 -29.26 8.06 -39.29
C PHE B 365 -29.40 7.18 -40.51
N PRO B 366 -28.52 6.15 -40.64
CA PRO B 366 -28.57 5.27 -41.81
C PRO B 366 -29.96 4.78 -42.15
N GLY B 367 -30.31 4.86 -43.43
CA GLY B 367 -31.64 4.48 -43.91
C GLY B 367 -32.62 5.61 -44.05
N TYR B 368 -32.17 6.85 -43.87
CA TYR B 368 -33.01 8.02 -43.95
C TYR B 368 -32.30 9.11 -44.75
N ALA B 369 -33.09 9.90 -45.49
CA ALA B 369 -32.64 11.01 -46.30
C ALA B 369 -33.15 12.35 -45.70
N TRP B 370 -32.23 13.31 -45.59
CA TRP B 370 -32.48 14.59 -44.98
C TRP B 370 -32.84 15.66 -45.98
N THR B 371 -33.60 16.66 -45.52
CA THR B 371 -34.00 17.84 -46.28
C THR B 371 -33.96 19.05 -45.38
N VAL B 372 -33.21 20.10 -45.79
CA VAL B 372 -33.04 21.32 -45.00
C VAL B 372 -34.38 21.93 -44.70
N ALA B 373 -34.56 22.41 -43.46
CA ALA B 373 -35.80 23.01 -42.99
C ALA B 373 -35.57 24.44 -42.48
N GLN B 374 -36.35 25.39 -42.98
CA GLN B 374 -36.24 26.77 -42.58
C GLN B 374 -37.54 27.24 -41.99
N CYS B 375 -37.46 28.25 -41.14
CA CYS B 375 -38.64 28.85 -40.59
C CYS B 375 -39.32 29.64 -41.67
N LYS B 376 -40.61 29.42 -41.86
CA LYS B 376 -41.36 30.11 -42.88
C LYS B 376 -41.51 31.60 -42.66
N ILE B 377 -41.11 32.13 -41.50
CA ILE B 377 -41.22 33.55 -41.19
C ILE B 377 -39.91 34.27 -41.35
N CYS B 378 -38.91 33.91 -40.54
CA CYS B 378 -37.60 34.55 -40.56
C CYS B 378 -36.58 33.88 -41.49
N ALA B 379 -36.89 32.72 -42.06
CA ALA B 379 -36.01 32.01 -42.97
C ALA B 379 -34.70 31.60 -42.31
N SER B 380 -34.78 31.21 -41.05
CA SER B 380 -33.62 30.74 -40.32
C SER B 380 -33.65 29.24 -40.30
N HIS B 381 -32.49 28.63 -40.53
CA HIS B 381 -32.32 27.19 -40.50
C HIS B 381 -32.70 26.62 -39.14
N ILE B 382 -33.57 25.63 -39.13
CA ILE B 382 -34.00 24.96 -37.91
C ILE B 382 -33.47 23.55 -37.79
N GLY B 383 -33.32 22.84 -38.89
CA GLY B 383 -32.83 21.48 -38.89
C GLY B 383 -33.04 20.76 -40.19
N TRP B 384 -33.43 19.50 -40.12
CA TRP B 384 -33.62 18.68 -41.29
C TRP B 384 -34.78 17.71 -41.13
N LYS B 385 -35.35 17.28 -42.25
CA LYS B 385 -36.43 16.33 -42.30
C LYS B 385 -35.92 14.99 -42.87
N PHE B 386 -35.84 13.99 -42.00
CA PHE B 386 -35.39 12.66 -42.34
C PHE B 386 -36.54 11.86 -42.88
N THR B 387 -36.37 11.33 -44.07
CA THR B 387 -37.36 10.52 -44.75
C THR B 387 -36.79 9.13 -45.04
N ALA B 388 -37.54 8.08 -44.71
CA ALA B 388 -37.07 6.72 -44.88
C ALA B 388 -36.88 6.37 -46.33
N THR B 389 -35.84 5.61 -46.63
CA THR B 389 -35.54 5.16 -47.98
C THR B 389 -36.37 3.94 -48.36
N LYS B 390 -36.61 3.05 -47.39
CA LYS B 390 -37.40 1.85 -47.57
C LYS B 390 -38.80 2.05 -46.98
N LYS B 391 -39.78 1.41 -47.58
CA LYS B 391 -41.18 1.52 -47.16
C LYS B 391 -41.48 0.75 -45.90
N ASP B 392 -40.72 -0.31 -45.61
CA ASP B 392 -40.92 -1.14 -44.43
C ASP B 392 -40.46 -0.48 -43.14
N MET B 393 -39.63 0.55 -43.24
CA MET B 393 -39.11 1.24 -42.07
C MET B 393 -40.22 1.98 -41.34
N SER B 394 -40.09 2.08 -40.03
CA SER B 394 -41.02 2.77 -39.17
C SER B 394 -40.25 3.44 -38.04
N PRO B 395 -40.41 4.74 -37.84
CA PRO B 395 -41.26 5.69 -38.55
C PRO B 395 -40.74 6.03 -39.93
N GLN B 396 -41.67 6.35 -40.85
CA GLN B 396 -41.32 6.69 -42.23
C GLN B 396 -40.63 8.05 -42.32
N LYS B 397 -40.88 8.95 -41.37
CA LYS B 397 -40.25 10.26 -41.38
C LYS B 397 -40.19 10.81 -40.02
N PHE B 398 -39.21 11.64 -39.75
CA PHE B 398 -39.05 12.34 -38.48
C PHE B 398 -38.26 13.64 -38.69
N TRP B 399 -38.01 14.39 -37.61
CA TRP B 399 -37.34 15.66 -37.68
C TRP B 399 -36.16 15.74 -36.75
N GLY B 400 -35.10 16.36 -37.24
CA GLY B 400 -33.90 16.63 -36.48
C GLY B 400 -33.66 18.12 -36.40
N LEU B 401 -33.85 18.68 -35.21
CA LEU B 401 -33.73 20.11 -34.96
C LEU B 401 -32.45 20.41 -34.23
N THR B 402 -31.71 21.40 -34.72
CA THR B 402 -30.45 21.83 -34.12
C THR B 402 -30.75 22.69 -32.89
N ARG B 403 -30.09 22.38 -31.76
CA ARG B 403 -30.30 23.06 -30.47
C ARG B 403 -30.02 24.55 -30.52
N SER B 404 -28.98 24.92 -31.23
CA SER B 404 -28.58 26.31 -31.37
C SER B 404 -29.66 27.18 -31.98
N ALA B 405 -30.62 26.59 -32.74
CA ALA B 405 -31.69 27.29 -33.44
C ALA B 405 -33.06 27.19 -32.78
N LEU B 406 -33.15 26.56 -31.61
CA LEU B 406 -34.41 26.43 -30.88
C LEU B 406 -34.40 27.23 -29.56
N LEU B 407 -35.59 27.48 -29.01
CA LEU B 407 -35.77 28.19 -27.75
C LEU B 407 -36.86 27.55 -26.90
N PRO B 408 -36.53 27.06 -25.70
CA PRO B 408 -37.55 26.45 -24.86
C PRO B 408 -38.40 27.52 -24.24
N THR B 409 -39.71 27.37 -24.38
CA THR B 409 -40.68 28.32 -23.88
C THR B 409 -41.63 27.70 -22.86
N ILE B 410 -41.79 28.42 -21.74
CA ILE B 410 -42.64 28.05 -20.64
C ILE B 410 -44.05 28.37 -21.07
N PRO B 411 -45.04 27.51 -20.76
CA PRO B 411 -46.40 27.80 -21.16
C PRO B 411 -46.92 29.05 -20.50
N ASP B 412 -47.64 29.83 -21.27
CA ASP B 412 -48.19 31.11 -20.85
C ASP B 412 -49.37 30.80 -19.95
N THR B 413 -50.54 31.35 -20.19
CA THR B 413 -51.76 30.99 -19.48
C THR B 413 -51.65 31.19 -17.94
N GLU B 414 -52.18 30.25 -17.11
CA GLU B 414 -52.21 30.30 -15.64
C GLU B 414 -53.04 31.46 -15.21
N ASP B 415 -54.26 31.52 -15.76
CA ASP B 415 -55.24 32.60 -15.62
C ASP B 415 -54.80 33.86 -16.36
N GLU B 416 -53.52 33.93 -16.81
CA GLU B 416 -52.90 35.09 -17.43
C GLU B 416 -52.84 36.32 -16.49
N ILE B 417 -53.08 36.15 -15.17
CA ILE B 417 -52.97 37.22 -14.17
C ILE B 417 -51.53 37.18 -13.57
N SER B 418 -50.77 36.07 -13.80
CA SER B 418 -49.39 35.88 -13.38
C SER B 418 -48.56 35.40 -14.56
N PRO B 419 -47.85 36.30 -15.25
CA PRO B 419 -47.00 35.90 -16.38
C PRO B 419 -45.57 35.57 -15.90
N ASP B 420 -44.62 35.42 -16.87
CA ASP B 420 -43.24 35.06 -16.56
C ASP B 420 -42.26 35.44 -17.69
N LYS B 421 -41.04 34.88 -17.60
CA LYS B 421 -39.99 35.05 -18.58
C LYS B 421 -39.02 33.86 -18.52
N VAL B 422 -38.28 33.59 -19.64
CA VAL B 422 -37.36 32.47 -19.71
C VAL B 422 -36.34 32.58 -18.60
N ILE B 423 -36.40 31.66 -17.65
CA ILE B 423 -35.53 31.63 -16.49
C ILE B 423 -35.39 30.18 -15.99
N LEU B 424 -34.20 29.81 -15.51
CA LEU B 424 -33.95 28.48 -14.97
C LEU B 424 -34.25 28.46 -13.51
N CYS B 425 -35.27 27.69 -13.15
CA CYS B 425 -35.67 27.57 -11.76
C CYS B 425 -35.00 26.33 -11.20
N LEU B 426 -34.51 26.44 -9.94
CA LEU B 426 -33.93 25.33 -9.22
C LEU B 426 -32.56 24.92 -9.76
N GLY C 2 -23.99 24.02 -66.24
CA GLY C 2 -22.72 24.65 -65.95
C GLY C 2 -22.59 24.92 -64.49
N GLY C 3 -22.84 26.16 -64.12
CA GLY C 3 -22.77 26.62 -62.73
C GLY C 3 -23.77 25.98 -61.78
N ARG C 4 -23.44 24.76 -61.34
CA ARG C 4 -24.25 23.96 -60.44
C ARG C 4 -24.66 24.72 -59.18
N PRO C 5 -25.69 24.24 -58.48
CA PRO C 5 -26.16 24.96 -57.30
C PRO C 5 -25.12 25.15 -56.21
N LEU C 6 -25.28 26.26 -55.47
CA LEU C 6 -24.44 26.59 -54.32
C LEU C 6 -25.13 26.09 -53.05
N GLN C 7 -24.35 25.65 -52.08
CA GLN C 7 -24.90 25.21 -50.81
C GLN C 7 -24.08 25.73 -49.67
N CYS C 8 -24.71 25.90 -48.53
CA CYS C 8 -24.10 26.44 -47.31
C CYS C 8 -23.39 25.34 -46.59
N GLU C 9 -22.25 25.68 -46.03
CA GLU C 9 -21.43 24.74 -45.31
C GLU C 9 -21.95 24.46 -43.90
N ILE C 10 -22.75 25.36 -43.36
CA ILE C 10 -23.24 25.25 -42.00
C ILE C 10 -24.36 24.26 -41.89
N CYS C 11 -25.30 24.30 -42.82
CA CYS C 11 -26.48 23.46 -42.77
C CYS C 11 -26.83 22.75 -44.06
N GLY C 12 -26.05 22.93 -45.12
CA GLY C 12 -26.34 22.32 -46.40
C GLY C 12 -27.40 23.02 -47.25
N PHE C 13 -27.86 24.19 -46.79
CA PHE C 13 -28.86 24.97 -47.49
C PHE C 13 -28.43 25.24 -48.92
N THR C 14 -29.12 24.61 -49.86
CA THR C 14 -28.86 24.78 -51.27
C THR C 14 -29.52 26.08 -51.78
N CYS C 15 -28.94 26.76 -52.76
CA CYS C 15 -29.49 28.00 -53.32
C CYS C 15 -29.04 28.16 -54.76
N ARG C 16 -29.34 29.31 -55.37
CA ARG C 16 -28.94 29.57 -56.75
C ARG C 16 -28.03 30.78 -56.91
N GLN C 17 -28.61 31.98 -57.00
CA GLN C 17 -27.85 33.22 -57.20
C GLN C 17 -26.83 33.44 -56.10
N LYS C 18 -25.72 34.09 -56.44
CA LYS C 18 -24.57 34.25 -55.57
C LYS C 18 -24.86 34.72 -54.15
N ALA C 19 -25.23 35.94 -54.04
CA ALA C 19 -25.49 36.65 -52.79
C ALA C 19 -26.69 36.15 -51.95
N SER C 20 -27.52 35.30 -52.51
CA SER C 20 -28.64 34.76 -51.75
C SER C 20 -28.14 33.94 -50.56
N LEU C 21 -27.17 33.07 -50.84
CA LEU C 21 -26.54 32.28 -49.81
C LEU C 21 -25.76 33.18 -48.88
N ASN C 22 -25.18 34.31 -49.39
CA ASN C 22 -24.50 35.25 -48.51
C ASN C 22 -25.49 35.83 -47.52
N TRP C 23 -26.74 36.01 -47.94
CA TRP C 23 -27.77 36.45 -47.06
C TRP C 23 -28.12 35.35 -46.06
N HIS C 24 -28.29 34.12 -46.57
CA HIS C 24 -28.63 33.01 -45.69
C HIS C 24 -27.59 32.82 -44.60
N GLN C 25 -26.31 32.75 -44.96
CA GLN C 25 -25.21 32.57 -44.00
C GLN C 25 -25.12 33.71 -42.93
N ARG C 26 -25.51 34.93 -43.31
CA ARG C 26 -25.61 36.03 -42.37
C ARG C 26 -26.56 35.67 -41.22
N LYS C 27 -27.60 34.91 -41.48
CA LYS C 27 -28.58 34.54 -40.49
C LYS C 27 -28.10 33.44 -39.53
N HIS C 28 -26.91 32.88 -39.70
CA HIS C 28 -26.43 31.82 -38.79
C HIS C 28 -25.65 32.36 -37.60
N ALA C 29 -24.45 32.87 -37.85
CA ALA C 29 -23.59 33.39 -36.81
C ALA C 29 -23.98 34.81 -36.35
N GLU C 30 -25.20 35.28 -36.66
CA GLU C 30 -25.65 36.61 -36.25
C GLU C 30 -25.91 36.77 -34.76
N THR C 31 -26.90 36.05 -34.21
CA THR C 31 -27.36 36.17 -32.80
C THR C 31 -28.38 37.33 -32.62
N MET D 21 37.87 -21.68 22.94
CA MET D 21 38.19 -22.79 23.83
C MET D 21 37.66 -24.14 23.33
N SER D 22 36.98 -24.16 22.19
CA SER D 22 36.42 -25.39 21.65
C SER D 22 37.48 -26.25 21.04
N TYR D 23 37.31 -27.56 21.16
CA TYR D 23 38.23 -28.55 20.64
C TYR D 23 37.46 -29.62 19.88
N ASN D 24 37.85 -29.89 18.65
CA ASN D 24 37.17 -30.82 17.77
C ASN D 24 38.14 -31.69 16.99
N TYR D 25 37.60 -32.71 16.31
CA TYR D 25 38.36 -33.72 15.58
C TYR D 25 37.66 -34.09 14.31
N VAL D 26 38.38 -34.05 13.18
CA VAL D 26 37.88 -34.36 11.83
C VAL D 26 38.66 -35.52 11.24
N VAL D 27 37.98 -36.39 10.54
CA VAL D 27 38.58 -37.54 9.88
C VAL D 27 37.79 -37.88 8.62
N THR D 28 38.47 -38.46 7.65
CA THR D 28 37.87 -38.89 6.39
C THR D 28 37.50 -40.35 6.49
N ALA D 29 36.23 -40.65 6.24
CA ALA D 29 35.73 -42.01 6.23
C ALA D 29 35.70 -42.60 4.84
N GLN D 30 35.60 -41.76 3.80
CA GLN D 30 35.59 -42.18 2.42
C GLN D 30 36.45 -41.23 1.61
N LYS D 31 37.27 -41.77 0.73
CA LYS D 31 38.16 -40.98 -0.11
C LYS D 31 37.34 -40.31 -1.23
N PRO D 32 37.75 -39.10 -1.67
CA PRO D 32 37.05 -38.45 -2.79
C PRO D 32 37.16 -39.28 -4.09
N THR D 33 36.00 -39.59 -4.71
CA THR D 33 35.90 -40.45 -5.90
C THR D 33 35.80 -39.70 -7.25
N ALA D 34 35.53 -38.40 -7.23
CA ALA D 34 35.43 -37.60 -8.44
C ALA D 34 36.78 -37.43 -9.09
N VAL D 35 36.80 -37.28 -10.40
CA VAL D 35 38.02 -37.12 -11.16
C VAL D 35 38.09 -35.72 -11.74
N ASN D 36 39.22 -35.05 -11.55
CA ASN D 36 39.50 -33.71 -12.07
C ASN D 36 40.80 -33.64 -12.87
N GLY D 37 41.19 -34.76 -13.45
CA GLY D 37 42.39 -34.86 -14.25
C GLY D 37 42.90 -36.27 -14.48
N CYS D 38 43.39 -36.53 -15.68
CA CYS D 38 43.99 -37.79 -16.04
C CYS D 38 45.00 -37.58 -17.14
N VAL D 39 46.08 -38.38 -17.15
CA VAL D 39 47.16 -38.33 -18.13
C VAL D 39 47.74 -39.70 -18.37
N THR D 40 48.47 -39.82 -19.44
CA THR D 40 49.14 -41.06 -19.84
C THR D 40 50.59 -40.82 -20.16
N GLY D 41 51.41 -41.85 -20.02
CA GLY D 41 52.83 -41.76 -20.31
C GLY D 41 53.64 -42.98 -19.91
N HIS D 42 54.91 -42.74 -19.60
CA HIS D 42 55.87 -43.73 -19.13
C HIS D 42 56.53 -43.21 -17.87
N PHE D 43 55.81 -43.29 -16.76
CA PHE D 43 56.25 -42.74 -15.50
C PHE D 43 57.05 -43.69 -14.62
N THR D 44 56.61 -44.92 -14.50
CA THR D 44 57.30 -45.94 -13.70
C THR D 44 58.58 -46.47 -14.37
N SER D 45 58.53 -46.65 -15.68
CA SER D 45 59.68 -47.13 -16.46
C SER D 45 59.37 -46.90 -17.91
N ALA D 46 60.41 -46.79 -18.71
CA ALA D 46 60.25 -46.52 -20.14
C ALA D 46 59.47 -47.60 -20.88
N GLU D 47 59.37 -48.81 -20.31
CA GLU D 47 58.68 -49.94 -20.92
C GLU D 47 57.21 -49.96 -20.58
N ASP D 48 56.90 -49.83 -19.28
CA ASP D 48 55.51 -49.85 -18.83
C ASP D 48 54.72 -48.65 -19.36
N LEU D 49 53.43 -48.89 -19.59
CA LEU D 49 52.50 -47.88 -20.06
C LEU D 49 51.66 -47.48 -18.89
N ASN D 50 51.86 -46.25 -18.42
CA ASN D 50 51.25 -45.74 -17.21
C ASN D 50 50.08 -44.81 -17.48
N LEU D 51 49.07 -44.89 -16.61
CA LEU D 51 47.90 -44.02 -16.59
C LEU D 51 47.77 -43.44 -15.19
N LEU D 52 47.80 -42.11 -15.07
CA LEU D 52 47.71 -41.42 -13.79
C LEU D 52 46.36 -40.74 -13.70
N ILE D 53 45.66 -40.92 -12.57
CA ILE D 53 44.35 -40.36 -12.31
C ILE D 53 44.39 -39.54 -11.04
N ALA D 54 43.93 -38.30 -11.10
CA ALA D 54 43.84 -37.40 -9.94
C ALA D 54 42.44 -37.35 -9.39
N LYS D 55 42.31 -37.38 -8.07
CA LYS D 55 41.03 -37.30 -7.39
C LYS D 55 41.14 -36.28 -6.29
N ASN D 56 41.12 -35.02 -6.68
CA ASN D 56 41.27 -33.88 -5.80
C ASN D 56 42.62 -33.90 -5.04
N THR D 57 42.66 -34.52 -3.84
CA THR D 57 43.85 -34.59 -3.00
C THR D 57 44.64 -35.90 -3.09
N ARG D 58 44.13 -36.86 -3.85
CA ARG D 58 44.75 -38.16 -4.03
C ARG D 58 45.20 -38.34 -5.48
N LEU D 59 46.21 -39.20 -5.66
CA LEU D 59 46.74 -39.57 -6.97
C LEU D 59 46.93 -41.07 -7.03
N GLU D 60 46.53 -41.67 -8.14
CA GLU D 60 46.61 -43.10 -8.36
C GLU D 60 47.32 -43.39 -9.66
N ILE D 61 48.27 -44.32 -9.60
CA ILE D 61 49.05 -44.77 -10.74
C ILE D 61 48.61 -46.17 -11.11
N TYR D 62 48.51 -46.43 -12.41
CA TYR D 62 48.14 -47.73 -12.94
C TYR D 62 49.02 -48.06 -14.14
N VAL D 63 49.25 -49.35 -14.35
CA VAL D 63 49.98 -49.87 -15.48
C VAL D 63 48.97 -50.52 -16.42
N VAL D 64 49.03 -50.17 -17.69
CA VAL D 64 48.08 -50.61 -18.68
C VAL D 64 48.38 -52.01 -19.14
N THR D 65 47.41 -52.92 -18.98
CA THR D 65 47.47 -54.28 -19.50
C THR D 65 46.38 -54.40 -20.55
N ALA D 66 46.46 -55.43 -21.36
CA ALA D 66 45.48 -55.64 -22.42
C ALA D 66 44.08 -55.92 -21.88
N GLU D 67 44.00 -56.55 -20.70
CA GLU D 67 42.72 -56.90 -20.08
C GLU D 67 42.16 -55.73 -19.29
N GLY D 68 42.97 -55.22 -18.36
CA GLY D 68 42.58 -54.11 -17.52
C GLY D 68 43.75 -53.26 -17.10
N LEU D 69 43.66 -52.67 -15.92
CA LEU D 69 44.69 -51.83 -15.36
C LEU D 69 45.27 -52.47 -14.12
N ARG D 70 46.57 -52.29 -13.92
CA ARG D 70 47.32 -52.84 -12.80
C ARG D 70 47.67 -51.72 -11.82
N PRO D 71 47.02 -51.64 -10.65
CA PRO D 71 47.41 -50.61 -9.69
C PRO D 71 48.76 -50.89 -9.06
N VAL D 72 49.54 -49.83 -8.85
CA VAL D 72 50.90 -49.91 -8.31
C VAL D 72 51.12 -49.05 -7.08
N LYS D 73 50.55 -47.85 -7.08
CA LYS D 73 50.72 -46.93 -5.99
C LYS D 73 49.59 -45.95 -5.94
N GLU D 74 49.25 -45.52 -4.73
CA GLU D 74 48.24 -44.53 -4.43
C GLU D 74 48.76 -43.62 -3.30
N VAL D 75 48.90 -42.34 -3.60
CA VAL D 75 49.46 -41.37 -2.69
C VAL D 75 48.49 -40.27 -2.35
N GLY D 76 48.67 -39.71 -1.16
CA GLY D 76 47.87 -38.59 -0.66
C GLY D 76 48.73 -37.37 -0.46
N MET D 77 48.34 -36.27 -1.09
CA MET D 77 49.07 -35.02 -1.08
C MET D 77 48.51 -34.01 -0.10
N TYR D 78 49.28 -32.94 0.14
CA TYR D 78 48.91 -31.80 0.94
C TYR D 78 48.65 -30.62 0.01
N GLY D 79 47.61 -30.80 -0.81
CA GLY D 79 47.20 -29.82 -1.78
C GLY D 79 46.16 -30.32 -2.77
N LYS D 80 45.30 -29.42 -3.22
CA LYS D 80 44.26 -29.76 -4.19
C LYS D 80 44.85 -29.75 -5.57
N ILE D 81 45.03 -30.93 -6.16
CA ILE D 81 45.61 -31.09 -7.48
C ILE D 81 44.87 -30.24 -8.49
N ALA D 82 45.51 -29.20 -8.98
CA ALA D 82 44.95 -28.31 -9.99
C ALA D 82 45.44 -28.70 -11.38
N VAL D 83 46.76 -28.82 -11.56
CA VAL D 83 47.36 -29.20 -12.84
C VAL D 83 48.24 -30.41 -12.61
N MET D 84 48.25 -31.30 -13.59
CA MET D 84 48.98 -32.57 -13.53
C MET D 84 49.41 -32.97 -14.92
N GLU D 85 50.72 -32.90 -15.23
CA GLU D 85 51.24 -33.20 -16.56
C GLU D 85 52.56 -33.96 -16.50
N LEU D 86 52.74 -34.93 -17.41
CA LEU D 86 53.96 -35.71 -17.53
C LEU D 86 54.83 -35.18 -18.67
N PHE D 87 56.13 -35.40 -18.59
CA PHE D 87 57.06 -34.94 -19.60
C PHE D 87 58.37 -35.69 -19.51
N ARG D 88 59.16 -35.62 -20.57
CA ARG D 88 60.46 -36.29 -20.67
C ARG D 88 61.61 -35.32 -20.96
N PRO D 89 62.46 -35.00 -19.97
CA PRO D 89 63.61 -34.13 -20.25
C PRO D 89 64.69 -34.85 -21.02
N LYS D 90 65.76 -34.14 -21.33
CA LYS D 90 66.87 -34.73 -22.06
C LYS D 90 67.81 -35.35 -21.07
N GLY D 91 68.18 -36.59 -21.32
CA GLY D 91 69.06 -37.34 -20.45
C GLY D 91 68.36 -37.88 -19.23
N GLU D 92 67.13 -38.40 -19.40
CA GLU D 92 66.33 -38.97 -18.32
C GLU D 92 65.88 -40.36 -18.70
N SER D 93 65.86 -41.25 -17.71
CA SER D 93 65.51 -42.66 -17.90
C SER D 93 64.03 -42.84 -18.22
N LYS D 94 63.18 -42.04 -17.57
CA LYS D 94 61.75 -42.14 -17.73
C LYS D 94 61.14 -40.79 -17.52
N ASP D 95 59.81 -40.74 -17.67
CA ASP D 95 59.03 -39.51 -17.58
C ASP D 95 58.92 -39.02 -16.16
N LEU D 96 58.94 -37.69 -16.00
CA LEU D 96 58.76 -37.02 -14.74
C LEU D 96 57.41 -36.35 -14.74
N LEU D 97 56.80 -36.26 -13.56
CA LEU D 97 55.49 -35.65 -13.35
C LEU D 97 55.61 -34.27 -12.73
N PHE D 98 54.66 -33.41 -13.05
CA PHE D 98 54.56 -32.08 -12.51
C PHE D 98 53.14 -31.88 -12.02
N ILE D 99 53.01 -31.45 -10.77
CA ILE D 99 51.72 -31.19 -10.13
C ILE D 99 51.73 -29.79 -9.53
N LEU D 100 50.63 -29.08 -9.71
CA LEU D 100 50.43 -27.76 -9.14
C LEU D 100 49.13 -27.83 -8.37
N THR D 101 49.17 -27.43 -7.10
CA THR D 101 48.03 -27.45 -6.18
C THR D 101 47.19 -26.18 -6.30
N ALA D 102 46.09 -26.12 -5.55
CA ALA D 102 45.21 -24.96 -5.56
C ALA D 102 45.86 -23.79 -4.84
N LYS D 103 46.64 -24.08 -3.79
CA LYS D 103 47.37 -23.07 -3.04
C LYS D 103 48.67 -22.68 -3.72
N TYR D 104 48.82 -22.99 -5.02
CA TYR D 104 49.95 -22.60 -5.83
C TYR D 104 51.25 -23.26 -5.44
N ASN D 105 51.18 -24.48 -4.89
CA ASN D 105 52.36 -25.25 -4.53
C ASN D 105 52.70 -26.14 -5.70
N ALA D 106 53.87 -25.92 -6.32
CA ALA D 106 54.34 -26.69 -7.46
C ALA D 106 55.44 -27.65 -7.07
N CYS D 107 55.42 -28.85 -7.68
CA CYS D 107 56.42 -29.85 -7.44
C CYS D 107 56.56 -30.80 -8.62
N ILE D 108 57.81 -31.18 -8.92
CA ILE D 108 58.16 -32.17 -9.92
C ILE D 108 58.50 -33.44 -9.15
N LEU D 109 58.02 -34.57 -9.65
CA LEU D 109 58.16 -35.85 -9.01
C LEU D 109 58.72 -36.93 -9.94
N GLU D 110 59.44 -37.90 -9.38
CA GLU D 110 59.98 -39.07 -10.07
C GLU D 110 59.57 -40.31 -9.30
N TYR D 111 59.47 -41.44 -10.01
CA TYR D 111 59.07 -42.74 -9.45
C TYR D 111 60.31 -43.62 -9.18
N LYS D 112 60.38 -44.21 -7.97
CA LYS D 112 61.46 -45.11 -7.57
C LYS D 112 60.89 -46.31 -6.85
N GLN D 113 61.38 -47.48 -7.20
CA GLN D 113 60.97 -48.74 -6.60
C GLN D 113 62.20 -49.52 -6.17
N SER D 114 62.27 -49.87 -4.89
CA SER D 114 63.36 -50.64 -4.31
C SER D 114 62.80 -51.90 -3.64
N GLY D 115 62.38 -52.83 -4.48
CA GLY D 115 61.79 -54.07 -4.01
C GLY D 115 60.31 -53.90 -3.75
N GLU D 116 59.85 -54.30 -2.57
CA GLU D 116 58.44 -54.21 -2.20
C GLU D 116 58.02 -52.79 -1.77
N SER D 117 59.00 -51.91 -1.48
CA SER D 117 58.74 -50.54 -1.06
C SER D 117 58.77 -49.63 -2.25
N ILE D 118 57.64 -49.00 -2.49
CA ILE D 118 57.47 -48.06 -3.59
C ILE D 118 57.22 -46.70 -2.97
N ASP D 119 58.14 -45.75 -3.23
CA ASP D 119 58.06 -44.38 -2.75
C ASP D 119 58.20 -43.37 -3.91
N ILE D 120 57.49 -42.23 -3.77
CA ILE D 120 57.49 -41.16 -4.73
C ILE D 120 58.42 -40.06 -4.26
N ILE D 121 59.40 -39.74 -5.09
CA ILE D 121 60.43 -38.78 -4.79
C ILE D 121 60.08 -37.41 -5.32
N THR D 122 60.53 -36.38 -4.61
CA THR D 122 60.35 -34.99 -5.00
C THR D 122 61.68 -34.42 -5.49
N ARG D 123 61.76 -34.09 -6.77
CA ARG D 123 62.97 -33.53 -7.37
C ARG D 123 63.13 -32.05 -7.06
N ALA D 124 62.06 -31.28 -7.23
CA ALA D 124 62.03 -29.86 -6.96
C ALA D 124 60.65 -29.44 -6.49
N HIS D 125 60.60 -28.46 -5.59
CA HIS D 125 59.39 -27.96 -5.00
C HIS D 125 59.46 -26.49 -4.64
N GLY D 126 58.30 -25.86 -4.58
CA GLY D 126 58.18 -24.45 -4.22
C GLY D 126 56.81 -23.86 -4.48
N ASN D 127 56.58 -22.68 -3.90
CA ASN D 127 55.34 -21.94 -4.05
C ASN D 127 55.53 -20.78 -5.02
N VAL D 128 54.54 -20.55 -5.88
CA VAL D 128 54.57 -19.52 -6.90
C VAL D 128 53.62 -18.39 -6.67
N GLN D 129 52.86 -18.43 -5.59
CA GLN D 129 51.88 -17.42 -5.29
C GLN D 129 52.50 -16.04 -5.18
N ASP D 130 51.98 -15.11 -5.95
CA ASP D 130 52.45 -13.73 -6.00
C ASP D 130 51.85 -12.93 -4.86
N ARG D 131 52.50 -11.82 -4.53
CA ARG D 131 52.06 -10.95 -3.46
C ARG D 131 50.73 -10.33 -3.82
N ILE D 132 50.56 -9.89 -5.08
CA ILE D 132 49.33 -9.33 -5.58
C ILE D 132 49.04 -9.86 -6.98
N GLY D 133 47.81 -9.66 -7.40
CA GLY D 133 47.33 -10.07 -8.71
C GLY D 133 45.87 -10.49 -8.68
N ARG D 134 45.23 -10.49 -9.86
CA ARG D 134 43.82 -10.83 -10.02
C ARG D 134 43.68 -12.26 -10.41
N PRO D 135 43.28 -13.15 -9.49
CA PRO D 135 43.09 -14.54 -9.89
C PRO D 135 42.27 -14.62 -11.18
N SER D 136 42.75 -15.40 -12.13
CA SER D 136 42.18 -15.43 -13.46
C SER D 136 40.75 -15.89 -13.51
N GLU D 137 40.08 -15.51 -14.59
CA GLU D 137 38.68 -15.81 -14.83
C GLU D 137 38.51 -17.27 -15.19
N THR D 138 39.32 -17.72 -16.15
CA THR D 138 39.31 -19.10 -16.62
C THR D 138 40.22 -20.04 -15.81
N GLY D 139 40.45 -19.70 -14.55
CA GLY D 139 41.21 -20.54 -13.66
C GLY D 139 42.68 -20.65 -14.00
N ILE D 140 43.38 -21.44 -13.19
CA ILE D 140 44.81 -21.65 -13.35
C ILE D 140 45.04 -22.46 -14.61
N ILE D 141 46.03 -22.06 -15.39
CA ILE D 141 46.41 -22.72 -16.61
C ILE D 141 47.86 -23.10 -16.51
N GLY D 142 48.20 -24.28 -17.02
CA GLY D 142 49.55 -24.79 -17.04
C GLY D 142 49.89 -25.59 -18.28
N ILE D 143 51.02 -25.25 -18.94
CA ILE D 143 51.50 -25.91 -20.15
C ILE D 143 52.99 -26.15 -20.09
N ILE D 144 53.43 -27.14 -20.87
CA ILE D 144 54.84 -27.53 -20.97
C ILE D 144 55.22 -27.52 -22.43
N ASP D 145 56.44 -27.05 -22.72
CA ASP D 145 56.96 -27.02 -24.08
C ASP D 145 57.20 -28.43 -24.54
N PRO D 146 56.88 -28.77 -25.82
CA PRO D 146 57.07 -30.15 -26.28
C PRO D 146 58.47 -30.71 -26.10
N GLU D 147 59.49 -29.85 -26.30
CA GLU D 147 60.89 -30.25 -26.12
C GLU D 147 61.37 -30.13 -24.68
N CYS D 148 60.47 -29.74 -23.75
CA CYS D 148 60.77 -29.59 -22.34
C CYS D 148 61.84 -28.55 -22.10
N ARG D 149 61.56 -27.33 -22.54
CA ARG D 149 62.45 -26.19 -22.40
C ARG D 149 62.06 -25.24 -21.26
N MET D 150 60.78 -25.23 -20.85
CA MET D 150 60.24 -24.39 -19.78
C MET D 150 58.82 -24.79 -19.44
N ILE D 151 58.31 -24.30 -18.33
CA ILE D 151 56.94 -24.52 -17.90
C ILE D 151 56.30 -23.15 -17.83
N GLY D 152 55.13 -23.04 -18.45
CA GLY D 152 54.36 -21.82 -18.50
C GLY D 152 53.09 -21.93 -17.68
N LEU D 153 52.84 -20.92 -16.84
CA LEU D 153 51.67 -20.86 -15.98
C LEU D 153 50.96 -19.54 -16.14
N ARG D 154 49.63 -19.58 -16.04
CA ARG D 154 48.76 -18.41 -16.06
C ARG D 154 47.96 -18.47 -14.77
N LEU D 155 48.27 -17.56 -13.85
CA LEU D 155 47.62 -17.46 -12.55
C LEU D 155 46.89 -16.15 -12.33
N TYR D 156 47.38 -15.07 -12.91
CA TYR D 156 46.80 -13.75 -12.78
C TYR D 156 46.68 -13.13 -14.15
N ASP D 157 45.51 -12.58 -14.47
CA ASP D 157 45.25 -11.97 -15.77
C ASP D 157 46.31 -10.92 -16.10
N GLY D 158 46.93 -11.09 -17.25
CA GLY D 158 47.99 -10.21 -17.72
C GLY D 158 49.41 -10.63 -17.38
N LEU D 159 49.57 -11.64 -16.53
CA LEU D 159 50.87 -12.12 -16.10
C LEU D 159 51.07 -13.55 -16.51
N PHE D 160 52.19 -13.83 -17.16
CA PHE D 160 52.59 -15.16 -17.59
C PHE D 160 53.84 -15.52 -16.84
N LYS D 161 53.73 -16.48 -15.93
CA LYS D 161 54.83 -16.94 -15.12
C LYS D 161 55.58 -18.02 -15.86
N VAL D 162 56.90 -17.91 -15.92
CA VAL D 162 57.79 -18.82 -16.60
C VAL D 162 58.73 -19.46 -15.61
N ILE D 163 58.87 -20.77 -15.71
CA ILE D 163 59.75 -21.56 -14.87
C ILE D 163 60.73 -22.28 -15.79
N PRO D 164 62.01 -21.87 -15.78
CA PRO D 164 62.98 -22.56 -16.63
C PRO D 164 63.19 -24.00 -16.22
N LEU D 165 63.24 -24.92 -17.19
CA LEU D 165 63.45 -26.33 -16.96
C LEU D 165 64.93 -26.68 -17.01
N ASP D 166 65.70 -26.07 -16.12
CA ASP D 166 67.12 -26.33 -15.96
C ASP D 166 67.26 -27.15 -14.70
N ARG D 167 68.21 -28.07 -14.69
CA ARG D 167 68.46 -28.92 -13.55
C ARG D 167 68.79 -28.11 -12.31
N ASP D 168 69.39 -26.92 -12.49
CA ASP D 168 69.80 -26.03 -11.40
C ASP D 168 68.62 -25.51 -10.59
N ASN D 169 67.46 -25.37 -11.23
CA ASN D 169 66.30 -24.80 -10.59
C ASN D 169 65.58 -25.77 -9.67
N LYS D 170 66.28 -26.23 -8.64
CA LYS D 170 65.70 -27.08 -7.61
C LYS D 170 64.68 -26.29 -6.81
N GLU D 171 64.90 -24.98 -6.64
CA GLU D 171 64.01 -24.11 -5.89
C GLU D 171 62.76 -23.70 -6.67
N LEU D 172 62.73 -23.99 -7.99
CA LEU D 172 61.63 -23.64 -8.87
C LEU D 172 61.41 -22.14 -8.95
N LYS D 173 62.48 -21.39 -9.11
CA LYS D 173 62.43 -19.96 -9.29
C LYS D 173 61.76 -19.68 -10.63
N ALA D 174 60.92 -18.68 -10.67
CA ALA D 174 60.19 -18.28 -11.86
C ALA D 174 60.29 -16.80 -12.06
N PHE D 175 59.74 -16.31 -13.17
CA PHE D 175 59.67 -14.90 -13.48
C PHE D 175 58.46 -14.57 -14.31
N ASN D 176 57.90 -13.38 -14.09
CA ASN D 176 56.70 -12.95 -14.79
C ASN D 176 57.00 -12.12 -16.00
N ILE D 177 56.16 -12.26 -17.03
CA ILE D 177 56.17 -11.46 -18.25
C ILE D 177 54.79 -10.85 -18.39
N ARG D 178 54.75 -9.57 -18.79
CA ARG D 178 53.53 -8.80 -18.93
C ARG D 178 52.86 -9.06 -20.22
N LEU D 179 51.54 -9.23 -20.14
CA LEU D 179 50.72 -9.43 -21.31
C LEU D 179 49.74 -8.27 -21.46
N GLU D 180 49.53 -7.86 -22.69
CA GLU D 180 48.60 -6.79 -23.02
C GLU D 180 47.19 -7.37 -23.18
N GLU D 181 47.09 -8.67 -23.51
CA GLU D 181 45.84 -9.39 -23.68
C GLU D 181 45.37 -9.80 -22.30
N LEU D 182 44.24 -9.27 -21.91
CA LEU D 182 43.73 -9.37 -20.56
C LEU D 182 42.91 -10.61 -20.29
N HIS D 183 41.83 -10.78 -21.03
CA HIS D 183 40.94 -11.90 -20.86
C HIS D 183 41.29 -12.98 -21.86
N VAL D 184 42.30 -13.77 -21.49
CA VAL D 184 42.77 -14.87 -22.31
C VAL D 184 41.94 -16.10 -22.02
N ILE D 185 41.37 -16.68 -23.05
CA ILE D 185 40.52 -17.85 -22.92
C ILE D 185 41.34 -19.10 -22.76
N ASP D 186 42.33 -19.29 -23.66
CA ASP D 186 43.19 -20.47 -23.68
C ASP D 186 44.59 -20.16 -24.26
N VAL D 187 45.52 -21.05 -24.03
CA VAL D 187 46.88 -20.94 -24.51
C VAL D 187 47.54 -22.31 -24.56
N LYS D 188 48.43 -22.51 -25.52
CA LYS D 188 49.17 -23.73 -25.70
C LYS D 188 50.54 -23.46 -26.33
N PHE D 189 51.41 -24.46 -26.27
CA PHE D 189 52.70 -24.43 -26.92
C PHE D 189 52.57 -25.02 -28.29
N LEU D 190 53.46 -24.63 -29.19
CA LEU D 190 53.45 -25.14 -30.56
C LEU D 190 54.56 -26.16 -30.76
N TYR D 191 54.30 -27.11 -31.65
CA TYR D 191 55.23 -28.16 -31.99
C TYR D 191 55.97 -27.78 -33.23
N GLY D 192 57.15 -28.35 -33.40
CA GLY D 192 57.99 -28.12 -34.56
C GLY D 192 58.35 -26.67 -34.79
N CYS D 193 58.42 -25.89 -33.71
CA CYS D 193 58.77 -24.49 -33.74
C CYS D 193 60.10 -24.34 -33.08
N GLN D 194 61.04 -23.71 -33.78
CA GLN D 194 62.42 -23.56 -33.35
C GLN D 194 62.55 -22.60 -32.19
N ALA D 195 61.52 -21.77 -31.97
CA ALA D 195 61.42 -20.89 -30.81
C ALA D 195 60.27 -21.37 -29.93
N PRO D 196 60.39 -21.32 -28.60
CA PRO D 196 59.28 -21.71 -27.71
C PRO D 196 58.10 -20.79 -27.89
N THR D 197 57.32 -21.07 -28.92
CA THR D 197 56.20 -20.23 -29.33
C THR D 197 54.94 -20.65 -28.61
N ILE D 198 54.19 -19.65 -28.14
CA ILE D 198 52.90 -19.82 -27.49
C ILE D 198 51.83 -19.25 -28.39
N CYS D 199 50.77 -20.01 -28.61
CA CYS D 199 49.60 -19.59 -29.37
C CYS D 199 48.42 -19.61 -28.44
N PHE D 200 47.71 -18.48 -28.36
CA PHE D 200 46.62 -18.29 -27.41
C PHE D 200 45.43 -17.57 -28.02
N VAL D 201 44.25 -17.90 -27.52
CA VAL D 201 42.98 -17.30 -27.90
C VAL D 201 42.50 -16.40 -26.73
N TYR D 202 42.22 -15.14 -27.03
CA TYR D 202 41.75 -14.17 -26.06
C TYR D 202 40.59 -13.38 -26.61
N GLN D 203 40.08 -12.44 -25.81
CA GLN D 203 38.99 -11.57 -26.19
C GLN D 203 39.32 -10.11 -25.91
N ASP D 204 38.82 -9.23 -26.78
CA ASP D 204 38.92 -7.77 -26.69
C ASP D 204 37.62 -7.15 -27.16
N PRO D 205 37.46 -5.83 -27.08
CA PRO D 205 36.21 -5.24 -27.53
C PRO D 205 35.78 -5.58 -28.96
N GLN D 206 36.73 -5.83 -29.85
CA GLN D 206 36.44 -6.12 -31.24
C GLN D 206 36.05 -7.57 -31.52
N GLY D 207 36.22 -8.44 -30.55
CA GLY D 207 35.90 -9.86 -30.67
C GLY D 207 36.97 -10.77 -30.09
N ARG D 208 36.88 -12.07 -30.39
CA ARG D 208 37.86 -13.04 -29.94
C ARG D 208 38.87 -13.24 -31.03
N HIS D 209 40.13 -13.32 -30.66
CA HIS D 209 41.24 -13.44 -31.61
C HIS D 209 42.28 -14.43 -31.15
N VAL D 210 43.04 -14.96 -32.11
CA VAL D 210 44.14 -15.86 -31.92
C VAL D 210 45.41 -15.07 -32.19
N LYS D 211 46.43 -15.23 -31.34
CA LYS D 211 47.69 -14.48 -31.42
C LYS D 211 48.85 -15.32 -30.92
N THR D 212 50.05 -15.03 -31.41
CA THR D 212 51.26 -15.76 -31.10
C THR D 212 52.35 -14.90 -30.57
N TYR D 213 53.16 -15.49 -29.69
CA TYR D 213 54.34 -14.86 -29.13
C TYR D 213 55.47 -15.87 -29.06
N GLU D 214 56.71 -15.38 -28.97
CA GLU D 214 57.89 -16.19 -28.79
C GLU D 214 58.51 -15.85 -27.44
N VAL D 215 58.64 -16.84 -26.56
CA VAL D 215 59.19 -16.67 -25.23
C VAL D 215 60.69 -16.81 -25.31
N SER D 216 61.43 -15.76 -24.92
CA SER D 216 62.90 -15.75 -24.93
C SER D 216 63.43 -15.74 -23.52
N LEU D 217 64.30 -16.68 -23.20
CA LEU D 217 64.86 -16.83 -21.86
C LEU D 217 66.01 -15.90 -21.59
N ARG D 218 66.82 -15.64 -22.62
CA ARG D 218 67.92 -14.71 -22.54
C ARG D 218 67.35 -13.32 -22.37
N GLU D 219 66.25 -12.98 -23.10
CA GLU D 219 65.60 -11.69 -22.91
C GLU D 219 64.68 -11.70 -21.68
N LYS D 220 64.22 -12.89 -21.24
CA LYS D 220 63.22 -13.06 -20.20
C LYS D 220 62.01 -12.19 -20.60
N GLU D 221 61.65 -12.28 -21.89
CA GLU D 221 60.67 -11.41 -22.51
C GLU D 221 59.96 -12.11 -23.69
N PHE D 222 59.12 -11.38 -24.39
CA PHE D 222 58.44 -11.86 -25.59
C PHE D 222 59.06 -11.24 -26.83
N ASN D 223 58.88 -11.92 -27.95
CA ASN D 223 59.30 -11.47 -29.27
C ASN D 223 58.18 -11.72 -30.23
N LYS D 224 58.12 -10.94 -31.30
CA LYS D 224 57.05 -11.01 -32.29
C LYS D 224 56.74 -12.45 -32.67
N GLY D 225 55.46 -12.77 -32.70
CA GLY D 225 55.00 -14.10 -33.06
C GLY D 225 55.26 -14.41 -34.51
N PRO D 226 55.34 -15.70 -34.86
CA PRO D 226 55.61 -16.05 -36.25
C PRO D 226 54.47 -15.70 -37.21
N TRP D 227 53.23 -15.88 -36.77
CA TRP D 227 52.07 -15.66 -37.61
C TRP D 227 51.48 -14.26 -37.38
N LYS D 228 50.34 -14.02 -37.98
CA LYS D 228 49.62 -12.78 -37.83
C LYS D 228 48.43 -13.02 -36.90
N GLN D 229 47.79 -11.94 -36.49
CA GLN D 229 46.64 -12.00 -35.61
C GLN D 229 45.37 -12.10 -36.46
N GLU D 230 44.71 -13.25 -36.39
CA GLU D 230 43.50 -13.50 -37.12
C GLU D 230 42.31 -13.56 -36.18
N ASN D 231 41.16 -13.10 -36.67
CA ASN D 231 39.92 -13.13 -35.92
C ASN D 231 39.35 -14.53 -36.01
N VAL D 232 38.63 -14.93 -34.98
CA VAL D 232 38.04 -16.25 -34.89
C VAL D 232 36.59 -16.16 -34.41
N GLU D 233 35.96 -17.33 -34.19
CA GLU D 233 34.60 -17.41 -33.72
C GLU D 233 34.48 -16.71 -32.38
N ALA D 234 33.37 -16.02 -32.18
CA ALA D 234 33.13 -15.34 -30.93
C ALA D 234 32.97 -16.33 -29.77
N GLU D 235 32.69 -17.60 -30.07
CA GLU D 235 32.49 -18.67 -29.10
C GLU D 235 33.64 -19.67 -29.06
N ALA D 236 34.84 -19.25 -29.50
CA ALA D 236 36.04 -20.09 -29.45
C ALA D 236 36.39 -20.43 -27.99
N SER D 237 36.23 -21.70 -27.63
CA SER D 237 36.33 -22.19 -26.27
C SER D 237 37.48 -23.12 -25.97
N MET D 238 38.23 -23.55 -26.96
CA MET D 238 39.32 -24.50 -26.75
C MET D 238 40.36 -24.40 -27.85
N VAL D 239 41.64 -24.61 -27.46
CA VAL D 239 42.78 -24.67 -28.36
C VAL D 239 43.46 -26.03 -28.21
N ILE D 240 43.90 -26.60 -29.33
CA ILE D 240 44.55 -27.90 -29.39
C ILE D 240 45.85 -27.79 -30.17
N ALA D 241 46.98 -28.19 -29.53
CA ALA D 241 48.30 -28.12 -30.13
C ALA D 241 48.52 -29.32 -31.01
N VAL D 242 48.74 -29.06 -32.28
CA VAL D 242 48.91 -30.10 -33.25
C VAL D 242 50.35 -30.53 -33.26
N PRO D 243 50.60 -31.85 -33.17
CA PRO D 243 51.97 -32.33 -33.27
C PRO D 243 52.44 -32.50 -34.70
N GLU D 244 53.73 -32.81 -34.85
CA GLU D 244 54.34 -33.06 -36.14
C GLU D 244 53.69 -34.25 -36.81
N PRO D 245 53.75 -34.30 -38.13
CA PRO D 245 54.41 -33.36 -39.06
C PRO D 245 53.61 -32.12 -39.38
N PHE D 246 52.34 -32.04 -38.96
CA PHE D 246 51.47 -30.93 -39.28
C PHE D 246 51.86 -29.66 -38.64
N GLY D 247 51.90 -29.66 -37.33
CA GLY D 247 52.18 -28.45 -36.58
C GLY D 247 50.97 -27.56 -36.55
N GLY D 248 51.16 -26.35 -36.08
CA GLY D 248 50.07 -25.40 -36.00
C GLY D 248 49.17 -25.66 -34.82
N ALA D 249 47.92 -25.21 -34.95
CA ALA D 249 46.92 -25.33 -33.90
C ALA D 249 45.51 -25.48 -34.45
N ILE D 250 44.63 -26.02 -33.62
CA ILE D 250 43.22 -26.22 -33.90
C ILE D 250 42.42 -25.44 -32.90
N ILE D 251 41.32 -24.84 -33.37
CA ILE D 251 40.41 -24.04 -32.56
C ILE D 251 39.02 -24.67 -32.57
N ILE D 252 38.48 -24.97 -31.38
CA ILE D 252 37.16 -25.56 -31.20
C ILE D 252 36.26 -24.56 -30.55
N GLY D 253 35.04 -24.47 -31.02
CA GLY D 253 34.05 -23.57 -30.43
C GLY D 253 32.71 -24.24 -30.31
N GLN D 254 31.64 -23.46 -30.43
CA GLN D 254 30.27 -23.99 -30.38
C GLN D 254 29.84 -24.52 -31.74
N GLU D 255 30.22 -23.84 -32.83
CA GLU D 255 29.77 -24.16 -34.19
C GLU D 255 30.85 -24.35 -35.25
N SER D 256 32.09 -24.07 -34.93
CA SER D 256 33.16 -24.13 -35.89
C SER D 256 34.37 -24.85 -35.35
N ILE D 257 35.08 -25.54 -36.26
CA ILE D 257 36.37 -26.18 -35.99
C ILE D 257 37.34 -25.75 -37.08
N THR D 258 38.37 -25.00 -36.72
CA THR D 258 39.35 -24.46 -37.65
C THR D 258 40.75 -24.90 -37.32
N TYR D 259 41.62 -24.77 -38.31
CA TYR D 259 43.04 -25.08 -38.19
C TYR D 259 43.85 -23.97 -38.79
N HIS D 260 44.77 -23.44 -38.02
CA HIS D 260 45.67 -22.39 -38.46
C HIS D 260 47.13 -22.85 -38.35
N ASN D 261 47.96 -22.39 -39.28
CA ASN D 261 49.39 -22.62 -39.26
C ASN D 261 50.11 -21.72 -40.25
N GLY D 262 50.21 -20.43 -39.91
CA GLY D 262 50.89 -19.45 -40.74
C GLY D 262 50.32 -19.35 -42.12
N ASP D 263 50.88 -20.10 -43.04
CA ASP D 263 50.47 -20.14 -44.43
C ASP D 263 49.34 -21.10 -44.71
N LYS D 264 48.89 -21.88 -43.72
CA LYS D 264 47.85 -22.88 -43.88
C LYS D 264 46.59 -22.55 -43.09
N TYR D 265 45.43 -22.65 -43.75
CA TYR D 265 44.12 -22.45 -43.16
C TYR D 265 43.09 -23.46 -43.65
N LEU D 266 42.39 -24.09 -42.72
CA LEU D 266 41.28 -24.99 -43.00
C LEU D 266 40.14 -24.70 -42.04
N ALA D 267 38.92 -24.98 -42.48
CA ALA D 267 37.73 -24.73 -41.67
C ALA D 267 36.59 -25.67 -42.02
N ILE D 268 35.86 -26.12 -40.99
CA ILE D 268 34.70 -26.97 -41.12
C ILE D 268 33.65 -26.56 -40.09
N ALA D 269 32.39 -26.64 -40.49
CA ALA D 269 31.25 -26.28 -39.65
C ALA D 269 30.31 -27.48 -39.54
N PRO D 270 30.75 -28.53 -38.82
CA PRO D 270 29.91 -29.73 -38.70
C PRO D 270 28.66 -29.48 -37.90
N PRO D 271 27.47 -29.67 -38.49
CA PRO D 271 26.25 -29.46 -37.73
C PRO D 271 26.04 -30.44 -36.59
N ILE D 272 26.74 -31.58 -36.61
CA ILE D 272 26.59 -32.62 -35.60
C ILE D 272 26.93 -32.19 -34.18
N ILE D 273 27.74 -31.16 -34.03
CA ILE D 273 28.19 -30.70 -32.73
C ILE D 273 27.42 -29.51 -32.16
N LYS D 274 26.64 -28.81 -32.99
CA LYS D 274 25.95 -27.60 -32.57
C LYS D 274 25.03 -27.78 -31.36
N GLN D 275 24.60 -28.99 -31.06
CA GLN D 275 23.71 -29.26 -29.94
C GLN D 275 24.31 -28.87 -28.59
N SER D 276 25.57 -29.18 -28.38
CA SER D 276 26.24 -28.85 -27.14
C SER D 276 27.68 -28.54 -27.43
N THR D 277 28.28 -27.72 -26.60
CA THR D 277 29.66 -27.32 -26.78
C THR D 277 30.61 -28.39 -26.31
N ILE D 278 31.76 -28.45 -26.97
CA ILE D 278 32.84 -29.37 -26.64
C ILE D 278 33.66 -28.72 -25.57
N VAL D 279 34.09 -29.52 -24.60
CA VAL D 279 34.77 -29.02 -23.42
C VAL D 279 36.11 -29.67 -23.14
N CYS D 280 36.23 -30.98 -23.35
CA CYS D 280 37.44 -31.73 -23.08
C CYS D 280 37.88 -32.51 -24.30
N HIS D 281 39.13 -33.01 -24.25
CA HIS D 281 39.74 -33.74 -25.33
C HIS D 281 40.97 -34.47 -24.87
N ASN D 282 41.57 -35.20 -25.81
CA ASN D 282 42.87 -35.86 -25.69
C ASN D 282 43.26 -36.47 -27.04
N ARG D 283 44.56 -36.75 -27.19
CA ARG D 283 45.13 -37.27 -28.43
C ARG D 283 45.08 -38.78 -28.48
N VAL D 284 44.68 -39.31 -29.63
CA VAL D 284 44.62 -40.74 -29.88
C VAL D 284 45.87 -41.17 -30.56
N ASP D 285 46.13 -40.64 -31.75
CA ASP D 285 47.31 -40.96 -32.53
C ASP D 285 48.37 -39.89 -32.33
N PRO D 286 49.60 -40.28 -31.94
CA PRO D 286 50.64 -39.26 -31.73
C PRO D 286 50.93 -38.37 -32.93
N ASN D 287 50.82 -38.93 -34.14
CA ASN D 287 51.07 -38.20 -35.38
C ASN D 287 50.09 -37.07 -35.63
N GLY D 288 48.94 -37.13 -35.00
CA GLY D 288 47.90 -36.14 -35.15
C GLY D 288 46.81 -36.46 -36.15
N SER D 289 46.53 -37.74 -36.37
CA SER D 289 45.51 -38.17 -37.33
C SER D 289 44.15 -38.36 -36.71
N ARG D 290 44.09 -38.65 -35.40
CA ARG D 290 42.85 -38.85 -34.70
C ARG D 290 42.90 -38.23 -33.29
N TYR D 291 41.81 -37.51 -32.92
CA TYR D 291 41.60 -36.91 -31.61
C TYR D 291 40.20 -37.24 -31.10
N LEU D 292 40.04 -37.29 -29.79
CA LEU D 292 38.75 -37.53 -29.17
C LEU D 292 38.24 -36.25 -28.57
N LEU D 293 36.91 -36.00 -28.69
CA LEU D 293 36.24 -34.80 -28.19
C LEU D 293 35.04 -35.20 -27.37
N GLY D 294 34.88 -34.54 -26.22
CA GLY D 294 33.78 -34.77 -25.30
C GLY D 294 32.97 -33.51 -25.05
N ASP D 295 31.65 -33.64 -25.07
CA ASP D 295 30.75 -32.51 -24.88
C ASP D 295 30.18 -32.50 -23.47
N MET D 296 29.33 -31.53 -23.21
CA MET D 296 28.73 -31.35 -21.92
C MET D 296 27.67 -32.36 -21.65
N GLU D 297 27.04 -32.90 -22.67
CA GLU D 297 25.95 -33.88 -22.52
C GLU D 297 26.42 -35.36 -22.46
N GLY D 298 27.72 -35.59 -22.43
CA GLY D 298 28.26 -36.95 -22.38
C GLY D 298 28.45 -37.64 -23.71
N ARG D 299 28.33 -36.91 -24.82
CA ARG D 299 28.55 -37.43 -26.16
C ARG D 299 30.03 -37.39 -26.50
N LEU D 300 30.52 -38.47 -27.12
CA LEU D 300 31.91 -38.62 -27.50
C LEU D 300 32.02 -38.64 -28.99
N PHE D 301 32.77 -37.68 -29.55
CA PHE D 301 33.04 -37.52 -30.96
C PHE D 301 34.47 -37.86 -31.27
N MET D 302 34.75 -38.13 -32.56
CA MET D 302 36.08 -38.40 -33.08
C MET D 302 36.42 -37.43 -34.21
N LEU D 303 37.51 -36.68 -34.04
CA LEU D 303 38.05 -35.80 -35.05
C LEU D 303 39.10 -36.57 -35.83
N LEU D 304 39.04 -36.52 -37.16
CA LEU D 304 39.98 -37.19 -38.04
C LEU D 304 40.57 -36.18 -39.03
N LEU D 305 41.89 -36.17 -39.15
CA LEU D 305 42.64 -35.28 -40.02
C LEU D 305 43.18 -36.09 -41.21
N GLU D 306 42.88 -35.63 -42.43
CA GLU D 306 43.30 -36.33 -43.64
C GLU D 306 44.64 -35.83 -44.13
N LYS D 307 45.41 -36.73 -44.70
CA LYS D 307 46.77 -36.49 -45.14
C LYS D 307 46.90 -36.27 -46.63
N GLU D 308 47.60 -35.20 -47.03
CA GLU D 308 47.95 -34.94 -48.43
C GLU D 308 49.46 -35.04 -48.52
N GLU D 309 49.94 -36.25 -48.84
CA GLU D 309 51.36 -36.53 -48.89
C GLU D 309 51.97 -36.04 -50.17
N GLN D 310 52.99 -35.21 -50.05
CA GLN D 310 53.68 -34.69 -51.21
C GLN D 310 54.75 -35.68 -51.61
N MET D 311 55.23 -35.53 -52.83
CA MET D 311 56.37 -36.31 -53.30
C MET D 311 57.64 -35.87 -52.56
N ASP D 312 57.74 -34.57 -52.22
CA ASP D 312 58.87 -34.01 -51.49
C ASP D 312 59.00 -34.62 -50.10
N GLY D 313 57.91 -35.13 -49.56
CA GLY D 313 57.89 -35.72 -48.24
C GLY D 313 57.23 -34.86 -47.18
N THR D 314 56.66 -33.72 -47.59
CA THR D 314 55.99 -32.80 -46.69
C THR D 314 54.50 -33.07 -46.75
N VAL D 315 54.01 -33.83 -45.78
CA VAL D 315 52.61 -34.20 -45.69
C VAL D 315 51.76 -33.05 -45.18
N THR D 316 51.20 -32.28 -46.09
CA THR D 316 50.28 -31.22 -45.73
C THR D 316 48.90 -31.87 -45.44
N LEU D 317 47.94 -31.05 -45.00
CA LEU D 317 46.59 -31.50 -44.66
C LEU D 317 45.61 -31.27 -45.80
N LYS D 318 44.87 -32.31 -46.15
CA LYS D 318 43.90 -32.26 -47.21
C LYS D 318 42.61 -31.65 -46.73
N ASP D 319 42.10 -32.12 -45.57
CA ASP D 319 40.88 -31.61 -44.93
C ASP D 319 40.73 -32.20 -43.52
N LEU D 320 39.57 -31.98 -42.88
CA LEU D 320 39.21 -32.45 -41.56
C LEU D 320 37.93 -33.23 -41.60
N ARG D 321 37.54 -33.84 -40.48
CA ARG D 321 36.33 -34.65 -40.41
C ARG D 321 36.00 -34.99 -38.98
N VAL D 322 34.72 -34.92 -38.62
CA VAL D 322 34.22 -35.23 -37.30
C VAL D 322 33.06 -36.18 -37.41
N GLU D 323 33.00 -37.17 -36.53
CA GLU D 323 31.94 -38.17 -36.51
C GLU D 323 31.65 -38.60 -35.08
N LEU D 324 30.37 -38.61 -34.71
CA LEU D 324 29.96 -38.99 -33.38
C LEU D 324 30.20 -40.48 -33.16
N LEU D 325 30.87 -40.82 -32.08
CA LEU D 325 31.14 -42.20 -31.73
C LEU D 325 30.05 -42.79 -30.86
N GLY D 326 29.61 -42.06 -29.83
CA GLY D 326 28.52 -42.52 -28.97
C GLY D 326 28.24 -41.68 -27.75
N GLU D 327 27.62 -42.31 -26.74
CA GLU D 327 27.29 -41.69 -25.48
C GLU D 327 27.93 -42.45 -24.34
N THR D 328 28.53 -41.73 -23.39
CA THR D 328 29.17 -42.28 -22.21
C THR D 328 28.75 -41.46 -21.01
N SER D 329 29.57 -41.46 -19.95
CA SER D 329 29.34 -40.64 -18.79
C SER D 329 29.80 -39.24 -19.07
N ILE D 330 29.12 -38.27 -18.48
CA ILE D 330 29.42 -36.86 -18.67
C ILE D 330 30.86 -36.65 -18.22
N ALA D 331 31.75 -36.48 -19.17
CA ALA D 331 33.18 -36.48 -18.90
C ALA D 331 33.78 -35.18 -18.48
N GLU D 332 34.75 -35.29 -17.55
CA GLU D 332 35.61 -34.20 -17.11
C GLU D 332 36.96 -34.23 -17.85
N CYS D 333 37.36 -35.41 -18.31
CA CYS D 333 38.61 -35.57 -19.04
C CYS D 333 38.62 -36.89 -19.77
N LEU D 334 39.51 -36.99 -20.74
CA LEU D 334 39.62 -38.15 -21.58
C LEU D 334 41.07 -38.53 -21.81
N THR D 335 41.29 -39.76 -22.29
CA THR D 335 42.61 -40.31 -22.65
C THR D 335 42.50 -41.67 -23.37
N TYR D 336 43.45 -41.94 -24.28
CA TYR D 336 43.51 -43.19 -25.03
C TYR D 336 44.52 -44.09 -24.41
N LEU D 337 44.21 -45.39 -24.33
CA LEU D 337 45.03 -46.39 -23.67
C LEU D 337 45.41 -47.57 -24.57
N ASP D 338 45.58 -47.33 -25.87
CA ASP D 338 45.94 -48.37 -26.84
C ASP D 338 44.91 -49.50 -26.87
N ASN D 339 45.02 -50.39 -27.86
CA ASN D 339 44.13 -51.54 -28.01
C ASN D 339 42.65 -51.12 -28.10
N GLY D 340 42.40 -49.95 -28.65
CA GLY D 340 41.04 -49.44 -28.75
C GLY D 340 40.36 -49.13 -27.44
N VAL D 341 41.11 -49.15 -26.32
CA VAL D 341 40.61 -48.89 -24.99
C VAL D 341 40.71 -47.39 -24.69
N VAL D 342 39.68 -46.86 -24.03
CA VAL D 342 39.60 -45.46 -23.67
C VAL D 342 39.09 -45.33 -22.27
N PHE D 343 39.56 -44.31 -21.56
CA PHE D 343 39.17 -43.97 -20.21
C PHE D 343 38.40 -42.67 -20.15
N VAL D 344 37.18 -42.73 -19.62
CA VAL D 344 36.30 -41.59 -19.44
C VAL D 344 36.31 -41.20 -17.99
N GLY D 345 37.04 -40.14 -17.69
CA GLY D 345 37.12 -39.59 -16.35
C GLY D 345 35.99 -38.61 -16.13
N SER D 346 34.96 -39.05 -15.42
CA SER D 346 33.79 -38.26 -15.13
C SER D 346 33.73 -37.94 -13.66
N ARG D 347 33.37 -36.69 -13.34
CA ARG D 347 33.17 -36.24 -11.97
C ARG D 347 31.69 -36.06 -11.57
N LEU D 348 30.75 -36.19 -12.53
CA LEU D 348 29.32 -36.15 -12.28
C LEU D 348 28.73 -37.53 -12.09
N GLY D 349 29.19 -38.49 -12.87
CA GLY D 349 28.76 -39.86 -12.76
C GLY D 349 29.93 -40.78 -12.55
N ASP D 350 29.67 -42.07 -12.59
CA ASP D 350 30.68 -43.08 -12.43
C ASP D 350 31.70 -42.98 -13.57
N SER D 351 32.98 -43.16 -13.23
CA SER D 351 34.02 -43.18 -14.25
C SER D 351 33.86 -44.44 -15.08
N GLN D 352 34.34 -44.40 -16.31
CA GLN D 352 34.15 -45.50 -17.23
C GLN D 352 35.38 -45.92 -18.00
N LEU D 353 35.40 -47.18 -18.44
CA LEU D 353 36.36 -47.73 -19.36
C LEU D 353 35.55 -48.32 -20.50
N VAL D 354 35.87 -47.92 -21.72
CA VAL D 354 35.14 -48.28 -22.92
C VAL D 354 36.06 -48.83 -24.00
N LYS D 355 35.47 -49.53 -24.98
CA LYS D 355 36.15 -50.11 -26.13
C LYS D 355 35.61 -49.46 -27.39
N LEU D 356 36.49 -49.28 -28.37
CA LEU D 356 36.15 -48.71 -29.65
C LEU D 356 36.38 -49.71 -30.76
N ASN D 357 35.27 -50.16 -31.37
CA ASN D 357 35.28 -51.08 -32.50
C ASN D 357 34.92 -50.30 -33.76
N VAL D 358 35.52 -50.73 -34.88
CA VAL D 358 35.32 -50.12 -36.18
C VAL D 358 33.89 -50.29 -36.69
N ASP D 359 33.17 -51.30 -36.19
CA ASP D 359 31.80 -51.58 -36.59
C ASP D 359 30.82 -51.21 -35.49
N SER D 360 29.66 -50.66 -35.90
CA SER D 360 28.62 -50.26 -34.97
C SER D 360 27.93 -51.47 -34.38
N ASN D 361 27.31 -51.28 -33.23
CA ASN D 361 26.56 -52.32 -32.55
C ASN D 361 25.15 -52.40 -33.16
N GLU D 362 24.29 -53.25 -32.60
CA GLU D 362 22.94 -53.40 -33.07
C GLU D 362 22.17 -52.09 -32.97
N GLN D 363 22.50 -51.27 -31.97
CA GLN D 363 21.84 -49.99 -31.77
C GLN D 363 22.31 -48.90 -32.73
N GLY D 364 23.57 -48.99 -33.15
CA GLY D 364 24.20 -48.03 -34.05
C GLY D 364 25.38 -47.26 -33.47
N SER D 365 25.82 -47.58 -32.24
CA SER D 365 26.95 -46.92 -31.58
C SER D 365 28.23 -47.72 -31.75
N TYR D 366 29.34 -47.01 -31.92
CA TYR D 366 30.64 -47.64 -32.10
C TYR D 366 31.40 -47.79 -30.77
N VAL D 367 30.83 -47.34 -29.64
CA VAL D 367 31.44 -47.44 -28.33
C VAL D 367 30.75 -48.51 -27.53
N VAL D 368 31.53 -49.31 -26.80
CA VAL D 368 31.04 -50.38 -25.96
C VAL D 368 31.59 -50.17 -24.56
N ALA D 369 30.70 -50.19 -23.56
CA ALA D 369 31.07 -50.00 -22.17
C ALA D 369 31.73 -51.26 -21.61
N MET D 370 32.98 -51.13 -21.16
CA MET D 370 33.73 -52.26 -20.62
C MET D 370 33.56 -52.36 -19.11
N GLU D 371 33.66 -51.24 -18.40
CA GLU D 371 33.52 -51.24 -16.94
C GLU D 371 33.15 -49.87 -16.39
N THR D 372 32.50 -49.89 -15.21
CA THR D 372 32.08 -48.72 -14.48
C THR D 372 32.75 -48.68 -13.12
N PHE D 373 33.00 -47.48 -12.61
CA PHE D 373 33.61 -47.26 -11.32
C PHE D 373 32.80 -46.23 -10.55
N THR D 374 32.20 -46.66 -9.44
CA THR D 374 31.33 -45.81 -8.63
C THR D 374 31.98 -44.47 -8.29
N ASN D 375 31.20 -43.41 -8.40
CA ASN D 375 31.62 -42.07 -8.09
C ASN D 375 30.50 -41.38 -7.38
N LEU D 376 30.67 -41.20 -6.09
CA LEU D 376 29.66 -40.61 -5.23
C LEU D 376 29.46 -39.10 -5.44
N GLY D 377 30.44 -38.44 -6.03
CA GLY D 377 30.36 -37.00 -6.25
C GLY D 377 29.53 -36.63 -7.45
N PRO D 378 28.74 -35.57 -7.35
CA PRO D 378 28.52 -34.69 -6.21
C PRO D 378 27.40 -35.13 -5.27
N ILE D 379 27.67 -35.10 -3.96
CA ILE D 379 26.71 -35.41 -2.91
C ILE D 379 26.01 -34.11 -2.50
N VAL D 380 24.69 -34.03 -2.69
CA VAL D 380 23.90 -32.83 -2.42
C VAL D 380 23.12 -32.90 -1.13
N ASP D 381 22.68 -34.10 -0.75
CA ASP D 381 21.96 -34.33 0.48
C ASP D 381 22.00 -35.81 0.81
N MET D 382 21.79 -36.13 2.07
CA MET D 382 21.87 -37.48 2.58
C MET D 382 21.11 -37.64 3.89
N CYS D 383 21.09 -38.87 4.41
CA CYS D 383 20.44 -39.20 5.67
C CYS D 383 20.97 -40.50 6.20
N VAL D 384 21.05 -40.59 7.52
CA VAL D 384 21.50 -41.77 8.23
C VAL D 384 20.27 -42.51 8.67
N VAL D 385 20.18 -43.80 8.29
CA VAL D 385 19.07 -44.68 8.62
C VAL D 385 19.58 -46.07 9.01
N ASP D 386 18.73 -46.83 9.69
CA ASP D 386 19.04 -48.18 10.10
C ASP D 386 17.92 -49.07 9.63
N LEU D 387 17.97 -49.43 8.35
CA LEU D 387 16.98 -50.30 7.71
C LEU D 387 16.80 -51.56 8.53
N GLU D 388 17.87 -52.34 8.66
CA GLU D 388 17.91 -53.49 9.53
C GLU D 388 18.43 -52.92 10.82
N ARG D 389 17.51 -52.69 11.80
CA ARG D 389 17.81 -52.07 13.08
C ARG D 389 18.84 -52.85 13.87
N GLN D 390 20.09 -52.76 13.44
CA GLN D 390 21.22 -53.44 14.07
C GLN D 390 21.90 -52.55 15.07
N GLY D 391 21.59 -51.24 15.03
CA GLY D 391 22.29 -50.25 15.82
C GLY D 391 23.61 -49.87 15.19
N GLN D 392 23.90 -50.39 13.97
CA GLN D 392 25.15 -50.14 13.30
C GLN D 392 25.08 -48.78 12.60
N GLY D 393 24.27 -48.69 11.56
CA GLY D 393 24.11 -47.47 10.81
C GLY D 393 24.36 -47.65 9.32
N GLN D 394 23.54 -47.00 8.51
CA GLN D 394 23.67 -46.98 7.06
C GLN D 394 23.47 -45.56 6.58
N LEU D 395 24.12 -45.20 5.48
CA LEU D 395 24.02 -43.88 4.89
C LEU D 395 23.39 -43.96 3.52
N VAL D 396 22.48 -43.02 3.21
CA VAL D 396 21.81 -42.92 1.92
C VAL D 396 22.03 -41.52 1.40
N THR D 397 22.62 -41.41 0.21
CA THR D 397 23.04 -40.16 -0.38
C THR D 397 22.51 -39.95 -1.77
N CYS D 398 22.26 -38.67 -2.11
CA CYS D 398 21.85 -38.23 -3.43
C CYS D 398 23.09 -37.79 -4.18
N SER D 399 23.57 -38.63 -5.08
CA SER D 399 24.76 -38.39 -5.88
C SER D 399 24.43 -38.22 -7.34
N GLY D 400 25.40 -37.75 -8.11
CA GLY D 400 25.24 -37.54 -9.54
C GLY D 400 24.40 -36.35 -9.93
N ALA D 401 24.14 -36.21 -11.21
CA ALA D 401 23.33 -35.12 -11.76
C ALA D 401 22.95 -35.44 -13.16
N PHE D 402 21.79 -34.94 -13.58
CA PHE D 402 21.25 -35.14 -14.91
C PHE D 402 21.06 -36.65 -15.17
N LYS D 403 21.45 -37.15 -16.35
CA LYS D 403 21.32 -38.58 -16.64
C LYS D 403 22.16 -39.48 -15.73
N GLU D 404 23.15 -38.91 -15.06
CA GLU D 404 23.99 -39.65 -14.12
C GLU D 404 23.43 -39.68 -12.71
N GLY D 405 22.38 -38.91 -12.45
CA GLY D 405 21.75 -38.87 -11.15
C GLY D 405 21.50 -40.25 -10.61
N SER D 406 21.73 -40.42 -9.33
CA SER D 406 21.64 -41.71 -8.68
C SER D 406 21.59 -41.58 -7.16
N LEU D 407 21.31 -42.70 -6.49
CA LEU D 407 21.33 -42.81 -5.05
C LEU D 407 22.35 -43.86 -4.66
N ARG D 408 23.02 -43.63 -3.54
CA ARG D 408 24.07 -44.50 -3.06
C ARG D 408 23.77 -44.89 -1.64
N ILE D 409 23.99 -46.17 -1.32
CA ILE D 409 23.77 -46.72 0.01
C ILE D 409 25.11 -47.25 0.49
N ILE D 410 25.54 -46.79 1.66
CA ILE D 410 26.84 -47.10 2.21
C ILE D 410 26.76 -47.72 3.60
N ARG D 411 27.63 -48.72 3.85
CA ARG D 411 27.78 -49.38 5.14
C ARG D 411 29.22 -49.87 5.32
N ASN D 412 29.48 -50.49 6.47
CA ASN D 412 30.77 -51.10 6.79
C ASN D 412 30.76 -52.59 6.39
N GLY D 413 31.93 -53.11 6.02
CA GLY D 413 32.09 -54.51 5.60
C GLY D 413 33.24 -55.22 6.28
N LYS D 425 36.92 -52.37 2.25
CA LYS D 425 36.27 -52.40 3.58
C LYS D 425 34.81 -51.98 3.48
N LEU D 426 34.54 -50.75 3.04
CA LEU D 426 33.19 -50.22 2.94
C LEU D 426 32.43 -50.84 1.81
N HIS D 427 31.12 -51.03 2.00
CA HIS D 427 30.21 -51.62 1.03
C HIS D 427 29.29 -50.55 0.50
N ILE D 428 29.17 -50.47 -0.83
CA ILE D 428 28.34 -49.49 -1.51
C ILE D 428 27.38 -50.19 -2.45
N ARG D 429 26.15 -49.65 -2.54
CA ARG D 429 25.11 -50.11 -3.44
C ARG D 429 24.57 -48.92 -4.22
N THR D 430 24.51 -49.09 -5.55
CA THR D 430 24.11 -48.05 -6.47
C THR D 430 22.67 -48.22 -6.92
N VAL D 431 22.01 -47.09 -7.18
CA VAL D 431 20.65 -47.03 -7.66
C VAL D 431 20.53 -45.89 -8.68
N PRO D 432 20.64 -46.18 -9.99
CA PRO D 432 20.50 -45.11 -10.98
C PRO D 432 19.12 -44.47 -10.99
N LEU D 433 19.05 -43.21 -11.39
CA LEU D 433 17.82 -42.46 -11.48
C LEU D 433 17.59 -41.79 -12.82
N TYR D 434 18.67 -41.33 -13.47
CA TYR D 434 18.60 -40.65 -14.76
C TYR D 434 17.89 -39.31 -14.67
N GLU D 435 17.96 -38.68 -13.50
CA GLU D 435 17.44 -37.35 -13.22
C GLU D 435 18.06 -36.84 -11.93
N SER D 436 18.26 -35.54 -11.85
CA SER D 436 18.94 -34.92 -10.73
C SER D 436 18.23 -35.04 -9.40
N PRO D 437 18.82 -35.77 -8.42
CA PRO D 437 18.22 -35.79 -7.08
C PRO D 437 18.63 -34.58 -6.27
N ARG D 438 17.77 -34.18 -5.32
CA ARG D 438 17.93 -32.98 -4.52
C ARG D 438 17.97 -33.25 -3.02
N LYS D 439 16.85 -33.65 -2.41
CA LYS D 439 16.76 -33.92 -0.98
C LYS D 439 16.42 -35.37 -0.76
N ILE D 440 16.26 -35.77 0.50
CA ILE D 440 15.90 -37.13 0.86
C ILE D 440 15.30 -37.13 2.25
N CYS D 441 14.48 -38.14 2.52
CA CYS D 441 13.77 -38.29 3.77
C CYS D 441 13.59 -39.76 4.09
N TYR D 442 13.05 -40.05 5.26
CA TYR D 442 12.83 -41.40 5.73
C TYR D 442 11.54 -41.51 6.53
N GLN D 443 10.80 -42.58 6.31
CA GLN D 443 9.58 -42.88 7.03
C GLN D 443 9.70 -44.31 7.51
N GLU D 444 9.60 -44.50 8.82
CA GLU D 444 9.68 -45.83 9.40
C GLU D 444 8.31 -46.47 9.48
N VAL D 445 7.27 -45.71 9.86
CA VAL D 445 5.92 -46.26 9.95
C VAL D 445 5.48 -46.84 8.62
N SER D 446 5.90 -46.23 7.51
CA SER D 446 5.57 -46.70 6.18
C SER D 446 6.69 -47.48 5.52
N GLN D 447 7.91 -47.45 6.08
CA GLN D 447 9.07 -48.16 5.58
C GLN D 447 9.37 -47.78 4.13
N CYS D 448 9.51 -46.48 3.88
CA CYS D 448 9.79 -45.94 2.56
C CYS D 448 10.46 -44.56 2.68
N PHE D 449 11.12 -44.16 1.61
CA PHE D 449 11.86 -42.92 1.48
C PHE D 449 11.19 -41.96 0.52
N GLY D 450 11.30 -40.65 0.82
CA GLY D 450 10.81 -39.57 0.00
C GLY D 450 11.96 -38.73 -0.51
N VAL D 451 12.06 -38.54 -1.83
CA VAL D 451 13.15 -37.85 -2.51
C VAL D 451 12.63 -36.81 -3.47
N LEU D 452 13.25 -35.64 -3.45
CA LEU D 452 12.96 -34.58 -4.39
C LEU D 452 13.91 -34.72 -5.56
N SER D 453 13.37 -34.67 -6.77
CA SER D 453 14.12 -34.82 -7.99
C SER D 453 13.72 -33.80 -9.01
N SER D 454 14.51 -33.67 -10.05
CA SER D 454 14.26 -32.73 -11.12
C SER D 454 14.79 -33.26 -12.44
N ARG D 455 13.93 -33.39 -13.44
CA ARG D 455 14.30 -33.82 -14.77
C ARG D 455 14.28 -32.64 -15.72
N ILE D 456 14.89 -32.85 -16.89
CA ILE D 456 14.96 -31.84 -17.93
C ILE D 456 14.05 -32.24 -19.07
N GLU D 457 13.22 -31.31 -19.50
CA GLU D 457 12.38 -31.47 -20.66
C GLU D 457 12.65 -30.33 -21.61
N VAL D 458 12.21 -30.48 -22.85
CA VAL D 458 12.38 -29.49 -23.91
C VAL D 458 11.05 -29.14 -24.52
N GLN D 459 10.95 -27.92 -25.00
CA GLN D 459 9.76 -27.45 -25.65
C GLN D 459 9.55 -28.23 -26.94
N ASP D 460 8.46 -29.00 -26.97
CA ASP D 460 8.13 -29.84 -28.11
C ASP D 460 7.46 -29.02 -29.22
N THR D 461 6.89 -29.71 -30.20
CA THR D 461 6.22 -29.09 -31.34
C THR D 461 4.97 -28.32 -30.92
N SER D 462 4.22 -28.86 -29.95
CA SER D 462 2.99 -28.23 -29.45
C SER D 462 3.30 -27.15 -28.39
N GLY D 463 2.32 -26.87 -27.53
CA GLY D 463 2.47 -25.87 -26.49
C GLY D 463 3.19 -26.35 -25.26
N GLY D 464 3.11 -27.65 -24.99
CA GLY D 464 3.73 -28.26 -23.82
C GLY D 464 5.20 -28.58 -23.99
N THR D 465 5.65 -29.64 -23.31
CA THR D 465 7.02 -30.08 -23.34
C THR D 465 7.08 -31.61 -23.36
N THR D 466 8.25 -32.15 -23.68
CA THR D 466 8.50 -33.59 -23.71
C THR D 466 9.87 -33.90 -23.17
N ALA D 467 10.03 -35.12 -22.65
CA ALA D 467 11.27 -35.57 -22.04
C ALA D 467 12.29 -36.07 -23.05
N LEU D 468 13.56 -35.98 -22.68
CA LEU D 468 14.66 -36.41 -23.52
C LEU D 468 14.87 -37.89 -23.40
N ARG D 469 15.00 -38.38 -22.15
CA ARG D 469 15.23 -39.79 -21.88
C ARG D 469 14.37 -40.29 -20.72
N PRO D 470 14.25 -41.62 -20.57
CA PRO D 470 13.44 -42.16 -19.48
C PRO D 470 14.14 -41.99 -18.15
N SER D 471 13.39 -41.51 -17.18
CA SER D 471 13.86 -41.31 -15.83
C SER D 471 12.91 -41.98 -14.85
N ALA D 472 13.18 -41.81 -13.57
CA ALA D 472 12.36 -42.42 -12.53
C ALA D 472 10.95 -41.85 -12.50
N SER D 473 10.78 -40.56 -12.77
CA SER D 473 9.47 -39.91 -12.74
C SER D 473 8.54 -40.34 -13.87
N THR D 474 9.10 -40.81 -14.99
CA THR D 474 8.34 -41.26 -16.15
C THR D 474 8.08 -42.75 -16.17
N GLN D 475 8.86 -43.52 -15.42
CA GLN D 475 8.70 -44.97 -15.33
C GLN D 475 8.14 -45.38 -13.97
N ALA D 476 7.46 -44.47 -13.27
CA ALA D 476 6.89 -44.78 -11.97
C ALA D 476 5.75 -45.77 -12.10
N LEU D 477 5.71 -46.73 -11.17
CA LEU D 477 4.66 -47.75 -11.14
C LEU D 477 3.29 -47.12 -11.01
N SER D 478 3.24 -46.00 -10.27
CA SER D 478 2.06 -45.18 -10.14
C SER D 478 2.51 -43.72 -10.12
N SER D 479 1.78 -42.87 -10.83
CA SER D 479 2.09 -41.46 -10.98
C SER D 479 0.91 -40.57 -10.61
N SER D 480 1.13 -39.25 -10.62
CA SER D 480 0.12 -38.26 -10.30
C SER D 480 0.64 -36.86 -10.59
N VAL D 481 -0.22 -35.86 -10.48
CA VAL D 481 0.09 -34.48 -10.72
C VAL D 481 -0.63 -33.59 -9.72
N SER D 482 -0.07 -32.43 -9.39
CA SER D 482 -0.71 -31.48 -8.48
C SER D 482 -1.80 -30.75 -9.23
N SER D 483 -2.87 -30.41 -8.54
CA SER D 483 -4.05 -29.81 -9.15
C SER D 483 -4.49 -28.49 -8.57
N SER D 484 -3.73 -27.91 -7.63
CA SER D 484 -4.11 -26.66 -7.01
C SER D 484 -4.41 -25.56 -8.01
N LYS D 485 -5.36 -24.68 -7.65
CA LYS D 485 -5.76 -23.56 -8.49
C LYS D 485 -5.72 -22.25 -7.71
N LEU D 486 -4.62 -22.01 -7.02
CA LEU D 486 -4.41 -20.78 -6.28
C LEU D 486 -3.68 -19.71 -7.09
N PHE D 487 -2.80 -20.12 -8.01
CA PHE D 487 -2.02 -19.21 -8.84
C PHE D 487 -2.30 -19.35 -10.34
N SER D 488 -3.41 -19.98 -10.75
CA SER D 488 -3.75 -20.12 -12.16
C SER D 488 -4.03 -18.75 -12.79
N SER D 489 -4.66 -17.84 -12.00
CA SER D 489 -4.95 -16.46 -12.37
C SER D 489 -3.80 -15.56 -11.86
N SER D 490 -4.03 -14.23 -11.75
CA SER D 490 -3.04 -13.28 -11.27
C SER D 490 -1.85 -13.21 -12.25
N THR D 491 -0.80 -13.91 -11.89
CA THR D 491 0.42 -13.99 -12.64
C THR D 491 0.17 -14.99 -13.77
N ALA D 492 -0.44 -14.51 -14.88
CA ALA D 492 -0.80 -15.37 -16.00
C ALA D 492 0.44 -15.99 -16.62
N PRO D 493 0.48 -17.33 -16.78
CA PRO D 493 1.69 -17.95 -17.34
C PRO D 493 2.13 -17.35 -18.66
N HIS D 494 3.46 -17.15 -18.77
CA HIS D 494 4.12 -16.53 -19.91
C HIS D 494 4.70 -17.57 -20.85
N GLU D 495 4.66 -17.23 -22.15
CA GLU D 495 5.12 -18.08 -23.23
C GLU D 495 6.64 -18.32 -23.22
N THR D 496 7.04 -19.30 -24.03
CA THR D 496 8.43 -19.70 -24.21
C THR D 496 8.67 -20.06 -25.68
N SER D 497 9.91 -19.89 -26.13
CA SER D 497 10.29 -20.25 -27.48
C SER D 497 10.61 -21.74 -27.52
N PHE D 498 10.64 -22.30 -28.74
CA PHE D 498 10.88 -23.72 -28.94
C PHE D 498 12.35 -24.09 -28.77
N GLY D 499 12.57 -25.34 -28.42
CA GLY D 499 13.91 -25.87 -28.16
C GLY D 499 14.52 -25.50 -26.83
N GLU D 500 13.87 -24.65 -26.07
CA GLU D 500 14.40 -24.23 -24.80
C GLU D 500 14.24 -25.37 -23.81
N GLU D 501 15.14 -25.44 -22.83
CA GLU D 501 15.13 -26.45 -21.79
C GLU D 501 14.40 -25.94 -20.55
N VAL D 502 13.76 -26.84 -19.79
CA VAL D 502 13.06 -26.49 -18.56
C VAL D 502 13.15 -27.63 -17.57
N GLU D 503 13.10 -27.30 -16.28
CA GLU D 503 13.19 -28.24 -15.19
C GLU D 503 11.82 -28.59 -14.66
N VAL D 504 11.50 -29.88 -14.71
CA VAL D 504 10.26 -30.43 -14.19
C VAL D 504 10.62 -31.11 -12.90
N HIS D 505 10.06 -30.62 -11.80
CA HIS D 505 10.30 -31.16 -10.47
C HIS D 505 9.34 -32.30 -10.14
N ASN D 506 9.76 -33.19 -9.25
CA ASN D 506 9.00 -34.35 -8.84
C ASN D 506 9.36 -34.81 -7.42
N LEU D 507 8.43 -35.52 -6.79
CA LEU D 507 8.59 -36.12 -5.48
C LEU D 507 8.38 -37.62 -5.65
N LEU D 508 9.41 -38.39 -5.34
CA LEU D 508 9.40 -39.83 -5.50
C LEU D 508 9.33 -40.55 -4.17
N ILE D 509 8.44 -41.54 -4.07
CA ILE D 509 8.28 -42.41 -2.93
C ILE D 509 8.82 -43.77 -3.33
N ILE D 510 9.80 -44.28 -2.55
CA ILE D 510 10.54 -45.49 -2.84
C ILE D 510 10.51 -46.44 -1.67
N ASP D 511 10.54 -47.74 -1.96
CA ASP D 511 10.59 -48.76 -0.92
C ASP D 511 12.03 -48.86 -0.41
N GLN D 512 12.16 -49.14 0.89
CA GLN D 512 13.46 -49.20 1.54
C GLN D 512 14.27 -50.46 1.25
N HIS D 513 13.60 -51.53 0.87
CA HIS D 513 14.26 -52.80 0.57
C HIS D 513 14.47 -53.00 -0.92
N THR D 514 13.39 -52.92 -1.70
CA THR D 514 13.44 -53.15 -3.14
C THR D 514 13.92 -51.96 -3.93
N PHE D 515 13.81 -50.75 -3.38
CA PHE D 515 14.21 -49.53 -4.04
C PHE D 515 13.44 -49.26 -5.33
N GLU D 516 12.18 -49.69 -5.36
CA GLU D 516 11.33 -49.50 -6.50
C GLU D 516 10.77 -48.10 -6.52
N VAL D 517 10.48 -47.60 -7.72
CA VAL D 517 9.85 -46.30 -7.88
C VAL D 517 8.35 -46.49 -7.60
N LEU D 518 7.99 -46.60 -6.33
CA LEU D 518 6.62 -46.85 -5.93
C LEU D 518 5.65 -45.79 -6.44
N HIS D 519 5.95 -44.52 -6.15
CA HIS D 519 5.11 -43.40 -6.58
C HIS D 519 5.94 -42.23 -7.05
N ALA D 520 5.38 -41.43 -7.95
CA ALA D 520 6.00 -40.24 -8.50
C ALA D 520 4.98 -39.13 -8.72
N HIS D 521 5.07 -38.05 -7.89
CA HIS D 521 4.19 -36.89 -7.96
C HIS D 521 4.87 -35.76 -8.69
N GLN D 522 4.24 -35.28 -9.77
CA GLN D 522 4.75 -34.19 -10.59
C GLN D 522 4.14 -32.89 -10.13
N PHE D 523 5.00 -31.94 -9.76
CA PHE D 523 4.58 -30.66 -9.24
C PHE D 523 4.06 -29.76 -10.34
N LEU D 524 3.61 -28.58 -9.96
CA LEU D 524 3.05 -27.61 -10.90
C LEU D 524 4.13 -27.05 -11.81
N GLN D 525 3.71 -26.30 -12.81
CA GLN D 525 4.60 -25.63 -13.73
C GLN D 525 5.14 -24.39 -13.06
N ASN D 526 6.33 -23.95 -13.45
CA ASN D 526 6.96 -22.76 -12.91
C ASN D 526 7.17 -22.88 -11.41
N GLU D 527 7.41 -24.10 -10.93
CA GLU D 527 7.59 -24.39 -9.52
C GLU D 527 8.93 -25.06 -9.27
N TYR D 528 9.42 -24.89 -8.03
CA TYR D 528 10.69 -25.43 -7.56
C TYR D 528 10.55 -25.94 -6.13
N ALA D 529 10.88 -27.21 -5.90
CA ALA D 529 10.84 -27.80 -4.57
C ALA D 529 12.15 -27.50 -3.90
N LEU D 530 12.10 -27.04 -2.66
CA LEU D 530 13.28 -26.59 -1.94
C LEU D 530 13.61 -27.37 -0.68
N SER D 531 12.61 -27.77 0.09
CA SER D 531 12.78 -28.47 1.35
C SER D 531 11.90 -29.70 1.45
N LEU D 532 12.16 -30.53 2.47
CA LEU D 532 11.44 -31.77 2.70
C LEU D 532 11.68 -32.30 4.11
N VAL D 533 10.59 -32.68 4.80
CA VAL D 533 10.61 -33.25 6.14
C VAL D 533 9.46 -34.23 6.34
N SER D 534 9.56 -35.03 7.41
CA SER D 534 8.55 -35.99 7.82
C SER D 534 8.53 -36.11 9.33
N CYS D 535 7.35 -36.05 9.93
CA CYS D 535 7.18 -36.05 11.38
C CYS D 535 5.71 -36.11 11.77
N LYS D 536 5.46 -36.34 13.06
CA LYS D 536 4.15 -36.22 13.64
C LYS D 536 4.07 -34.79 14.16
N LEU D 537 2.92 -34.14 13.95
CA LEU D 537 2.72 -32.79 14.44
C LEU D 537 1.37 -32.69 15.11
N GLY D 538 1.31 -31.86 16.14
CA GLY D 538 0.13 -31.72 16.97
C GLY D 538 -0.04 -32.96 17.81
N LYS D 539 -1.20 -33.60 17.72
CA LYS D 539 -1.50 -34.85 18.40
C LYS D 539 -2.02 -35.88 17.38
N ASP D 540 -1.67 -35.71 16.11
CA ASP D 540 -2.05 -36.67 15.08
C ASP D 540 -1.01 -37.79 15.07
N PRO D 541 -1.45 -39.04 15.26
CA PRO D 541 -0.49 -40.14 15.29
C PRO D 541 0.10 -40.53 13.96
N ASN D 542 -0.57 -40.20 12.85
CA ASN D 542 -0.08 -40.57 11.53
C ASN D 542 1.14 -39.74 11.15
N THR D 543 2.07 -40.36 10.43
CA THR D 543 3.27 -39.70 9.94
C THR D 543 3.00 -39.24 8.51
N TYR D 544 3.41 -38.01 8.20
CA TYR D 544 3.18 -37.37 6.90
C TYR D 544 4.45 -36.84 6.24
N PHE D 545 4.36 -36.51 4.95
CA PHE D 545 5.44 -35.91 4.19
C PHE D 545 5.12 -34.45 3.92
N ILE D 546 6.02 -33.54 4.32
CA ILE D 546 5.84 -32.11 4.20
C ILE D 546 6.86 -31.55 3.22
N VAL D 547 6.40 -30.77 2.26
CA VAL D 547 7.23 -30.18 1.22
C VAL D 547 7.00 -28.70 1.13
N GLY D 548 8.07 -27.98 0.79
CA GLY D 548 8.06 -26.55 0.57
C GLY D 548 8.53 -26.22 -0.83
N THR D 549 7.83 -25.29 -1.50
CA THR D 549 8.12 -24.91 -2.87
C THR D 549 8.15 -23.42 -3.05
N ALA D 550 8.45 -22.98 -4.25
CA ALA D 550 8.51 -21.59 -4.62
C ALA D 550 8.23 -21.43 -6.11
N MET D 551 7.45 -20.41 -6.47
CA MET D 551 7.09 -20.15 -7.86
C MET D 551 8.17 -19.33 -8.52
N VAL D 552 8.88 -19.94 -9.46
CA VAL D 552 9.96 -19.32 -10.20
C VAL D 552 9.44 -18.78 -11.51
N TYR D 553 9.76 -17.54 -11.80
CA TYR D 553 9.42 -16.89 -13.05
C TYR D 553 10.65 -16.23 -13.60
N PRO D 554 10.86 -16.26 -14.93
CA PRO D 554 12.02 -15.56 -15.52
C PRO D 554 12.05 -14.06 -15.32
N GLU D 555 10.98 -13.48 -14.79
CA GLU D 555 10.89 -12.08 -14.46
C GLU D 555 10.89 -11.95 -12.95
N GLU D 556 11.45 -10.86 -12.44
CA GLU D 556 11.58 -10.59 -11.02
C GLU D 556 12.41 -11.64 -10.37
N ALA D 557 13.56 -11.24 -9.88
CA ALA D 557 14.56 -12.12 -9.32
C ALA D 557 14.01 -13.10 -8.31
N GLU D 558 13.86 -12.68 -7.05
CA GLU D 558 13.39 -13.57 -6.02
C GLU D 558 11.92 -13.83 -6.16
N PRO D 559 11.48 -15.04 -5.86
CA PRO D 559 10.06 -15.32 -5.97
C PRO D 559 9.21 -14.50 -5.02
N LYS D 560 7.95 -14.37 -5.37
CA LYS D 560 6.96 -13.68 -4.57
C LYS D 560 5.80 -14.59 -4.22
N GLN D 561 5.91 -15.89 -4.46
CA GLN D 561 4.86 -16.85 -4.20
C GLN D 561 5.48 -18.14 -3.72
N GLY D 562 4.68 -19.01 -3.17
CA GLY D 562 5.12 -20.30 -2.65
C GLY D 562 4.07 -21.09 -1.88
N ARG D 563 4.30 -22.40 -1.77
CA ARG D 563 3.38 -23.32 -1.11
C ARG D 563 4.06 -24.22 -0.11
N ILE D 564 3.28 -24.69 0.85
CA ILE D 564 3.67 -25.71 1.83
C ILE D 564 2.59 -26.76 1.70
N VAL D 565 2.95 -27.97 1.30
CA VAL D 565 2.01 -29.05 1.09
C VAL D 565 2.31 -30.21 1.99
N VAL D 566 1.24 -30.90 2.42
CA VAL D 566 1.29 -32.05 3.30
C VAL D 566 0.59 -33.22 2.60
N PHE D 567 1.30 -34.35 2.51
CA PHE D 567 0.83 -35.59 1.93
C PHE D 567 0.89 -36.74 2.92
N GLN D 568 0.10 -37.78 2.66
CA GLN D 568 0.12 -39.02 3.42
C GLN D 568 0.30 -40.17 2.46
N TYR D 569 1.05 -41.18 2.87
CA TYR D 569 1.28 -42.39 2.10
C TYR D 569 0.50 -43.54 2.75
N SER D 570 -0.47 -44.12 2.01
CA SER D 570 -1.34 -45.18 2.51
C SER D 570 -1.89 -46.00 1.36
N ASP D 571 -1.75 -47.34 1.45
CA ASP D 571 -2.19 -48.30 0.44
C ASP D 571 -1.46 -48.15 -0.91
N GLY D 572 -0.25 -47.61 -0.89
CA GLY D 572 0.58 -47.49 -2.07
C GLY D 572 0.35 -46.30 -2.97
N LYS D 573 -0.27 -45.23 -2.48
CA LYS D 573 -0.48 -44.03 -3.26
C LYS D 573 -0.48 -42.81 -2.36
N LEU D 574 0.10 -41.70 -2.82
CA LEU D 574 0.13 -40.44 -2.08
C LEU D 574 -1.16 -39.68 -2.28
N GLN D 575 -1.63 -39.06 -1.21
CA GLN D 575 -2.86 -38.28 -1.21
C GLN D 575 -2.54 -36.89 -0.74
N THR D 576 -2.96 -35.89 -1.51
CA THR D 576 -2.75 -34.50 -1.14
C THR D 576 -3.62 -34.15 0.06
N VAL D 577 -3.02 -34.10 1.25
CA VAL D 577 -3.74 -33.87 2.49
C VAL D 577 -4.10 -32.42 2.71
N ALA D 578 -3.10 -31.55 2.69
CA ALA D 578 -3.34 -30.13 2.96
C ALA D 578 -2.36 -29.23 2.23
N GLU D 579 -2.73 -27.95 2.12
CA GLU D 579 -1.92 -26.91 1.48
C GLU D 579 -2.05 -25.58 2.21
N LYS D 580 -0.99 -24.74 2.13
CA LYS D 580 -0.94 -23.40 2.70
C LYS D 580 -0.13 -22.51 1.79
N GLU D 581 -0.60 -21.30 1.57
CA GLU D 581 0.05 -20.37 0.70
C GLU D 581 0.93 -19.44 1.48
N VAL D 582 2.00 -18.96 0.84
CA VAL D 582 2.94 -18.01 1.40
C VAL D 582 3.44 -17.11 0.27
N LYS D 583 3.73 -15.85 0.58
CA LYS D 583 4.20 -14.87 -0.39
C LYS D 583 5.73 -14.81 -0.42
N GLY D 584 6.32 -15.96 -0.64
CA GLY D 584 7.77 -16.10 -0.67
C GLY D 584 8.19 -17.53 -0.86
N ALA D 585 9.50 -17.75 -0.88
CA ALA D 585 10.07 -19.08 -1.08
C ALA D 585 10.30 -19.78 0.24
N VAL D 586 9.93 -21.05 0.31
CA VAL D 586 10.09 -21.86 1.51
C VAL D 586 11.41 -22.54 1.39
N TYR D 587 12.45 -21.88 1.88
CA TYR D 587 13.81 -22.37 1.77
C TYR D 587 14.09 -23.63 2.59
N SER D 588 13.61 -23.65 3.82
CA SER D 588 13.83 -24.76 4.71
C SER D 588 12.71 -24.91 5.71
N MET D 589 12.60 -26.10 6.27
CA MET D 589 11.60 -26.44 7.27
C MET D 589 12.20 -27.44 8.27
N VAL D 590 11.55 -27.57 9.43
CA VAL D 590 11.99 -28.44 10.51
C VAL D 590 10.88 -28.69 11.53
N GLU D 591 10.99 -29.80 12.26
CA GLU D 591 10.08 -30.13 13.35
C GLU D 591 10.64 -29.51 14.63
N PHE D 592 9.81 -28.76 15.32
CA PHE D 592 10.17 -28.06 16.54
C PHE D 592 9.13 -28.31 17.60
N ASN D 593 9.39 -29.30 18.44
CA ASN D 593 8.53 -29.67 19.55
C ASN D 593 7.05 -29.73 19.16
N GLY D 594 6.77 -30.56 18.18
CA GLY D 594 5.43 -30.80 17.67
C GLY D 594 4.88 -29.80 16.67
N LYS D 595 5.53 -28.65 16.53
CA LYS D 595 5.14 -27.60 15.61
C LYS D 595 6.07 -27.63 14.39
N LEU D 596 5.69 -26.88 13.35
CA LEU D 596 6.44 -26.81 12.10
C LEU D 596 7.06 -25.45 11.91
N LEU D 597 8.37 -25.38 12.00
CA LEU D 597 9.12 -24.16 11.77
C LEU D 597 9.55 -24.10 10.32
N ALA D 598 9.42 -22.93 9.72
CA ALA D 598 9.76 -22.70 8.32
C ALA D 598 10.35 -21.32 8.12
N SER D 599 10.99 -21.15 6.96
CA SER D 599 11.63 -19.91 6.55
C SER D 599 11.05 -19.44 5.22
N ILE D 600 10.71 -18.16 5.14
CA ILE D 600 10.13 -17.56 3.97
C ILE D 600 10.87 -16.27 3.71
N ASN D 601 11.74 -16.28 2.71
CA ASN D 601 12.55 -15.12 2.34
C ASN D 601 13.36 -14.65 3.55
N SER D 602 13.17 -13.41 4.01
CA SER D 602 13.89 -12.87 5.14
C SER D 602 13.20 -13.15 6.48
N THR D 603 12.11 -13.90 6.48
CA THR D 603 11.30 -14.17 7.65
C THR D 603 11.36 -15.61 8.11
N VAL D 604 11.04 -15.83 9.39
CA VAL D 604 10.95 -17.14 10.01
C VAL D 604 9.60 -17.25 10.66
N ARG D 605 8.85 -18.32 10.35
CA ARG D 605 7.46 -18.51 10.77
C ARG D 605 7.21 -19.87 11.36
N LEU D 606 6.41 -19.91 12.43
CA LEU D 606 6.03 -21.12 13.13
C LEU D 606 4.57 -21.42 12.88
N TYR D 607 4.27 -22.66 12.52
CA TYR D 607 2.92 -23.13 12.24
C TYR D 607 2.51 -24.18 13.25
N GLU D 608 1.24 -24.14 13.65
CA GLU D 608 0.63 -25.12 14.53
C GLU D 608 -0.43 -25.86 13.73
N TRP D 609 -0.53 -27.18 13.98
CA TRP D 609 -1.46 -28.08 13.32
C TRP D 609 -2.78 -28.06 14.07
N THR D 610 -3.81 -27.50 13.44
CA THR D 610 -5.10 -27.34 14.06
C THR D 610 -5.83 -28.65 14.18
N THR D 611 -6.90 -28.61 14.94
CA THR D 611 -7.74 -29.77 15.15
C THR D 611 -8.43 -30.14 13.84
N GLU D 612 -8.77 -29.14 13.01
CA GLU D 612 -9.37 -29.37 11.70
C GLU D 612 -8.40 -29.91 10.68
N LYS D 613 -7.18 -30.23 11.10
CA LYS D 613 -6.15 -30.80 10.25
C LYS D 613 -5.69 -29.82 9.18
N GLU D 614 -5.37 -28.60 9.60
CA GLU D 614 -4.83 -27.53 8.77
C GLU D 614 -3.65 -26.88 9.52
N LEU D 615 -3.16 -25.72 9.06
CA LEU D 615 -2.05 -25.02 9.67
C LEU D 615 -2.40 -23.57 9.96
N ARG D 616 -1.93 -23.07 11.10
CA ARG D 616 -2.15 -21.69 11.49
C ARG D 616 -0.86 -21.11 12.01
N THR D 617 -0.56 -19.89 11.59
CA THR D 617 0.66 -19.19 11.99
C THR D 617 0.57 -18.81 13.45
N GLU D 618 1.71 -18.58 14.09
CA GLU D 618 1.79 -18.18 15.49
C GLU D 618 2.56 -16.89 15.67
N CYS D 619 3.85 -16.90 15.29
CA CYS D 619 4.75 -15.76 15.45
C CYS D 619 5.70 -15.63 14.27
N ASN D 620 6.47 -14.53 14.23
CA ASN D 620 7.37 -14.22 13.15
C ASN D 620 8.62 -13.50 13.60
N HIS D 621 9.64 -13.51 12.75
CA HIS D 621 10.90 -12.78 12.92
C HIS D 621 11.32 -12.33 11.54
N TYR D 622 11.86 -11.13 11.44
CA TYR D 622 12.20 -10.54 10.17
C TYR D 622 13.70 -10.36 9.91
N ASN D 623 14.30 -9.26 10.38
CA ASN D 623 15.68 -8.86 10.03
C ASN D 623 16.59 -9.98 9.64
N ASN D 624 17.22 -9.87 8.48
CA ASN D 624 18.07 -10.91 7.96
C ASN D 624 18.67 -10.44 6.67
N ILE D 625 19.43 -11.34 6.05
CA ILE D 625 19.84 -11.29 4.67
C ILE D 625 18.99 -12.36 3.91
N MET D 626 18.85 -13.54 4.49
CA MET D 626 17.98 -14.59 3.95
C MET D 626 18.05 -15.79 4.84
N ALA D 627 16.92 -16.31 5.25
CA ALA D 627 16.87 -17.48 6.12
C ALA D 627 16.95 -18.77 5.33
N LEU D 628 18.17 -19.13 4.93
CA LEU D 628 18.42 -20.31 4.12
C LEU D 628 18.49 -21.57 4.96
N TYR D 629 19.48 -21.65 5.86
CA TYR D 629 19.69 -22.82 6.68
C TYR D 629 18.95 -22.72 7.99
N LEU D 630 18.34 -23.83 8.41
CA LEU D 630 17.62 -23.92 9.65
C LEU D 630 17.96 -25.19 10.35
N LYS D 631 18.25 -25.11 11.65
CA LYS D 631 18.49 -26.25 12.52
C LYS D 631 17.94 -25.96 13.93
N THR D 632 17.58 -27.03 14.64
CA THR D 632 16.97 -26.95 15.95
C THR D 632 17.52 -27.98 16.90
N LYS D 633 17.46 -27.66 18.19
CA LYS D 633 17.84 -28.55 19.25
C LYS D 633 17.12 -28.09 20.51
N GLY D 634 16.15 -28.87 20.96
CA GLY D 634 15.33 -28.52 22.10
C GLY D 634 14.52 -27.28 21.79
N ASP D 635 14.71 -26.20 22.58
CA ASP D 635 14.07 -24.90 22.38
C ASP D 635 14.99 -23.84 21.76
N PHE D 636 16.15 -24.28 21.22
CA PHE D 636 17.09 -23.41 20.53
C PHE D 636 17.01 -23.65 19.03
N ILE D 637 17.11 -22.57 18.26
CA ILE D 637 17.04 -22.61 16.81
C ILE D 637 18.19 -21.84 16.23
N LEU D 638 18.80 -22.35 15.15
CA LEU D 638 19.91 -21.70 14.45
C LEU D 638 19.53 -21.41 13.03
N VAL D 639 19.67 -20.15 12.63
CA VAL D 639 19.35 -19.67 11.30
C VAL D 639 20.63 -19.27 10.64
N GLY D 640 20.75 -19.59 9.37
CA GLY D 640 21.96 -19.35 8.60
C GLY D 640 21.75 -18.70 7.25
N ASP D 641 22.63 -17.73 6.94
CA ASP D 641 22.62 -16.97 5.70
C ASP D 641 23.65 -17.51 4.72
N LEU D 642 23.53 -17.11 3.45
CA LEU D 642 24.45 -17.54 2.41
C LEU D 642 25.85 -16.96 2.61
N MET D 643 25.97 -15.78 3.18
CA MET D 643 27.27 -15.15 3.34
C MET D 643 27.51 -14.60 4.72
N ARG D 644 26.54 -13.85 5.25
CA ARG D 644 26.67 -13.17 6.53
C ARG D 644 26.56 -14.09 7.73
N SER D 645 27.13 -15.28 7.62
CA SER D 645 27.18 -16.21 8.70
C SER D 645 25.76 -16.48 9.24
N VAL D 646 25.54 -16.48 10.56
CA VAL D 646 24.34 -16.96 11.17
C VAL D 646 23.88 -16.13 12.32
N LEU D 647 22.78 -16.58 12.92
CA LEU D 647 22.21 -16.03 14.13
C LEU D 647 21.45 -17.13 14.89
N LEU D 648 21.15 -16.87 16.16
CA LEU D 648 20.48 -17.80 17.06
C LEU D 648 19.22 -17.21 17.63
N LEU D 649 18.21 -18.06 17.80
CA LEU D 649 16.91 -17.71 18.34
C LEU D 649 16.47 -18.73 19.39
N ALA D 650 15.57 -18.26 20.27
CA ALA D 650 14.97 -19.06 21.32
C ALA D 650 13.48 -18.84 21.38
N TYR D 651 12.70 -19.94 21.41
CA TYR D 651 11.26 -19.84 21.53
C TYR D 651 10.90 -19.62 22.99
N LYS D 652 10.20 -18.52 23.29
CA LYS D 652 9.78 -18.16 24.65
C LYS D 652 8.36 -18.67 24.90
N PRO D 653 8.16 -19.57 25.89
CA PRO D 653 6.83 -20.16 26.07
C PRO D 653 5.70 -19.20 26.29
N MET D 654 5.79 -18.37 27.33
CA MET D 654 4.71 -17.45 27.66
C MET D 654 4.51 -16.37 26.63
N GLU D 655 5.60 -15.79 26.13
CA GLU D 655 5.52 -14.73 25.12
C GLU D 655 4.99 -15.24 23.79
N GLY D 656 5.19 -16.52 23.51
CA GLY D 656 4.78 -17.11 22.26
C GLY D 656 5.47 -16.45 21.09
N ASN D 657 6.73 -16.07 21.30
CA ASN D 657 7.52 -15.38 20.30
C ASN D 657 8.97 -15.88 20.34
N PHE D 658 9.88 -15.17 19.67
CA PHE D 658 11.29 -15.49 19.62
C PHE D 658 12.12 -14.46 20.35
N GLU D 659 13.36 -14.81 20.62
CA GLU D 659 14.35 -13.92 21.20
C GLU D 659 15.64 -14.06 20.42
N GLU D 660 16.19 -12.96 19.87
CA GLU D 660 17.49 -12.98 19.18
C GLU D 660 18.59 -13.12 20.22
N ILE D 661 19.39 -14.19 20.12
CA ILE D 661 20.41 -14.51 21.10
C ILE D 661 21.77 -13.97 20.72
N ALA D 662 22.28 -14.30 19.57
CA ALA D 662 23.59 -13.85 19.12
C ALA D 662 23.62 -13.77 17.63
N ARG D 663 24.77 -13.45 17.05
CA ARG D 663 24.96 -13.31 15.60
C ARG D 663 26.44 -13.16 15.24
N ASP D 664 26.77 -13.43 13.96
CA ASP D 664 28.11 -13.26 13.39
C ASP D 664 28.00 -12.34 12.17
N PHE D 665 29.13 -11.70 11.81
CA PHE D 665 29.18 -10.68 10.76
C PHE D 665 30.21 -10.91 9.63
N ASN D 666 30.92 -12.05 9.66
CA ASN D 666 31.94 -12.34 8.64
C ASN D 666 31.28 -12.69 7.31
N PRO D 667 31.58 -11.91 6.24
CA PRO D 667 30.97 -12.20 4.95
C PRO D 667 31.76 -13.23 4.12
N ASN D 668 31.37 -14.50 4.23
CA ASN D 668 31.98 -15.61 3.49
C ASN D 668 30.88 -16.55 3.06
N TRP D 669 30.95 -17.01 1.83
CA TRP D 669 29.92 -17.86 1.25
C TRP D 669 29.71 -19.17 2.02
N MET D 670 28.62 -19.27 2.79
CA MET D 670 28.26 -20.46 3.54
C MET D 670 27.81 -21.55 2.58
N SER D 671 28.16 -22.78 2.87
CA SER D 671 27.77 -23.93 2.06
C SER D 671 26.83 -24.87 2.79
N ALA D 672 26.97 -24.96 4.12
CA ALA D 672 26.15 -25.78 5.00
C ALA D 672 26.54 -25.49 6.45
N VAL D 673 25.63 -25.79 7.37
CA VAL D 673 25.82 -25.60 8.79
C VAL D 673 25.18 -26.77 9.56
N GLU D 674 25.52 -26.89 10.84
CA GLU D 674 24.99 -27.92 11.73
C GLU D 674 25.26 -27.60 13.18
N ILE D 675 24.40 -28.09 14.06
CA ILE D 675 24.51 -27.87 15.48
C ILE D 675 25.32 -28.96 16.07
N LEU D 676 26.40 -28.61 16.77
CA LEU D 676 27.22 -29.57 17.49
C LEU D 676 26.54 -29.92 18.80
N ASP D 677 26.48 -28.96 19.71
CA ASP D 677 25.81 -29.09 20.99
C ASP D 677 25.14 -27.76 21.29
N ASP D 678 24.64 -27.57 22.51
CA ASP D 678 23.96 -26.35 22.88
C ASP D 678 24.86 -25.11 23.02
N ASP D 679 26.17 -25.24 22.75
CA ASP D 679 27.12 -24.12 22.82
C ASP D 679 28.06 -23.96 21.62
N ASN D 680 28.28 -25.02 20.82
CA ASN D 680 29.16 -25.00 19.66
C ASN D 680 28.38 -25.22 18.38
N PHE D 681 28.80 -24.57 17.30
CA PHE D 681 28.15 -24.66 16.00
C PHE D 681 29.17 -24.64 14.88
N LEU D 682 29.01 -25.54 13.90
CA LEU D 682 29.92 -25.70 12.77
C LEU D 682 29.36 -25.20 11.49
N GLY D 683 30.23 -24.72 10.61
CA GLY D 683 29.84 -24.25 9.31
C GLY D 683 30.93 -24.25 8.28
N ALA D 684 30.63 -24.80 7.10
CA ALA D 684 31.54 -24.84 5.96
C ALA D 684 31.32 -23.64 5.11
N GLU D 685 32.41 -23.18 4.49
CA GLU D 685 32.50 -21.93 3.81
C GLU D 685 33.41 -21.97 2.59
N ASN D 686 33.19 -20.98 1.71
CA ASN D 686 33.74 -20.83 0.37
C ASN D 686 35.04 -21.51 0.09
N ALA D 687 36.12 -21.08 0.73
CA ALA D 687 37.45 -21.57 0.42
C ALA D 687 37.75 -22.96 0.97
N PHE D 688 36.77 -23.87 0.86
CA PHE D 688 36.85 -25.23 1.33
C PHE D 688 37.21 -25.24 2.80
N ASN D 689 36.74 -24.21 3.55
CA ASN D 689 37.06 -24.04 4.95
C ASN D 689 35.92 -24.45 5.86
N LEU D 690 36.25 -24.68 7.12
CA LEU D 690 35.29 -24.98 8.16
C LEU D 690 35.57 -24.10 9.35
N PHE D 691 34.57 -23.33 9.80
CA PHE D 691 34.70 -22.48 10.97
C PHE D 691 33.60 -22.81 11.95
N VAL D 692 33.96 -22.82 13.23
CA VAL D 692 33.12 -23.19 14.35
C VAL D 692 33.03 -22.03 15.32
N CYS D 693 31.79 -21.65 15.66
CA CYS D 693 31.49 -20.57 16.60
C CYS D 693 30.92 -21.06 17.89
N GLN D 694 31.05 -20.24 18.94
CA GLN D 694 30.70 -20.58 20.30
C GLN D 694 30.13 -19.39 21.02
N LYS D 695 29.23 -19.65 21.96
CA LYS D 695 28.61 -18.62 22.76
C LYS D 695 29.61 -18.04 23.75
N ASP D 696 29.15 -17.07 24.51
CA ASP D 696 29.82 -16.57 25.69
C ASP D 696 28.75 -16.71 26.79
N SER D 697 28.28 -17.97 27.02
CA SER D 697 27.19 -18.31 27.96
C SER D 697 27.35 -17.75 29.39
N ALA D 698 28.57 -17.31 29.73
CA ALA D 698 28.89 -16.66 30.99
C ALA D 698 28.13 -15.34 31.12
N ALA D 699 28.39 -14.60 32.21
CA ALA D 699 27.72 -13.34 32.48
C ALA D 699 28.29 -12.19 31.68
N THR D 700 29.46 -11.68 32.10
CA THR D 700 30.13 -10.56 31.45
C THR D 700 29.16 -9.41 31.20
N THR D 701 28.72 -9.25 29.96
CA THR D 701 27.80 -8.19 29.56
C THR D 701 26.86 -8.71 28.51
N ASP D 702 25.69 -8.07 28.43
CA ASP D 702 24.69 -8.36 27.42
C ASP D 702 25.28 -8.19 26.02
N GLU D 703 26.22 -7.24 25.87
CA GLU D 703 26.88 -6.98 24.61
C GLU D 703 27.78 -8.14 24.21
N GLU D 704 28.42 -8.79 25.18
CA GLU D 704 29.32 -9.91 24.92
C GLU D 704 28.60 -11.21 24.63
N ARG D 705 27.42 -11.40 25.22
CA ARG D 705 26.62 -12.59 24.96
C ARG D 705 26.09 -12.58 23.53
N GLN D 706 25.83 -11.41 22.95
CA GLN D 706 25.35 -11.30 21.57
C GLN D 706 26.43 -11.59 20.49
N HIS D 707 27.70 -11.63 20.88
CA HIS D 707 28.81 -11.86 19.97
C HIS D 707 29.18 -13.35 19.95
N LEU D 708 29.30 -13.92 18.74
CA LEU D 708 29.75 -15.28 18.55
C LEU D 708 31.23 -15.23 18.31
N GLN D 709 31.97 -16.12 18.95
CA GLN D 709 33.42 -16.17 18.89
C GLN D 709 33.89 -17.22 17.91
N GLU D 710 34.66 -16.80 16.89
CA GLU D 710 35.24 -17.74 15.91
C GLU D 710 36.32 -18.55 16.63
N VAL D 711 35.90 -19.62 17.30
CA VAL D 711 36.78 -20.47 18.11
C VAL D 711 37.41 -21.63 17.37
N GLY D 712 37.04 -21.82 16.11
CA GLY D 712 37.63 -22.85 15.28
C GLY D 712 37.75 -22.46 13.82
N LEU D 713 38.94 -22.69 13.23
CA LEU D 713 39.20 -22.44 11.82
C LEU D 713 40.00 -23.60 11.26
N PHE D 714 39.69 -24.01 10.05
CA PHE D 714 40.36 -25.11 9.39
C PHE D 714 40.12 -25.10 7.89
N HIS D 715 41.08 -25.67 7.12
CA HIS D 715 40.98 -25.83 5.69
C HIS D 715 40.77 -27.29 5.37
N LEU D 716 39.56 -27.65 4.93
CA LEU D 716 39.21 -29.02 4.62
C LEU D 716 39.68 -29.45 3.26
N GLY D 717 39.64 -28.56 2.30
CA GLY D 717 39.95 -28.88 0.92
C GLY D 717 38.79 -29.49 0.14
N GLU D 718 37.59 -29.53 0.74
CA GLU D 718 36.39 -30.03 0.10
C GLU D 718 35.24 -29.05 0.28
N PHE D 719 34.27 -29.15 -0.60
CA PHE D 719 33.09 -28.29 -0.58
C PHE D 719 31.95 -29.11 0.01
N VAL D 720 31.68 -28.91 1.30
CA VAL D 720 30.64 -29.63 2.01
C VAL D 720 29.26 -29.13 1.58
N ASN D 721 28.30 -30.03 1.53
CA ASN D 721 26.93 -29.69 1.17
C ASN D 721 25.87 -30.18 2.13
N VAL D 722 26.16 -31.18 2.96
CA VAL D 722 25.16 -31.71 3.87
C VAL D 722 25.80 -32.28 5.12
N PHE D 723 25.10 -32.14 6.25
CA PHE D 723 25.48 -32.69 7.53
C PHE D 723 24.35 -33.57 8.10
N CYS D 724 24.73 -34.54 8.95
CA CYS D 724 23.83 -35.49 9.60
C CYS D 724 24.36 -35.92 10.95
N HIS D 725 23.48 -36.42 11.79
CA HIS D 725 23.84 -36.94 13.11
C HIS D 725 23.74 -38.44 13.09
N GLY D 726 24.75 -39.10 13.63
CA GLY D 726 24.81 -40.56 13.68
C GLY D 726 26.17 -41.07 13.28
N SER D 727 26.25 -42.37 13.06
CA SER D 727 27.49 -43.05 12.68
C SER D 727 27.19 -44.42 12.09
N LEU D 728 28.25 -45.07 11.57
CA LEU D 728 28.19 -46.40 10.99
C LEU D 728 28.79 -47.46 11.91
N VAL D 729 29.17 -47.09 13.13
CA VAL D 729 29.73 -48.02 14.10
C VAL D 729 28.68 -48.35 15.14
N MET D 730 28.69 -49.65 15.54
CA MET D 730 27.80 -50.25 16.52
C MET D 730 27.79 -49.39 17.76
N GLN D 731 26.68 -48.68 17.94
CA GLN D 731 26.48 -47.84 19.08
C GLN D 731 26.22 -48.68 20.32
N ASN D 732 26.22 -48.06 21.49
CA ASN D 732 26.32 -48.77 22.75
C ASN D 732 27.78 -49.10 23.04
N LEU D 733 28.73 -48.51 22.25
CA LEU D 733 30.17 -48.61 22.47
C LEU D 733 30.39 -47.64 23.63
N GLY D 734 29.66 -47.92 24.71
CA GLY D 734 29.42 -47.04 25.83
C GLY D 734 30.10 -47.33 27.13
N GLU D 735 31.39 -47.59 27.07
CA GLU D 735 32.23 -47.70 28.25
C GLU D 735 32.20 -46.30 28.83
N THR D 736 32.19 -46.14 30.16
CA THR D 736 32.03 -44.83 30.76
C THR D 736 33.06 -43.84 30.22
N SER D 737 34.21 -44.36 29.74
CA SER D 737 35.28 -43.57 29.17
C SER D 737 35.23 -43.66 27.66
N THR D 738 34.34 -42.89 27.03
CA THR D 738 34.23 -42.82 25.58
C THR D 738 35.25 -41.77 25.09
N PRO D 739 36.14 -42.12 24.14
CA PRO D 739 37.15 -41.13 23.71
C PRO D 739 36.62 -39.94 22.94
N THR D 740 35.55 -40.14 22.16
CA THR D 740 34.94 -39.09 21.36
C THR D 740 33.52 -38.88 21.80
N GLN D 741 33.14 -37.63 21.93
CA GLN D 741 31.83 -37.21 22.37
C GLN D 741 31.14 -36.55 21.19
N GLY D 742 29.97 -37.06 20.86
CA GLY D 742 29.22 -36.56 19.71
C GLY D 742 29.67 -37.21 18.42
N SER D 743 28.88 -37.00 17.36
CA SER D 743 29.14 -37.57 16.06
C SER D 743 28.34 -36.87 14.99
N VAL D 744 29.02 -36.36 13.97
CA VAL D 744 28.40 -35.63 12.89
C VAL D 744 29.06 -36.01 11.57
N LEU D 745 28.29 -36.62 10.68
CA LEU D 745 28.75 -37.00 9.35
C LEU D 745 28.52 -35.86 8.37
N PHE D 746 29.32 -35.79 7.33
CA PHE D 746 29.21 -34.75 6.33
C PHE D 746 29.59 -35.26 4.95
N GLY D 747 28.92 -34.75 3.94
CA GLY D 747 29.16 -35.10 2.55
C GLY D 747 29.58 -33.90 1.72
N THR D 748 30.41 -34.17 0.67
CA THR D 748 31.04 -33.16 -0.18
C THR D 748 30.70 -33.30 -1.65
N VAL D 749 31.35 -32.50 -2.50
CA VAL D 749 31.10 -32.48 -3.92
C VAL D 749 31.94 -33.50 -4.68
N ASN D 750 33.04 -33.90 -4.13
CA ASN D 750 33.92 -34.86 -4.78
C ASN D 750 33.72 -36.27 -4.26
N GLY D 751 32.52 -36.59 -3.80
CA GLY D 751 32.21 -37.90 -3.27
C GLY D 751 32.86 -38.27 -1.96
N MET D 752 33.56 -37.33 -1.34
CA MET D 752 34.23 -37.58 -0.06
C MET D 752 33.22 -37.48 1.06
N ILE D 753 33.36 -38.37 2.03
CA ILE D 753 32.54 -38.42 3.22
C ILE D 753 33.45 -38.39 4.44
N GLY D 754 33.04 -37.65 5.45
CA GLY D 754 33.82 -37.50 6.66
C GLY D 754 33.01 -37.47 7.93
N LEU D 755 33.69 -37.67 9.04
CA LEU D 755 33.11 -37.64 10.37
C LEU D 755 33.84 -36.63 11.23
N VAL D 756 33.09 -35.88 12.03
CA VAL D 756 33.60 -34.90 12.96
C VAL D 756 32.99 -35.14 14.34
N THR D 757 33.79 -34.90 15.37
CA THR D 757 33.39 -35.08 16.75
C THR D 757 34.07 -34.04 17.60
N SER D 758 33.69 -34.02 18.87
CA SER D 758 34.27 -33.14 19.86
C SER D 758 35.23 -33.94 20.76
N LEU D 759 36.18 -33.23 21.36
CA LEU D 759 37.19 -33.79 22.23
C LEU D 759 37.24 -33.04 23.54
N SER D 760 38.15 -33.46 24.43
CA SER D 760 38.43 -32.81 25.71
C SER D 760 39.72 -32.01 25.58
N GLU D 761 39.98 -31.17 26.56
CA GLU D 761 41.13 -30.28 26.56
C GLU D 761 42.45 -31.04 26.52
N SER D 762 42.60 -32.00 27.41
CA SER D 762 43.82 -32.78 27.49
C SER D 762 44.09 -33.54 26.20
N TRP D 763 43.06 -34.21 25.67
CA TRP D 763 43.20 -34.97 24.44
C TRP D 763 43.61 -34.07 23.29
N TYR D 764 43.05 -32.87 23.23
CA TYR D 764 43.37 -31.92 22.18
C TYR D 764 44.82 -31.50 22.24
N ASN D 765 45.30 -31.12 23.43
CA ASN D 765 46.68 -30.70 23.62
C ASN D 765 47.67 -31.78 23.22
N LEU D 766 47.42 -33.00 23.67
CA LEU D 766 48.29 -34.12 23.38
C LEU D 766 48.31 -34.46 21.90
N LEU D 767 47.14 -34.43 21.26
CA LEU D 767 47.05 -34.74 19.85
C LEU D 767 47.70 -33.68 18.98
N LEU D 768 47.70 -32.40 19.41
CA LEU D 768 48.37 -31.35 18.65
C LEU D 768 49.87 -31.48 18.77
N ASP D 769 50.36 -31.83 19.97
CA ASP D 769 51.77 -32.11 20.16
C ASP D 769 52.17 -33.28 19.25
N MET D 770 51.30 -34.27 19.14
CA MET D 770 51.52 -35.44 18.31
C MET D 770 51.60 -35.06 16.83
N GLN D 771 50.75 -34.12 16.38
CA GLN D 771 50.76 -33.62 15.01
C GLN D 771 52.10 -32.96 14.66
N ASN D 772 52.62 -32.12 15.57
CA ASN D 772 53.90 -31.46 15.36
C ASN D 772 55.05 -32.45 15.29
N ARG D 773 55.10 -33.40 16.22
CA ARG D 773 56.15 -34.41 16.24
C ARG D 773 56.04 -35.39 15.06
N LEU D 774 54.84 -35.60 14.51
CA LEU D 774 54.67 -36.46 13.35
C LEU D 774 55.17 -35.75 12.11
N ASN D 775 54.83 -34.48 11.94
CA ASN D 775 55.30 -33.68 10.81
C ASN D 775 56.80 -33.54 10.82
N LYS D 776 57.43 -33.58 11.99
CA LYS D 776 58.86 -33.55 12.09
C LYS D 776 59.50 -34.70 11.29
N VAL D 777 58.83 -35.85 11.19
CA VAL D 777 59.38 -37.04 10.58
C VAL D 777 58.84 -37.36 9.19
N ILE D 778 57.52 -37.44 9.07
CA ILE D 778 56.88 -37.89 7.86
C ILE D 778 57.34 -37.12 6.62
N LYS D 779 57.46 -37.86 5.52
CA LYS D 779 57.77 -37.33 4.21
C LYS D 779 56.47 -36.79 3.62
N SER D 780 56.49 -35.56 3.12
CA SER D 780 55.33 -34.94 2.47
C SER D 780 55.44 -35.06 0.98
N VAL D 781 54.37 -35.45 0.33
CA VAL D 781 54.31 -35.61 -1.13
C VAL D 781 54.51 -34.26 -1.77
N GLY D 782 55.64 -34.12 -2.44
CA GLY D 782 56.09 -32.87 -3.02
C GLY D 782 56.72 -31.93 -2.01
N LYS D 783 56.95 -32.40 -0.79
CA LYS D 783 57.52 -31.61 0.27
C LYS D 783 56.75 -30.33 0.42
N ILE D 784 55.59 -30.45 1.02
CA ILE D 784 54.70 -29.35 1.34
C ILE D 784 54.37 -29.44 2.81
N GLU D 785 54.67 -28.39 3.59
CA GLU D 785 54.39 -28.43 5.02
C GLU D 785 52.92 -28.64 5.30
N HIS D 786 52.62 -29.62 6.15
CA HIS D 786 51.26 -29.97 6.50
C HIS D 786 50.54 -28.82 7.17
N SER D 787 51.26 -28.03 7.95
CA SER D 787 50.66 -26.90 8.65
C SER D 787 50.18 -25.84 7.69
N PHE D 788 50.82 -25.70 6.53
CA PHE D 788 50.39 -24.74 5.52
C PHE D 788 49.19 -25.26 4.73
N TRP D 789 49.10 -26.57 4.53
CA TRP D 789 47.99 -27.18 3.80
C TRP D 789 46.70 -27.10 4.56
N ARG D 790 46.75 -27.18 5.88
CA ARG D 790 45.57 -27.11 6.69
C ARG D 790 45.32 -25.71 7.25
N SER D 791 45.80 -24.68 6.56
CA SER D 791 45.64 -23.30 7.00
C SER D 791 44.46 -22.65 6.32
N PHE D 792 43.56 -22.09 7.15
CA PHE D 792 42.41 -21.32 6.70
C PHE D 792 42.91 -20.32 5.68
N HIS D 793 42.38 -20.40 4.47
CA HIS D 793 42.82 -19.60 3.34
C HIS D 793 41.68 -18.94 2.57
N THR D 794 41.82 -17.64 2.30
CA THR D 794 40.97 -16.85 1.43
C THR D 794 41.88 -15.92 0.67
N GLU D 795 41.32 -15.20 -0.29
CA GLU D 795 42.08 -14.29 -1.09
C GLU D 795 42.67 -13.14 -0.30
N ARG D 796 42.06 -12.79 0.84
CA ARG D 796 42.49 -11.66 1.68
C ARG D 796 43.36 -12.04 2.88
N LYS D 797 42.98 -13.14 3.54
CA LYS D 797 43.56 -13.61 4.78
C LYS D 797 43.83 -15.09 4.75
N THR D 798 45.00 -15.48 5.25
CA THR D 798 45.43 -16.87 5.36
C THR D 798 45.92 -17.11 6.78
N GLU D 799 45.11 -17.78 7.59
CA GLU D 799 45.41 -18.05 9.00
C GLU D 799 45.67 -19.54 9.24
N PRO D 800 46.38 -19.87 10.32
CA PRO D 800 46.61 -21.28 10.63
C PRO D 800 45.44 -21.89 11.38
N ALA D 801 45.29 -23.20 11.25
CA ALA D 801 44.21 -23.92 11.89
C ALA D 801 44.23 -23.78 13.39
N THR D 802 43.05 -23.74 14.00
CA THR D 802 42.87 -23.62 15.44
C THR D 802 41.60 -24.35 15.85
N GLY D 803 41.66 -25.02 16.98
CA GLY D 803 40.52 -25.76 17.51
C GLY D 803 40.12 -26.97 16.70
N PHE D 804 41.09 -27.56 16.00
CA PHE D 804 40.88 -28.73 15.18
C PHE D 804 42.06 -29.65 15.23
N ILE D 805 41.83 -30.94 14.96
CA ILE D 805 42.84 -32.00 14.94
C ILE D 805 42.61 -32.88 13.72
N ASP D 806 43.55 -32.87 12.78
CA ASP D 806 43.48 -33.64 11.55
C ASP D 806 43.55 -35.11 11.85
N GLY D 807 42.46 -35.81 11.61
CA GLY D 807 42.35 -37.23 11.90
C GLY D 807 43.18 -38.10 11.01
N ASP D 808 43.34 -37.71 9.75
CA ASP D 808 44.13 -38.48 8.80
C ASP D 808 45.60 -38.54 9.19
N LEU D 809 46.16 -37.43 9.62
CA LEU D 809 47.55 -37.38 10.07
C LEU D 809 47.76 -38.18 11.35
N ILE D 810 46.77 -38.16 12.23
CA ILE D 810 46.85 -38.93 13.45
C ILE D 810 46.80 -40.41 13.15
N GLU D 811 45.94 -40.82 12.21
CA GLU D 811 45.81 -42.23 11.82
C GLU D 811 47.03 -42.73 11.04
N SER D 812 47.77 -41.82 10.36
CA SER D 812 48.96 -42.17 9.61
C SER D 812 50.12 -42.65 10.49
N PHE D 813 49.97 -42.57 11.82
CA PHE D 813 50.99 -43.03 12.75
C PHE D 813 51.16 -44.53 12.74
N LEU D 814 50.09 -45.28 12.51
CA LEU D 814 50.15 -46.73 12.54
C LEU D 814 50.90 -47.36 11.37
N ASP D 815 50.99 -46.68 10.24
CA ASP D 815 51.56 -47.23 9.04
C ASP D 815 53.06 -47.08 8.89
N ILE D 816 53.67 -46.14 9.59
CA ILE D 816 55.10 -45.90 9.48
C ILE D 816 55.89 -47.01 10.14
N SER D 817 57.17 -47.08 9.84
CA SER D 817 58.06 -48.08 10.42
C SER D 817 58.18 -47.88 11.92
N ARG D 818 58.63 -48.91 12.62
CA ARG D 818 58.74 -48.87 14.07
C ARG D 818 59.83 -47.95 14.56
N PRO D 819 61.01 -47.91 13.91
CA PRO D 819 62.01 -46.94 14.33
C PRO D 819 61.47 -45.50 14.36
N LYS D 820 60.67 -45.13 13.36
CA LYS D 820 60.07 -43.80 13.29
C LYS D 820 58.93 -43.65 14.31
N MET D 821 58.20 -44.74 14.59
CA MET D 821 57.19 -44.74 15.65
C MET D 821 57.84 -44.39 16.98
N GLN D 822 59.02 -44.95 17.25
CA GLN D 822 59.76 -44.70 18.49
C GLN D 822 60.34 -43.29 18.51
N GLU D 823 60.78 -42.79 17.35
CA GLU D 823 61.27 -41.43 17.23
C GLU D 823 60.17 -40.42 17.56
N VAL D 824 58.94 -40.70 17.14
CA VAL D 824 57.80 -39.82 17.38
C VAL D 824 57.45 -39.70 18.86
N VAL D 825 57.35 -40.84 19.54
CA VAL D 825 56.97 -40.91 20.94
C VAL D 825 58.15 -40.75 21.88
N ALA D 826 59.24 -40.14 21.40
CA ALA D 826 60.44 -39.94 22.19
C ALA D 826 60.31 -38.68 23.01
N ASN D 827 60.55 -38.81 24.33
CA ASN D 827 60.49 -37.71 25.29
C ASN D 827 59.12 -37.03 25.23
N LEU D 828 58.07 -37.83 25.47
CA LEU D 828 56.68 -37.40 25.47
C LEU D 828 55.96 -37.89 26.71
N GLN D 829 55.30 -36.97 27.42
CA GLN D 829 54.55 -37.28 28.64
C GLN D 829 53.12 -37.63 28.29
N TYR D 830 52.70 -38.84 28.72
CA TYR D 830 51.39 -39.42 28.43
C TYR D 830 50.74 -39.90 29.72
N ASP D 831 49.41 -39.73 29.81
CA ASP D 831 48.61 -40.10 30.96
C ASP D 831 47.66 -41.24 30.61
N ASP D 832 48.00 -42.44 31.13
CA ASP D 832 47.25 -43.66 30.94
C ASP D 832 46.24 -43.85 32.07
N GLY D 833 44.98 -43.99 31.69
CA GLY D 833 43.90 -44.18 32.64
C GLY D 833 43.74 -43.07 33.65
N SER D 834 44.16 -41.84 33.26
CA SER D 834 44.07 -40.65 34.11
C SER D 834 44.76 -40.85 35.48
N GLY D 835 45.92 -41.50 35.44
CA GLY D 835 46.71 -41.78 36.64
C GLY D 835 47.88 -40.85 36.75
N MET D 836 49.08 -41.37 36.51
CA MET D 836 50.32 -40.60 36.55
C MET D 836 50.82 -40.33 35.14
N LYS D 837 51.39 -39.14 34.92
CA LYS D 837 52.04 -38.78 33.67
C LYS D 837 53.37 -39.54 33.61
N ARG D 838 53.56 -40.37 32.57
CA ARG D 838 54.76 -41.16 32.36
C ARG D 838 55.23 -41.08 30.91
N GLU D 839 56.42 -41.64 30.66
CA GLU D 839 57.00 -41.67 29.33
C GLU D 839 56.15 -42.58 28.42
N ALA D 840 55.83 -42.09 27.24
CA ALA D 840 54.98 -42.81 26.32
C ALA D 840 55.75 -43.81 25.47
N THR D 841 55.22 -45.02 25.34
CA THR D 841 55.78 -46.06 24.49
C THR D 841 54.99 -46.10 23.19
N ALA D 842 55.53 -46.78 22.17
CA ALA D 842 54.85 -46.90 20.89
C ALA D 842 53.56 -47.70 20.99
N ASP D 843 53.50 -48.67 21.91
CA ASP D 843 52.33 -49.53 22.10
C ASP D 843 51.12 -48.77 22.62
N ASP D 844 51.34 -47.83 23.54
CA ASP D 844 50.26 -47.02 24.09
C ASP D 844 49.60 -46.19 23.00
N LEU D 845 50.40 -45.52 22.19
CA LEU D 845 49.90 -44.72 21.09
C LEU D 845 49.24 -45.56 20.03
N ILE D 846 49.76 -46.77 19.78
CA ILE D 846 49.15 -47.68 18.82
C ILE D 846 47.72 -48.02 19.28
N LYS D 847 47.55 -48.35 20.56
CA LYS D 847 46.23 -48.69 21.11
C LYS D 847 45.26 -47.52 21.02
N VAL D 848 45.75 -46.32 21.33
CA VAL D 848 44.95 -45.11 21.28
C VAL D 848 44.45 -44.85 19.85
N VAL D 849 45.35 -44.95 18.89
CA VAL D 849 45.01 -44.69 17.49
C VAL D 849 44.06 -45.75 16.93
N GLU D 850 44.20 -46.99 17.38
CA GLU D 850 43.31 -48.06 16.95
C GLU D 850 41.90 -47.80 17.47
N GLU D 851 41.77 -47.42 18.73
CA GLU D 851 40.48 -47.07 19.30
C GLU D 851 39.85 -45.88 18.55
N LEU D 852 40.70 -44.93 18.14
CA LEU D 852 40.27 -43.79 17.37
C LEU D 852 39.73 -44.24 16.02
N THR D 853 40.48 -45.05 15.28
CA THR D 853 40.08 -45.54 13.96
C THR D 853 38.78 -46.32 13.97
N ARG D 854 38.49 -47.00 15.09
CA ARG D 854 37.27 -47.78 15.21
C ARG D 854 35.98 -46.96 15.41
N ILE D 855 35.99 -45.66 15.12
CA ILE D 855 34.79 -44.84 15.19
C ILE D 855 34.07 -44.69 13.84
N HIS D 856 34.72 -45.06 12.75
CA HIS D 856 34.18 -44.96 11.41
C HIS D 856 34.42 -46.25 10.61
N LYS E 26 3.25 8.94 -10.92
CA LYS E 26 2.74 9.93 -11.87
C LYS E 26 3.82 10.29 -12.89
N LYS E 27 3.40 10.87 -14.04
CA LYS E 27 4.25 11.11 -15.20
C LYS E 27 4.34 12.56 -15.68
N PRO E 28 5.06 13.41 -14.94
CA PRO E 28 5.21 14.82 -15.36
C PRO E 28 6.39 15.06 -16.30
N ASN E 29 6.71 16.35 -16.52
CA ASN E 29 7.78 16.78 -17.41
C ASN E 29 9.14 16.70 -16.74
N ILE E 30 10.17 16.57 -17.57
CA ILE E 30 11.55 16.54 -17.12
C ILE E 30 12.42 17.57 -17.87
N ILE E 31 11.95 18.08 -19.01
CA ILE E 31 12.71 18.89 -19.92
C ILE E 31 12.77 20.35 -19.51
N ASN E 32 13.86 21.02 -19.91
CA ASN E 32 14.11 22.44 -19.75
C ASN E 32 14.55 22.87 -18.37
N PHE E 33 15.87 23.05 -18.18
CA PHE E 33 16.46 23.57 -16.96
C PHE E 33 17.98 23.57 -16.99
N ASP E 34 18.57 22.35 -16.98
CA ASP E 34 20.00 22.05 -16.95
C ASP E 34 20.35 21.36 -15.63
N THR E 35 20.54 20.05 -15.68
CA THR E 35 20.88 19.26 -14.50
C THR E 35 22.28 19.53 -13.96
N SER E 36 23.13 20.23 -14.72
CA SER E 36 24.47 20.54 -14.29
C SER E 36 24.58 21.82 -13.49
N LEU E 37 23.49 22.58 -13.34
CA LEU E 37 23.52 23.82 -12.57
C LEU E 37 23.71 23.58 -11.07
N PRO E 38 22.97 22.64 -10.45
CA PRO E 38 23.16 22.37 -9.02
C PRO E 38 24.49 21.74 -8.62
N THR E 39 24.98 20.83 -9.43
CA THR E 39 26.25 20.15 -9.17
C THR E 39 27.43 21.11 -9.06
N SER E 40 27.35 22.27 -9.70
CA SER E 40 28.38 23.27 -9.63
C SER E 40 28.30 24.11 -8.36
N HIS E 41 27.10 24.21 -7.71
CA HIS E 41 26.85 25.00 -6.50
C HIS E 41 27.18 26.46 -6.77
N THR E 42 26.53 27.02 -7.78
CA THR E 42 26.78 28.38 -8.21
C THR E 42 26.49 29.42 -7.15
N TYR E 43 25.63 29.10 -6.20
CA TYR E 43 25.24 30.00 -5.13
C TYR E 43 26.39 30.41 -4.21
N LEU E 44 27.49 29.67 -4.22
CA LEU E 44 28.66 29.98 -3.40
C LEU E 44 29.52 31.11 -3.94
N GLY E 45 29.26 31.57 -5.16
CA GLY E 45 29.94 32.73 -5.73
C GLY E 45 30.98 32.45 -6.78
N ALA E 46 31.99 33.34 -6.86
CA ALA E 46 33.07 33.26 -7.84
C ALA E 46 33.76 31.93 -7.76
N ASP E 47 34.31 31.51 -8.89
CA ASP E 47 34.96 30.22 -9.00
C ASP E 47 36.08 30.10 -8.00
N MET E 48 36.15 28.96 -7.33
CA MET E 48 37.09 28.68 -6.26
C MET E 48 38.43 28.21 -6.79
N GLU E 49 39.38 28.06 -5.88
CA GLU E 49 40.69 27.51 -6.19
C GLU E 49 40.60 26.00 -5.98
N GLU E 50 40.64 25.27 -7.10
CA GLU E 50 40.50 23.82 -7.07
C GLU E 50 41.81 23.12 -6.90
N PHE E 51 41.76 21.97 -6.22
CA PHE E 51 42.89 21.08 -6.06
C PHE E 51 42.53 19.73 -6.67
N HIS E 52 43.56 19.09 -7.24
CA HIS E 52 43.42 17.82 -7.93
C HIS E 52 44.32 16.69 -7.37
N GLY E 53 45.31 17.01 -6.53
CA GLY E 53 46.13 16.00 -5.89
C GLY E 53 45.33 15.28 -4.81
N ARG E 54 45.12 13.97 -4.97
CA ARG E 54 44.32 13.16 -4.05
C ARG E 54 45.17 12.35 -3.11
N THR E 55 44.54 11.81 -2.06
CA THR E 55 45.19 11.03 -1.02
C THR E 55 44.30 9.92 -0.50
N LEU E 56 44.91 8.74 -0.28
CA LEU E 56 44.24 7.56 0.23
C LEU E 56 45.23 6.69 1.00
N HIS E 57 44.90 6.37 2.23
CA HIS E 57 45.75 5.59 3.10
C HIS E 57 45.52 4.13 2.91
N ASP E 58 46.39 3.32 3.48
CA ASP E 58 46.26 1.87 3.41
C ASP E 58 45.12 1.41 4.30
N ASP E 59 44.62 0.21 4.01
CA ASP E 59 43.54 -0.38 4.77
C ASP E 59 44.07 -0.91 6.09
N ASP E 60 43.26 -0.75 7.15
CA ASP E 60 43.57 -1.13 8.51
C ASP E 60 44.67 -0.29 9.13
N SER E 61 45.13 0.75 8.42
CA SER E 61 46.19 1.63 8.91
C SER E 61 45.63 2.60 9.93
N CYS E 62 46.48 2.98 10.86
CA CYS E 62 46.13 3.89 11.91
C CYS E 62 46.52 5.28 11.49
N GLN E 63 45.58 6.24 11.61
CA GLN E 63 45.78 7.64 11.24
C GLN E 63 45.15 8.61 12.26
N VAL E 64 45.82 9.75 12.46
CA VAL E 64 45.36 10.80 13.34
C VAL E 64 44.83 11.91 12.48
N ILE E 65 43.54 12.19 12.60
CA ILE E 65 42.87 13.16 11.77
C ILE E 65 42.05 14.12 12.63
N PRO E 66 41.98 15.40 12.25
CA PRO E 66 41.13 16.33 12.97
C PRO E 66 39.66 16.16 12.60
N VAL E 67 38.77 16.62 13.48
CA VAL E 67 37.32 16.52 13.29
C VAL E 67 36.72 17.92 13.13
N LEU E 68 35.61 18.01 12.39
CA LEU E 68 34.81 19.23 12.30
C LEU E 68 33.68 19.11 13.32
N PRO E 69 33.45 20.15 14.11
CA PRO E 69 32.51 20.01 15.21
C PRO E 69 31.05 19.96 14.87
N GLN E 70 30.58 20.99 14.18
CA GLN E 70 29.17 21.17 13.91
C GLN E 70 28.70 20.44 12.67
N VAL E 71 29.40 19.40 12.24
CA VAL E 71 28.97 18.61 11.10
C VAL E 71 28.07 17.51 11.63
N MET E 72 26.76 17.78 11.61
CA MET E 72 25.75 16.82 12.06
C MET E 72 25.30 15.89 10.93
N MET E 73 26.09 15.80 9.86
CA MET E 73 25.78 14.97 8.73
C MET E 73 26.61 13.69 8.75
N ILE E 74 25.98 12.59 8.34
CA ILE E 74 26.59 11.27 8.27
C ILE E 74 27.05 11.07 6.84
N LEU E 75 28.34 11.28 6.58
CA LEU E 75 28.89 11.25 5.23
C LEU E 75 29.04 9.88 4.68
N ILE E 76 28.89 9.76 3.35
CA ILE E 76 29.07 8.53 2.59
C ILE E 76 30.26 8.71 1.63
N PRO E 77 31.11 7.70 1.45
CA PRO E 77 32.18 7.83 0.48
C PRO E 77 31.62 8.15 -0.91
N GLY E 78 32.18 9.17 -1.54
CA GLY E 78 31.78 9.61 -2.85
C GLY E 78 30.71 10.68 -2.86
N GLN E 79 30.29 11.14 -1.69
CA GLN E 79 29.25 12.13 -1.59
C GLN E 79 29.87 13.51 -1.51
N THR E 80 29.33 14.44 -2.30
CA THR E 80 29.76 15.83 -2.29
C THR E 80 29.23 16.54 -1.07
N LEU E 81 30.04 17.41 -0.48
CA LEU E 81 29.69 18.15 0.71
C LEU E 81 30.18 19.60 0.67
N PRO E 82 29.28 20.59 0.53
CA PRO E 82 29.68 22.00 0.62
C PRO E 82 29.62 22.49 2.06
N LEU E 83 30.45 23.46 2.40
CA LEU E 83 30.55 24.00 3.75
C LEU E 83 30.89 25.48 3.71
N GLN E 84 30.31 26.25 4.64
CA GLN E 84 30.63 27.66 4.85
C GLN E 84 30.97 27.80 6.30
N LEU E 85 32.25 28.06 6.61
CA LEU E 85 32.74 28.15 7.97
C LEU E 85 33.00 29.58 8.37
N PHE E 86 32.65 29.89 9.61
CA PHE E 86 32.73 31.21 10.19
C PHE E 86 33.66 31.28 11.37
N HIS E 87 33.65 30.30 12.26
CA HIS E 87 34.48 30.36 13.45
C HIS E 87 35.94 30.50 13.11
N PRO E 88 36.73 31.28 13.89
CA PRO E 88 38.15 31.44 13.58
C PRO E 88 38.96 30.15 13.65
N GLN E 89 38.59 29.22 14.52
CA GLN E 89 39.32 27.96 14.69
C GLN E 89 39.15 27.07 13.47
N GLU E 90 37.94 27.05 12.93
CA GLU E 90 37.66 26.31 11.72
C GLU E 90 38.49 26.88 10.56
N VAL E 91 38.53 28.19 10.44
CA VAL E 91 39.29 28.84 9.38
C VAL E 91 40.77 28.53 9.51
N SER E 92 41.28 28.52 10.75
CA SER E 92 42.70 28.23 10.99
C SER E 92 43.05 26.79 10.62
N MET E 93 42.20 25.84 11.00
CA MET E 93 42.41 24.45 10.65
C MET E 93 42.40 24.28 9.13
N VAL E 94 41.48 24.98 8.43
CA VAL E 94 41.39 24.92 6.98
C VAL E 94 42.65 25.48 6.34
N ARG E 95 43.16 26.59 6.85
CA ARG E 95 44.39 27.17 6.34
C ARG E 95 45.54 26.17 6.49
N ASN E 96 45.64 25.51 7.64
CA ASN E 96 46.68 24.53 7.89
C ASN E 96 46.56 23.32 6.98
N LEU E 97 45.35 22.92 6.63
CA LEU E 97 45.13 21.79 5.76
C LEU E 97 45.29 22.09 4.29
N ILE E 98 45.09 23.34 3.85
CA ILE E 98 45.21 23.71 2.44
C ILE E 98 46.60 23.39 1.88
N GLN E 99 47.64 23.52 2.70
CA GLN E 99 49.01 23.21 2.28
C GLN E 99 49.37 21.73 2.43
N LYS E 100 48.74 21.04 3.39
CA LYS E 100 49.04 19.65 3.69
C LYS E 100 48.25 18.73 2.79
N ASP E 101 47.56 17.74 3.34
CA ASP E 101 46.81 16.73 2.58
C ASP E 101 45.34 17.06 2.28
N ARG E 102 44.85 18.16 2.84
CA ARG E 102 43.49 18.64 2.61
C ARG E 102 42.43 17.64 3.01
N THR E 103 42.74 16.78 3.98
CA THR E 103 41.84 15.75 4.44
C THR E 103 41.51 15.93 5.93
N PHE E 104 40.23 15.74 6.27
CA PHE E 104 39.72 15.77 7.62
C PHE E 104 38.70 14.62 7.81
N ALA E 105 38.13 14.54 9.01
CA ALA E 105 37.17 13.52 9.38
C ALA E 105 35.79 14.09 9.68
N VAL E 106 34.77 13.22 9.57
CA VAL E 106 33.38 13.51 9.85
C VAL E 106 32.78 12.38 10.67
N LEU E 107 32.41 12.68 11.89
CA LEU E 107 31.85 11.70 12.79
C LEU E 107 30.42 11.43 12.43
N ALA E 108 30.02 10.18 12.60
CA ALA E 108 28.65 9.75 12.39
C ALA E 108 27.98 9.71 13.75
N TYR E 109 27.38 10.85 14.10
CA TYR E 109 26.73 11.03 15.38
C TYR E 109 25.47 10.18 15.48
N SER E 110 25.56 9.08 16.21
CA SER E 110 24.43 8.20 16.43
C SER E 110 23.45 8.88 17.38
N ASN E 111 23.94 9.36 18.52
CA ASN E 111 23.16 10.10 19.52
C ASN E 111 23.72 11.51 19.56
N VAL E 112 23.07 12.41 18.85
CA VAL E 112 23.48 13.81 18.74
C VAL E 112 23.49 14.55 20.08
N GLN E 113 22.69 14.09 21.03
CA GLN E 113 22.62 14.71 22.34
C GLN E 113 23.89 14.49 23.14
N GLU E 114 24.37 13.24 23.20
CA GLU E 114 25.60 12.87 23.91
C GLU E 114 26.86 13.02 23.06
N ARG E 115 26.73 13.41 21.77
CA ARG E 115 27.83 13.53 20.83
C ARG E 115 28.59 12.20 20.73
N GLU E 116 27.85 11.09 20.69
CA GLU E 116 28.43 9.77 20.60
C GLU E 116 28.61 9.42 19.15
N ALA E 117 29.79 8.86 18.82
CA ALA E 117 30.14 8.42 17.47
C ALA E 117 31.19 7.32 17.54
N GLN E 118 30.86 6.16 16.98
CA GLN E 118 31.72 4.99 16.94
C GLN E 118 32.38 4.82 15.58
N PHE E 119 31.75 5.35 14.52
CA PHE E 119 32.23 5.28 13.15
C PHE E 119 32.30 6.67 12.56
N GLY E 120 32.82 6.73 11.36
CA GLY E 120 32.90 7.97 10.61
C GLY E 120 33.44 7.80 9.20
N THR E 121 33.55 8.92 8.50
CA THR E 121 34.04 8.96 7.13
C THR E 121 35.00 10.12 6.90
N THR E 122 36.07 9.87 6.16
CA THR E 122 37.02 10.89 5.81
C THR E 122 36.47 11.78 4.73
N ALA E 123 36.99 12.99 4.61
CA ALA E 123 36.58 13.94 3.59
C ALA E 123 37.75 14.72 3.09
N GLU E 124 37.82 14.91 1.79
CA GLU E 124 38.92 15.59 1.10
C GLU E 124 38.41 16.85 0.46
N ILE E 125 39.12 17.95 0.65
CA ILE E 125 38.75 19.24 0.10
C ILE E 125 39.19 19.31 -1.36
N TYR E 126 38.27 19.70 -2.25
CA TYR E 126 38.54 19.86 -3.67
C TYR E 126 38.31 21.27 -4.20
N ALA E 127 37.73 22.17 -3.41
CA ALA E 127 37.56 23.57 -3.79
C ALA E 127 37.58 24.42 -2.55
N TYR E 128 38.17 25.61 -2.66
CA TYR E 128 38.36 26.51 -1.52
C TYR E 128 38.41 27.96 -1.97
N ARG E 129 37.85 28.85 -1.15
CA ARG E 129 37.92 30.28 -1.36
C ARG E 129 37.64 31.02 -0.07
N GLU E 130 38.54 31.92 0.34
CA GLU E 130 38.39 32.75 1.52
C GLU E 130 37.82 34.10 1.12
N GLU E 131 37.12 34.75 2.05
CA GLU E 131 36.53 36.05 1.84
C GLU E 131 36.52 36.83 3.12
N GLN E 132 37.20 37.97 3.13
CA GLN E 132 37.24 38.90 4.25
C GLN E 132 36.30 40.10 4.02
N ASP E 133 35.25 39.90 3.22
CA ASP E 133 34.30 40.94 2.90
C ASP E 133 33.32 41.20 4.03
N PHE E 134 32.84 42.45 4.09
CA PHE E 134 31.86 42.89 5.06
C PHE E 134 32.31 42.73 6.51
N GLY E 135 33.62 42.72 6.73
CA GLY E 135 34.19 42.61 8.06
C GLY E 135 33.91 41.32 8.80
N ILE E 136 34.00 40.18 8.11
CA ILE E 136 33.79 38.87 8.71
C ILE E 136 34.61 37.84 7.97
N GLU E 137 35.33 36.98 8.73
CA GLU E 137 36.18 35.95 8.15
C GLU E 137 35.32 34.79 7.70
N ILE E 138 35.05 34.71 6.40
CA ILE E 138 34.26 33.65 5.80
C ILE E 138 35.17 32.77 4.96
N VAL E 139 34.90 31.46 4.98
CA VAL E 139 35.62 30.51 4.17
C VAL E 139 34.64 29.52 3.56
N LYS E 140 34.69 29.38 2.23
CA LYS E 140 33.85 28.47 1.47
C LYS E 140 34.68 27.31 0.98
N VAL E 141 34.19 26.09 1.21
CA VAL E 141 34.86 24.84 0.89
C VAL E 141 33.89 23.81 0.29
N LYS E 142 34.39 23.03 -0.66
CA LYS E 142 33.68 21.93 -1.26
C LYS E 142 34.56 20.71 -1.12
N ALA E 143 34.07 19.68 -0.45
CA ALA E 143 34.80 18.44 -0.20
C ALA E 143 34.03 17.21 -0.69
N ILE E 144 34.68 16.05 -0.63
CA ILE E 144 34.14 14.78 -1.08
C ILE E 144 34.52 13.67 -0.13
N GLY E 145 33.67 12.68 0.00
CA GLY E 145 33.95 11.52 0.82
C GLY E 145 34.99 10.66 0.19
N ARG E 146 35.66 9.84 1.00
CA ARG E 146 36.73 8.97 0.54
C ARG E 146 36.71 7.57 1.17
N GLN E 147 37.04 7.50 2.46
CA GLN E 147 37.15 6.23 3.15
C GLN E 147 36.32 6.18 4.40
N ARG E 148 35.84 4.97 4.72
CA ARG E 148 35.11 4.69 5.94
C ARG E 148 36.13 4.41 7.02
N PHE E 149 35.74 4.56 8.26
CA PHE E 149 36.63 4.27 9.35
C PHE E 149 35.89 4.00 10.64
N LYS E 150 36.57 3.29 11.55
CA LYS E 150 36.10 2.98 12.90
C LYS E 150 36.96 3.77 13.88
N VAL E 151 36.31 4.38 14.86
CA VAL E 151 36.96 5.22 15.84
C VAL E 151 37.66 4.38 16.89
N LEU E 152 38.94 4.71 17.18
CA LEU E 152 39.73 4.05 18.21
C LEU E 152 39.87 4.89 19.48
N GLU E 153 40.25 6.16 19.31
CA GLU E 153 40.41 7.08 20.44
C GLU E 153 40.18 8.53 19.99
N LEU E 154 39.77 9.38 20.93
CA LEU E 154 39.51 10.77 20.69
C LEU E 154 40.23 11.61 21.72
N ARG E 155 41.00 12.59 21.25
CA ARG E 155 41.71 13.54 22.11
C ARG E 155 41.29 14.96 21.74
N THR E 156 41.53 15.89 22.63
CA THR E 156 41.20 17.29 22.40
C THR E 156 42.40 18.13 22.73
N GLN E 157 42.86 18.95 21.78
CA GLN E 157 43.99 19.85 21.98
C GLN E 157 43.52 21.11 22.70
N SER E 158 44.47 21.96 23.14
CA SER E 158 44.18 23.20 23.89
C SER E 158 43.42 24.25 23.10
N ASP E 159 43.68 24.29 21.80
CA ASP E 159 43.06 25.23 20.86
C ASP E 159 41.62 24.87 20.42
N GLY E 160 41.00 23.89 21.08
CA GLY E 160 39.64 23.47 20.77
C GLY E 160 39.49 22.37 19.73
N ILE E 161 40.26 22.45 18.64
CA ILE E 161 40.21 21.48 17.57
C ILE E 161 40.60 20.13 18.15
N GLN E 162 39.74 19.15 17.99
CA GLN E 162 39.96 17.81 18.53
C GLN E 162 40.47 16.86 17.46
N GLN E 163 41.32 15.91 17.88
CA GLN E 163 41.93 14.90 17.03
C GLN E 163 41.33 13.53 17.30
N ALA E 164 41.46 12.65 16.32
CA ALA E 164 40.93 11.31 16.41
C ALA E 164 41.90 10.28 15.87
N LYS E 165 42.26 9.29 16.70
CA LYS E 165 43.05 8.12 16.34
C LYS E 165 42.05 7.14 15.77
N VAL E 166 42.17 6.87 14.49
CA VAL E 166 41.21 6.14 13.70
C VAL E 166 41.85 5.00 12.92
N GLN E 167 41.08 3.95 12.69
CA GLN E 167 41.49 2.79 11.92
C GLN E 167 40.67 2.75 10.66
N ILE E 168 41.34 2.69 9.51
CA ILE E 168 40.67 2.62 8.21
C ILE E 168 39.99 1.29 8.08
N LEU E 169 38.72 1.31 7.67
CA LEU E 169 37.93 0.11 7.52
C LEU E 169 38.15 -0.46 6.13
N PRO E 170 38.47 -1.77 6.04
CA PRO E 170 38.73 -2.37 4.73
C PRO E 170 37.47 -2.69 3.97
N GLU E 171 37.61 -2.66 2.64
CA GLU E 171 36.52 -3.00 1.76
C GLU E 171 36.67 -4.46 1.44
N CYS E 172 35.80 -5.30 2.01
CA CYS E 172 35.82 -6.74 1.83
C CYS E 172 35.05 -7.16 0.57
N VAL E 173 35.77 -7.45 -0.49
CA VAL E 173 35.19 -7.91 -1.72
C VAL E 173 35.53 -9.36 -1.84
N LEU E 174 34.60 -10.13 -2.39
CA LEU E 174 34.68 -11.58 -2.55
C LEU E 174 34.65 -11.98 -4.02
N PRO E 175 35.16 -13.16 -4.32
CA PRO E 175 35.08 -13.65 -5.69
C PRO E 175 33.71 -14.23 -5.93
N SER E 176 33.40 -14.48 -7.21
CA SER E 176 32.10 -15.00 -7.60
C SER E 176 31.82 -16.32 -6.91
N THR E 177 30.57 -16.54 -6.53
CA THR E 177 30.16 -17.73 -5.82
C THR E 177 30.61 -18.99 -6.50
N MET E 178 30.68 -18.97 -7.83
CA MET E 178 31.05 -20.14 -8.62
C MET E 178 32.52 -20.47 -8.58
N SER E 179 33.39 -19.55 -8.20
CA SER E 179 34.82 -19.79 -8.19
C SER E 179 35.24 -21.06 -7.49
N ALA E 180 34.57 -21.42 -6.40
CA ALA E 180 34.91 -22.62 -5.65
C ALA E 180 34.48 -23.91 -6.33
N VAL E 181 33.26 -23.94 -6.81
CA VAL E 181 32.69 -25.11 -7.45
C VAL E 181 32.94 -25.24 -8.93
N GLN E 182 33.33 -24.15 -9.57
CA GLN E 182 33.54 -24.11 -11.00
C GLN E 182 34.35 -25.28 -11.47
N LEU E 183 33.81 -26.03 -12.44
CA LEU E 183 34.50 -27.15 -13.03
C LEU E 183 35.55 -26.63 -13.98
N GLU E 184 36.64 -27.36 -14.07
CA GLU E 184 37.81 -26.96 -14.84
C GLU E 184 37.55 -26.96 -16.32
N SER E 185 36.79 -27.93 -16.80
CA SER E 185 36.41 -28.01 -18.21
C SER E 185 35.64 -26.82 -18.69
N LEU E 186 34.82 -26.22 -17.82
CA LEU E 186 33.98 -25.09 -18.15
C LEU E 186 34.59 -23.72 -17.85
N ASN E 187 35.78 -23.68 -17.26
CA ASN E 187 36.48 -22.43 -16.99
C ASN E 187 36.63 -21.62 -18.26
N LYS E 188 36.87 -22.28 -19.38
CA LYS E 188 37.03 -21.64 -20.66
C LYS E 188 35.73 -21.09 -21.25
N CYS E 189 34.56 -21.37 -20.71
CA CYS E 189 33.30 -20.90 -21.26
C CYS E 189 32.66 -19.85 -20.44
N GLN E 190 33.37 -19.28 -19.48
CA GLN E 190 32.80 -18.28 -18.61
C GLN E 190 32.68 -16.93 -19.29
N ILE E 191 33.77 -16.47 -19.94
CA ILE E 191 33.79 -15.16 -20.60
C ILE E 191 32.79 -15.14 -21.73
N PHE E 192 32.02 -14.03 -21.81
CA PHE E 192 30.96 -13.88 -22.78
C PHE E 192 31.40 -13.12 -23.98
N PRO E 193 30.88 -13.50 -25.15
CA PRO E 193 31.28 -12.82 -26.38
C PRO E 193 30.62 -11.47 -26.53
N SER E 194 31.38 -10.46 -26.96
CA SER E 194 30.91 -9.10 -27.13
C SER E 194 29.98 -8.81 -25.98
N LYS E 195 30.53 -8.81 -24.75
CA LYS E 195 29.74 -8.81 -23.53
C LYS E 195 28.59 -7.82 -23.53
N PRO E 196 28.72 -6.63 -24.16
CA PRO E 196 27.59 -5.70 -24.17
C PRO E 196 26.74 -5.76 -25.44
N VAL E 197 25.43 -5.82 -25.26
CA VAL E 197 24.43 -5.75 -26.31
C VAL E 197 23.06 -5.47 -25.67
N SER E 198 23.01 -4.52 -24.71
CA SER E 198 21.78 -4.19 -24.01
C SER E 198 20.97 -3.19 -24.77
N ARG E 199 20.95 -1.90 -24.34
CA ARG E 199 20.12 -0.85 -24.90
C ARG E 199 18.66 -1.30 -24.85
N GLU E 200 18.26 -2.15 -25.80
CA GLU E 200 16.96 -2.79 -25.78
C GLU E 200 17.02 -3.93 -24.75
N ASP E 201 16.10 -3.88 -23.78
CA ASP E 201 16.03 -4.84 -22.68
C ASP E 201 15.30 -6.15 -23.04
N GLN E 202 14.81 -6.33 -24.28
CA GLN E 202 14.26 -7.61 -24.72
C GLN E 202 15.42 -8.48 -25.16
N CYS E 203 16.31 -7.93 -25.99
CA CYS E 203 17.55 -8.59 -26.34
C CYS E 203 18.43 -8.76 -25.09
N SER E 204 18.32 -7.83 -24.11
CA SER E 204 19.00 -7.97 -22.82
C SER E 204 18.33 -9.02 -21.94
N TYR E 205 17.02 -9.25 -22.08
CA TYR E 205 16.33 -10.32 -21.36
C TYR E 205 16.87 -11.67 -21.83
N LYS E 206 17.00 -11.85 -23.17
CA LYS E 206 17.63 -13.01 -23.78
C LYS E 206 19.04 -13.16 -23.24
N TRP E 207 19.79 -12.04 -23.20
CA TRP E 207 21.16 -11.99 -22.72
C TRP E 207 21.29 -12.39 -21.24
N TRP E 208 20.37 -11.92 -20.40
CA TRP E 208 20.38 -12.24 -18.98
C TRP E 208 20.05 -13.71 -18.76
N GLN E 209 19.13 -14.26 -19.53
CA GLN E 209 18.82 -15.66 -19.40
C GLN E 209 20.01 -16.53 -19.82
N LYS E 210 20.65 -16.20 -20.93
CA LYS E 210 21.85 -16.91 -21.37
C LYS E 210 22.96 -16.76 -20.33
N TYR E 211 23.11 -15.56 -19.78
CA TYR E 211 24.09 -15.26 -18.74
C TYR E 211 23.89 -16.12 -17.51
N GLN E 212 22.64 -16.27 -17.09
CA GLN E 212 22.32 -17.07 -15.92
C GLN E 212 22.56 -18.55 -16.17
N LYS E 213 22.17 -19.04 -17.33
CA LYS E 213 22.36 -20.45 -17.64
C LYS E 213 23.83 -20.80 -17.72
N ARG E 214 24.66 -19.88 -18.22
CA ARG E 214 26.09 -20.13 -18.41
C ARG E 214 26.89 -19.91 -17.16
N LYS E 215 26.85 -18.70 -16.62
CA LYS E 215 27.67 -18.37 -15.46
C LYS E 215 27.39 -19.24 -14.25
N PHE E 216 26.12 -19.55 -14.03
CA PHE E 216 25.71 -20.35 -12.90
C PHE E 216 25.33 -21.76 -13.24
N HIS E 217 25.95 -22.32 -14.26
CA HIS E 217 25.69 -23.70 -14.64
C HIS E 217 26.07 -24.64 -13.51
N CYS E 218 27.31 -24.54 -13.02
CA CYS E 218 27.84 -25.38 -11.94
C CYS E 218 27.03 -25.32 -10.66
N ALA E 219 26.05 -24.44 -10.59
CA ALA E 219 25.13 -24.38 -9.48
C ALA E 219 24.42 -25.72 -9.27
N ASN E 220 24.31 -26.53 -10.34
CA ASN E 220 23.72 -27.83 -10.24
C ASN E 220 24.46 -28.75 -9.29
N LEU E 221 25.71 -28.43 -8.97
CA LEU E 221 26.53 -29.24 -8.09
C LEU E 221 26.31 -28.98 -6.61
N THR E 222 25.56 -27.95 -6.28
CA THR E 222 25.31 -27.55 -4.91
C THR E 222 23.88 -27.85 -4.48
N SER E 223 23.52 -27.44 -3.28
CA SER E 223 22.20 -27.70 -2.73
C SER E 223 21.11 -26.77 -3.22
N TRP E 224 21.48 -25.71 -3.93
CA TRP E 224 20.59 -24.66 -4.36
C TRP E 224 20.60 -24.45 -5.86
N PRO E 225 19.59 -23.70 -6.39
CA PRO E 225 19.51 -23.48 -7.84
C PRO E 225 20.15 -22.17 -8.29
N ARG E 226 20.07 -21.90 -9.61
CA ARG E 226 20.69 -20.74 -10.21
C ARG E 226 20.12 -19.42 -9.72
N TRP E 227 18.81 -19.31 -9.75
CA TRP E 227 18.13 -18.08 -9.38
C TRP E 227 18.47 -17.59 -7.99
N LEU E 228 18.89 -18.49 -7.11
CA LEU E 228 19.32 -18.11 -5.79
C LEU E 228 20.60 -17.32 -5.86
N TYR E 229 21.60 -17.88 -6.50
CA TYR E 229 22.89 -17.23 -6.66
C TYR E 229 22.77 -15.94 -7.46
N SER E 230 21.77 -15.84 -8.35
CA SER E 230 21.52 -14.62 -9.13
C SER E 230 21.27 -13.43 -8.21
N LEU E 231 20.66 -13.67 -7.05
CA LEU E 231 20.38 -12.63 -6.09
C LEU E 231 21.63 -12.07 -5.45
N TYR E 232 22.73 -12.84 -5.41
CA TYR E 232 23.99 -12.44 -4.81
C TYR E 232 25.09 -12.13 -5.85
N ASP E 233 24.70 -11.81 -7.08
CA ASP E 233 25.65 -11.46 -8.14
C ASP E 233 25.66 -9.97 -8.32
N ALA E 234 26.85 -9.40 -8.30
CA ALA E 234 26.99 -7.95 -8.41
C ALA E 234 26.34 -7.36 -9.67
N GLU E 235 26.48 -8.01 -10.79
CA GLU E 235 25.97 -7.47 -12.05
C GLU E 235 24.49 -7.48 -12.14
N THR E 236 23.87 -8.56 -11.69
CA THR E 236 22.43 -8.68 -11.65
C THR E 236 21.87 -7.58 -10.73
N LEU E 237 22.45 -7.40 -9.56
CA LEU E 237 22.02 -6.38 -8.64
C LEU E 237 22.17 -4.99 -9.23
N MET E 238 23.29 -4.72 -9.86
CA MET E 238 23.52 -3.42 -10.49
C MET E 238 22.51 -3.13 -11.60
N ASP E 239 22.14 -4.15 -12.37
CA ASP E 239 21.16 -3.99 -13.45
C ASP E 239 19.79 -3.66 -12.91
N ARG E 240 19.38 -4.35 -11.85
CA ARG E 240 18.10 -4.08 -11.22
C ARG E 240 18.09 -2.67 -10.64
N ILE E 241 19.19 -2.24 -10.07
CA ILE E 241 19.29 -0.89 -9.54
C ILE E 241 19.24 0.11 -10.67
N LYS E 242 19.86 -0.18 -11.81
CA LYS E 242 19.80 0.70 -12.96
C LYS E 242 18.37 0.84 -13.44
N LYS E 243 17.61 -0.25 -13.45
CA LYS E 243 16.20 -0.24 -13.84
C LYS E 243 15.37 0.62 -12.89
N GLN E 244 15.70 0.63 -11.61
CA GLN E 244 15.02 1.48 -10.64
C GLN E 244 15.40 2.94 -10.78
N LEU E 245 16.64 3.22 -11.18
CA LEU E 245 17.15 4.57 -11.34
C LEU E 245 16.60 5.26 -12.55
N ARG E 246 16.54 4.55 -13.69
CA ARG E 246 15.97 5.10 -14.92
C ARG E 246 14.54 5.56 -14.68
N GLU E 247 13.81 4.86 -13.81
CA GLU E 247 12.45 5.21 -13.47
C GLU E 247 12.35 6.62 -12.89
N TRP E 248 13.43 7.12 -12.28
CA TRP E 248 13.44 8.43 -11.67
C TRP E 248 13.90 9.54 -12.60
N ASP E 249 14.79 9.22 -13.54
CA ASP E 249 15.24 10.18 -14.53
C ASP E 249 15.59 9.49 -15.81
N GLU E 250 15.14 10.07 -16.92
CA GLU E 250 15.35 9.51 -18.25
C GLU E 250 16.60 10.01 -18.93
N ASN E 251 17.27 11.02 -18.36
CA ASN E 251 18.52 11.54 -18.91
C ASN E 251 19.72 10.70 -18.45
N LEU E 252 19.48 9.41 -18.15
CA LEU E 252 20.52 8.52 -17.69
C LEU E 252 21.11 7.76 -18.85
N LYS E 253 22.41 7.59 -18.82
CA LYS E 253 23.14 6.76 -19.74
C LYS E 253 24.03 5.87 -18.90
N ASP E 254 24.13 4.60 -19.26
CA ASP E 254 24.92 3.60 -18.54
C ASP E 254 26.36 4.04 -18.28
N ASP E 255 26.84 5.00 -19.08
CA ASP E 255 28.15 5.57 -18.94
C ASP E 255 28.26 6.37 -17.65
N SER E 256 27.26 7.19 -17.35
CA SER E 256 27.31 8.08 -16.20
C SER E 256 27.58 7.37 -14.89
N LEU E 257 27.02 6.18 -14.71
CA LEU E 257 27.20 5.42 -13.49
C LEU E 257 28.50 4.64 -13.50
N PRO E 258 29.21 4.57 -12.36
CA PRO E 258 30.44 3.77 -12.34
C PRO E 258 30.19 2.28 -12.52
N SER E 259 31.15 1.56 -13.10
CA SER E 259 31.00 0.13 -13.30
C SER E 259 31.44 -0.65 -12.08
N ASN E 260 32.33 -0.08 -11.26
CA ASN E 260 32.82 -0.76 -10.08
C ASN E 260 31.70 -0.92 -9.08
N PRO E 261 31.38 -2.17 -8.69
CA PRO E 261 30.28 -2.35 -7.74
C PRO E 261 30.44 -1.65 -6.39
N ILE E 262 31.67 -1.40 -5.97
CA ILE E 262 31.90 -0.75 -4.69
C ILE E 262 31.51 0.70 -4.81
N ASP E 263 32.10 1.41 -5.76
CA ASP E 263 31.77 2.81 -6.00
C ASP E 263 30.31 2.97 -6.40
N PHE E 264 29.79 2.02 -7.17
CA PHE E 264 28.39 2.02 -7.56
C PHE E 264 27.50 1.93 -6.34
N SER E 265 27.78 1.02 -5.43
CA SER E 265 27.00 0.87 -4.21
C SER E 265 27.02 2.11 -3.35
N TYR E 266 28.19 2.72 -3.19
CA TYR E 266 28.30 3.93 -2.41
C TYR E 266 27.53 5.09 -3.00
N ARG E 267 27.60 5.27 -4.30
CA ARG E 267 26.82 6.32 -4.98
C ARG E 267 25.31 6.07 -4.79
N VAL E 268 24.85 4.82 -4.96
CA VAL E 268 23.44 4.53 -4.80
C VAL E 268 22.98 4.86 -3.41
N ALA E 269 23.74 4.45 -2.41
CA ALA E 269 23.39 4.72 -1.03
C ALA E 269 23.39 6.18 -0.70
N ALA E 270 24.28 6.96 -1.31
CA ALA E 270 24.39 8.38 -1.02
C ALA E 270 23.15 9.20 -1.38
N CYS E 271 22.33 8.72 -2.35
CA CYS E 271 21.12 9.40 -2.82
C CYS E 271 19.79 8.66 -2.50
N LEU E 272 19.80 7.90 -1.39
CA LEU E 272 18.63 7.21 -0.90
C LEU E 272 18.19 7.86 0.39
N PRO E 273 16.92 8.38 0.42
CA PRO E 273 16.42 9.04 1.64
C PRO E 273 16.07 8.11 2.82
N ILE E 274 16.97 8.03 3.79
CA ILE E 274 16.83 7.18 4.96
C ILE E 274 17.07 7.98 6.22
N ASP E 275 16.69 7.40 7.33
CA ASP E 275 16.94 7.97 8.65
C ASP E 275 18.37 7.68 9.07
N ASP E 276 18.79 8.34 10.12
CA ASP E 276 20.16 8.28 10.55
C ASP E 276 20.59 6.91 11.03
N VAL E 277 19.73 6.24 11.79
CA VAL E 277 20.04 4.92 12.31
C VAL E 277 20.30 3.94 11.19
N LEU E 278 19.43 3.93 10.18
CA LEU E 278 19.56 3.03 9.05
C LEU E 278 20.76 3.40 8.20
N ARG E 279 21.08 4.70 8.10
CA ARG E 279 22.28 5.15 7.37
C ARG E 279 23.56 4.60 8.07
N ILE E 280 23.61 4.70 9.40
CA ILE E 280 24.72 4.16 10.19
C ILE E 280 24.88 2.67 9.89
N GLN E 281 23.77 1.93 9.98
CA GLN E 281 23.77 0.49 9.74
C GLN E 281 24.30 0.15 8.37
N LEU E 282 23.86 0.86 7.34
CA LEU E 282 24.30 0.64 5.98
C LEU E 282 25.77 0.94 5.80
N LEU E 283 26.27 1.96 6.46
CA LEU E 283 27.67 2.28 6.38
C LEU E 283 28.52 1.18 7.01
N LYS E 284 28.05 0.57 8.11
CA LYS E 284 28.78 -0.50 8.79
C LYS E 284 29.07 -1.67 7.90
N ILE E 285 28.27 -1.88 6.84
CA ILE E 285 28.44 -2.97 5.91
C ILE E 285 29.83 -2.91 5.27
N GLY E 286 30.45 -4.06 5.17
CA GLY E 286 31.78 -4.17 4.61
C GLY E 286 31.81 -4.62 3.18
N SER E 287 30.91 -5.54 2.80
CA SER E 287 30.86 -6.08 1.43
C SER E 287 29.90 -5.30 0.58
N ALA E 288 30.29 -5.05 -0.66
CA ALA E 288 29.46 -4.30 -1.58
C ALA E 288 28.22 -5.07 -1.96
N ILE E 289 28.29 -6.42 -1.97
CA ILE E 289 27.15 -7.26 -2.31
C ILE E 289 26.01 -7.04 -1.34
N GLN E 290 26.33 -7.04 -0.05
CA GLN E 290 25.33 -6.81 1.01
C GLN E 290 24.76 -5.39 0.97
N ARG E 291 25.61 -4.42 0.64
CA ARG E 291 25.19 -3.05 0.50
C ARG E 291 24.15 -2.91 -0.61
N LEU E 292 24.42 -3.50 -1.78
CA LEU E 292 23.52 -3.47 -2.92
C LEU E 292 22.22 -4.21 -2.64
N ARG E 293 22.29 -5.35 -1.97
CA ARG E 293 21.11 -6.09 -1.60
C ARG E 293 20.20 -5.23 -0.71
N CYS E 294 20.80 -4.58 0.29
CA CYS E 294 20.07 -3.71 1.17
C CYS E 294 19.41 -2.58 0.43
N GLU E 295 20.13 -1.98 -0.48
CA GLU E 295 19.60 -0.87 -1.23
C GLU E 295 18.38 -1.28 -2.06
N LEU E 296 18.46 -2.41 -2.76
CA LEU E 296 17.34 -2.89 -3.56
C LEU E 296 16.17 -3.20 -2.70
N ASP E 297 16.43 -3.83 -1.54
CA ASP E 297 15.36 -4.14 -0.61
C ASP E 297 14.63 -2.85 -0.15
N ILE E 298 15.39 -1.83 0.23
CA ILE E 298 14.77 -0.59 0.68
C ILE E 298 13.96 0.05 -0.43
N MET E 299 14.50 0.06 -1.64
CA MET E 299 13.82 0.66 -2.77
C MET E 299 12.48 0.01 -3.05
N ASN E 300 12.39 -1.29 -2.91
CA ASN E 300 11.20 -2.03 -3.24
C ASN E 300 10.24 -2.24 -2.12
N LYS E 301 10.66 -2.07 -0.86
CA LYS E 301 9.82 -2.39 0.30
C LYS E 301 9.04 -1.22 0.87
N CYS E 302 9.63 -0.01 0.87
CA CYS E 302 8.98 1.20 1.37
C CYS E 302 8.70 2.15 0.26
N THR E 303 7.45 2.33 -0.07
CA THR E 303 7.05 3.22 -1.14
C THR E 303 6.55 4.53 -0.64
N SER E 304 6.45 4.71 0.67
CA SER E 304 5.92 5.92 1.25
C SER E 304 6.95 6.64 2.05
N LEU E 305 6.75 7.94 2.23
CA LEU E 305 7.63 8.80 2.99
C LEU E 305 6.79 9.75 3.78
N CYS E 306 6.88 9.65 5.11
CA CYS E 306 6.08 10.42 6.05
C CYS E 306 6.93 11.40 6.83
N CYS E 307 6.28 12.14 7.71
CA CYS E 307 6.96 13.08 8.58
C CYS E 307 7.68 12.33 9.65
N LYS E 308 8.92 12.71 9.91
CA LYS E 308 9.73 12.07 10.93
C LYS E 308 9.21 12.37 12.32
N GLN E 309 8.71 13.58 12.54
CA GLN E 309 8.22 13.96 13.83
C GLN E 309 6.85 13.35 14.10
N CYS E 310 5.95 13.42 13.13
CA CYS E 310 4.59 12.89 13.29
C CYS E 310 4.57 11.40 13.16
N GLN E 311 5.26 10.87 12.16
CA GLN E 311 5.35 9.45 11.85
C GLN E 311 4.12 8.94 11.12
N GLU E 312 2.98 9.64 11.26
CA GLU E 312 1.71 9.25 10.66
C GLU E 312 1.31 10.11 9.47
N THR E 313 1.89 11.31 9.33
CA THR E 313 1.57 12.23 8.26
C THR E 313 2.32 11.88 7.00
N GLU E 314 1.60 11.39 5.99
CA GLU E 314 2.20 11.05 4.72
C GLU E 314 2.55 12.29 3.94
N ILE E 315 3.77 12.35 3.44
CA ILE E 315 4.28 13.48 2.70
C ILE E 315 4.38 13.20 1.22
N THR E 316 4.92 12.06 0.84
CA THR E 316 5.07 11.70 -0.55
C THR E 316 5.26 10.21 -0.71
N THR E 317 5.45 9.80 -1.96
CA THR E 317 5.72 8.43 -2.33
C THR E 317 6.84 8.41 -3.35
N LYS E 318 7.50 7.27 -3.46
CA LYS E 318 8.61 7.10 -4.37
C LYS E 318 8.20 7.28 -5.83
N ASN E 319 6.91 7.25 -6.11
CA ASN E 319 6.44 7.45 -7.48
C ASN E 319 6.79 8.84 -7.96
N GLU E 320 6.81 9.82 -7.04
CA GLU E 320 7.08 11.20 -7.36
C GLU E 320 8.54 11.60 -7.34
N ILE E 321 9.39 10.77 -6.77
CA ILE E 321 10.81 11.05 -6.74
C ILE E 321 11.37 11.06 -8.16
N PHE E 322 12.21 12.06 -8.42
CA PHE E 322 12.88 12.21 -9.69
C PHE E 322 14.15 13.04 -9.51
N SER E 323 15.13 12.78 -10.40
CA SER E 323 16.44 13.40 -10.37
C SER E 323 16.46 14.69 -11.14
N LEU E 324 16.76 15.79 -10.44
CA LEU E 324 16.93 17.11 -11.04
C LEU E 324 18.42 17.46 -11.20
N SER E 325 19.32 16.70 -10.57
CA SER E 325 20.75 16.91 -10.65
C SER E 325 21.44 15.75 -11.35
N LEU E 326 22.71 15.93 -11.71
CA LEU E 326 23.48 14.90 -12.39
C LEU E 326 23.79 13.71 -11.50
N CYS E 327 24.00 13.95 -10.22
CA CYS E 327 24.31 12.92 -9.25
C CYS E 327 23.14 12.00 -9.02
N GLY E 328 22.01 12.61 -8.72
CA GLY E 328 20.79 11.89 -8.42
C GLY E 328 19.71 12.75 -7.82
N PRO E 329 18.74 12.10 -7.19
CA PRO E 329 17.63 12.84 -6.62
C PRO E 329 17.99 13.58 -5.36
N MET E 330 18.86 13.00 -4.52
CA MET E 330 19.28 13.57 -3.26
C MET E 330 20.72 13.95 -3.26
N ALA E 331 21.03 15.07 -2.67
CA ALA E 331 22.39 15.59 -2.56
C ALA E 331 22.48 16.61 -1.44
N ALA E 332 23.69 16.93 -1.05
CA ALA E 332 23.91 17.86 0.03
C ALA E 332 24.00 19.29 -0.46
N TYR E 333 23.53 20.22 0.36
CA TYR E 333 23.58 21.65 0.10
C TYR E 333 23.78 22.42 1.39
N VAL E 334 24.63 23.42 1.34
CA VAL E 334 24.93 24.27 2.47
C VAL E 334 24.09 25.52 2.37
N ASN E 335 23.60 26.03 3.51
CA ASN E 335 22.79 27.24 3.59
C ASN E 335 23.65 28.40 4.01
N PRO E 336 23.15 29.63 3.92
CA PRO E 336 23.98 30.77 4.25
C PRO E 336 24.67 30.72 5.61
N HIS E 337 24.00 30.11 6.59
CA HIS E 337 24.50 30.04 7.95
C HIS E 337 25.31 28.77 8.24
N GLY E 338 25.80 28.11 7.21
CA GLY E 338 26.67 26.97 7.38
C GLY E 338 26.05 25.64 7.76
N TYR E 339 24.74 25.53 7.65
CA TYR E 339 24.01 24.30 7.95
C TYR E 339 23.84 23.50 6.66
N VAL E 340 23.99 22.18 6.77
CA VAL E 340 23.91 21.27 5.64
C VAL E 340 22.59 20.53 5.65
N HIS E 341 21.98 20.37 4.47
CA HIS E 341 20.75 19.62 4.28
C HIS E 341 20.90 18.62 3.17
N GLU E 342 20.60 17.36 3.42
CA GLU E 342 20.63 16.33 2.38
C GLU E 342 19.27 16.38 1.75
N THR E 343 19.12 17.24 0.75
CA THR E 343 17.84 17.49 0.10
C THR E 343 17.54 16.58 -1.06
N LEU E 344 16.29 16.13 -1.12
CA LEU E 344 15.75 15.25 -2.13
C LEU E 344 14.70 16.00 -2.90
N THR E 345 14.71 15.85 -4.23
CA THR E 345 13.78 16.50 -5.14
C THR E 345 12.62 15.58 -5.57
N VAL E 346 11.38 16.11 -5.52
CA VAL E 346 10.15 15.40 -5.87
C VAL E 346 9.15 16.24 -6.62
N TYR E 347 8.31 15.57 -7.38
CA TYR E 347 7.30 16.20 -8.18
C TYR E 347 6.23 16.85 -7.32
N LYS E 348 5.56 16.05 -6.53
CA LYS E 348 4.45 16.48 -5.69
C LYS E 348 4.69 16.17 -4.23
N ALA E 349 4.03 16.97 -3.39
CA ALA E 349 3.99 16.80 -1.95
C ALA E 349 2.68 17.29 -1.44
N CYS E 350 2.35 16.93 -0.22
CA CYS E 350 1.07 17.28 0.36
C CYS E 350 1.19 17.40 1.87
N ASN E 351 0.11 17.87 2.52
CA ASN E 351 0.03 18.09 3.95
C ASN E 351 1.11 19.06 4.39
N LEU E 352 1.23 20.16 3.66
CA LEU E 352 2.23 21.16 3.93
C LEU E 352 1.67 22.55 3.77
N ASN E 353 1.96 23.42 4.73
CA ASN E 353 1.59 24.82 4.69
C ASN E 353 2.85 25.63 4.38
N LEU E 354 2.66 26.71 3.61
CA LEU E 354 3.74 27.58 3.15
C LEU E 354 3.92 28.76 4.04
N ILE E 355 5.17 29.00 4.47
CA ILE E 355 5.55 30.10 5.34
C ILE E 355 6.37 31.08 4.54
N GLY E 356 5.99 32.35 4.67
CA GLY E 356 6.65 33.45 4.01
C GLY E 356 6.27 33.58 2.55
N ARG E 357 7.10 34.31 1.81
CA ARG E 357 6.91 34.56 0.41
C ARG E 357 8.12 34.07 -0.37
N PRO E 358 7.95 33.88 -1.69
CA PRO E 358 9.08 33.44 -2.49
C PRO E 358 10.29 34.36 -2.36
N SER E 359 11.46 33.75 -2.38
CA SER E 359 12.71 34.45 -2.26
C SER E 359 13.73 33.89 -3.24
N THR E 360 14.53 34.77 -3.84
CA THR E 360 15.61 34.41 -4.75
C THR E 360 16.98 34.54 -4.06
N GLU E 361 17.01 34.42 -2.73
CA GLU E 361 18.22 34.56 -1.91
C GLU E 361 18.93 33.26 -1.75
N HIS E 362 20.19 33.23 -2.13
CA HIS E 362 21.06 32.08 -1.98
C HIS E 362 20.42 30.82 -2.54
N SER E 363 19.62 30.96 -3.60
CA SER E 363 18.91 29.83 -4.17
C SER E 363 19.87 28.80 -4.71
N TRP E 364 19.68 27.54 -4.32
CA TRP E 364 20.50 26.42 -4.75
C TRP E 364 20.20 25.97 -6.16
N PHE E 365 19.04 26.38 -6.69
CA PHE E 365 18.57 26.00 -8.00
C PHE E 365 18.30 27.24 -8.83
N PRO E 366 19.31 27.69 -9.62
CA PRO E 366 19.13 28.93 -10.39
C PRO E 366 17.89 28.93 -11.27
N GLY E 367 17.15 30.03 -11.22
CA GLY E 367 15.90 30.18 -11.96
C GLY E 367 14.66 29.83 -11.18
N TYR E 368 14.81 29.56 -9.89
CA TYR E 368 13.71 29.21 -9.02
C TYR E 368 13.78 29.99 -7.73
N ALA E 369 12.62 30.22 -7.12
CA ALA E 369 12.47 30.89 -5.82
C ALA E 369 11.90 29.92 -4.79
N TRP E 370 12.36 30.02 -3.56
CA TRP E 370 12.02 29.11 -2.48
C TRP E 370 11.08 29.73 -1.47
N THR E 371 10.26 28.86 -0.86
CA THR E 371 9.32 29.22 0.19
C THR E 371 9.30 28.07 1.20
N VAL E 372 9.42 28.40 2.50
CA VAL E 372 9.50 27.40 3.55
C VAL E 372 8.21 26.57 3.63
N ALA E 373 8.35 25.25 3.85
CA ALA E 373 7.25 24.31 3.95
C ALA E 373 7.25 23.61 5.30
N GLN E 374 6.13 23.69 6.03
CA GLN E 374 5.97 23.08 7.34
C GLN E 374 4.86 22.07 7.29
N CYS E 375 4.92 21.11 8.19
CA CYS E 375 3.87 20.15 8.33
C CYS E 375 2.68 20.82 8.92
N LYS E 376 1.51 20.67 8.32
CA LYS E 376 0.30 21.30 8.80
C LYS E 376 -0.19 20.78 10.15
N ILE E 377 0.40 19.70 10.68
CA ILE E 377 0.00 19.13 11.94
C ILE E 377 0.92 19.53 13.07
N CYS E 378 2.19 19.10 13.00
CA CYS E 378 3.18 19.37 14.03
C CYS E 378 3.99 20.65 13.82
N ALA E 379 3.84 21.31 12.67
CA ALA E 379 4.56 22.55 12.37
C ALA E 379 6.05 22.37 12.36
N SER E 380 6.52 21.23 11.87
CA SER E 380 7.93 20.95 11.75
C SER E 380 8.34 21.20 10.34
N HIS E 381 9.49 21.87 10.17
CA HIS E 381 10.07 22.16 8.88
C HIS E 381 10.34 20.88 8.10
N ILE E 382 9.85 20.79 6.86
CA ILE E 382 10.04 19.65 5.99
C ILE E 382 10.95 19.96 4.84
N GLY E 383 10.83 21.16 4.30
CA GLY E 383 11.64 21.59 3.18
C GLY E 383 11.20 22.89 2.57
N TRP E 384 11.33 23.02 1.25
CA TRP E 384 11.01 24.22 0.50
C TRP E 384 10.27 23.91 -0.79
N LYS E 385 9.44 24.86 -1.26
CA LYS E 385 8.70 24.77 -2.51
C LYS E 385 9.39 25.71 -3.48
N PHE E 386 9.86 25.17 -4.59
CA PHE E 386 10.56 25.91 -5.61
C PHE E 386 9.62 26.26 -6.74
N THR E 387 9.56 27.55 -7.05
CA THR E 387 8.73 28.11 -8.09
C THR E 387 9.59 28.77 -9.14
N ALA E 388 9.29 28.52 -10.40
CA ALA E 388 10.04 29.05 -11.51
C ALA E 388 9.83 30.55 -11.66
N THR E 389 10.89 31.27 -12.02
CA THR E 389 10.85 32.72 -12.23
C THR E 389 10.31 33.06 -13.60
N LYS E 390 10.63 32.23 -14.61
CA LYS E 390 10.18 32.39 -15.98
C LYS E 390 9.06 31.40 -16.29
N LYS E 391 8.13 31.79 -17.16
CA LYS E 391 6.99 30.97 -17.54
C LYS E 391 7.37 29.83 -18.47
N ASP E 392 8.43 29.97 -19.26
CA ASP E 392 8.88 28.96 -20.20
C ASP E 392 9.54 27.75 -19.53
N MET E 393 9.97 27.91 -18.27
CA MET E 393 10.64 26.83 -17.56
C MET E 393 9.67 25.69 -17.29
N SER E 394 10.20 24.48 -17.25
CA SER E 394 9.44 23.27 -16.96
C SER E 394 10.33 22.32 -16.17
N PRO E 395 9.88 21.86 -15.00
CA PRO E 395 8.60 22.11 -14.35
C PRO E 395 8.51 23.49 -13.74
N GLN E 396 7.29 24.03 -13.69
CA GLN E 396 7.05 25.36 -13.14
C GLN E 396 7.22 25.39 -11.62
N LYS E 397 6.94 24.25 -10.95
CA LYS E 397 7.04 24.14 -9.51
C LYS E 397 7.37 22.73 -9.11
N PHE E 398 8.26 22.60 -8.13
CA PHE E 398 8.68 21.33 -7.57
C PHE E 398 8.94 21.46 -6.08
N TRP E 399 9.27 20.33 -5.40
CA TRP E 399 9.49 20.30 -3.96
C TRP E 399 10.86 19.73 -3.61
N GLY E 400 11.46 20.28 -2.57
CA GLY E 400 12.74 19.82 -2.06
C GLY E 400 12.63 19.56 -0.59
N LEU E 401 12.82 18.30 -0.17
CA LEU E 401 12.65 17.86 1.21
C LEU E 401 13.95 17.47 1.87
N THR E 402 14.14 17.89 3.12
CA THR E 402 15.32 17.58 3.89
C THR E 402 15.22 16.20 4.49
N ARG E 403 16.26 15.37 4.29
CA ARG E 403 16.29 13.99 4.77
C ARG E 403 16.08 13.87 6.25
N SER E 404 16.71 14.77 7.00
CA SER E 404 16.64 14.79 8.44
C SER E 404 15.21 14.90 8.98
N ALA E 405 14.27 15.44 8.17
CA ALA E 405 12.88 15.68 8.56
C ALA E 405 11.89 14.68 7.97
N LEU E 406 12.37 13.66 7.24
CA LEU E 406 11.53 12.63 6.65
C LEU E 406 11.75 11.26 7.30
N LEU E 407 10.79 10.36 7.10
CA LEU E 407 10.83 9.00 7.61
C LEU E 407 10.31 8.00 6.59
N PRO E 408 11.10 6.95 6.26
CA PRO E 408 10.58 5.87 5.43
C PRO E 408 9.82 4.85 6.30
N THR E 409 8.56 4.56 5.93
CA THR E 409 7.70 3.63 6.63
C THR E 409 7.10 2.64 5.63
N ILE E 410 7.09 1.35 6.00
CA ILE E 410 6.49 0.29 5.18
C ILE E 410 5.02 0.61 5.12
N PRO E 411 4.42 0.72 3.92
CA PRO E 411 2.98 1.02 3.85
C PRO E 411 2.22 -0.06 4.56
N ASP E 412 1.94 0.21 5.84
CA ASP E 412 1.28 -0.72 6.73
C ASP E 412 -0.04 -1.12 6.16
N THR E 413 -0.46 -2.34 6.46
CA THR E 413 -1.69 -2.92 5.96
C THR E 413 -1.51 -3.16 4.47
N GLU E 414 -2.42 -2.65 3.64
CA GLU E 414 -2.42 -2.81 2.19
C GLU E 414 -2.75 -4.26 1.82
N ASP E 415 -3.80 -4.85 2.46
CA ASP E 415 -4.20 -6.25 2.31
C ASP E 415 -3.08 -7.22 2.74
N GLU E 416 -2.18 -6.73 3.61
CA GLU E 416 -1.05 -7.47 4.13
C GLU E 416 -1.32 -7.84 5.59
N ILE E 417 -1.10 -9.12 5.89
CA ILE E 417 -1.34 -9.68 7.21
C ILE E 417 -0.48 -8.98 8.27
N SER E 418 0.74 -8.61 7.90
CA SER E 418 1.68 -7.97 8.79
C SER E 418 1.99 -6.55 8.37
N PRO E 419 1.68 -5.54 9.19
CA PRO E 419 2.07 -4.17 8.84
C PRO E 419 3.57 -3.91 9.03
N ASP E 420 4.15 -4.51 10.08
CA ASP E 420 5.56 -4.45 10.41
C ASP E 420 6.06 -3.04 10.79
N LYS E 421 7.27 -3.00 11.34
CA LYS E 421 7.91 -1.78 11.77
C LYS E 421 9.11 -1.48 10.89
N VAL E 422 9.54 -0.23 10.93
CA VAL E 422 10.69 0.25 10.17
C VAL E 422 11.90 -0.54 10.61
N ILE E 423 12.49 -1.28 9.69
CA ILE E 423 13.64 -2.13 9.97
C ILE E 423 14.48 -2.31 8.75
N LEU E 424 15.76 -2.64 8.98
CA LEU E 424 16.75 -2.87 7.94
C LEU E 424 16.77 -4.33 7.55
N CYS E 425 16.21 -4.60 6.40
CA CYS E 425 16.18 -5.92 5.84
C CYS E 425 17.21 -5.99 4.78
N LEU E 426 18.02 -7.04 4.82
CA LEU E 426 19.08 -7.34 3.87
C LEU E 426 20.28 -6.36 3.95
N GLY F 2 12.73 49.14 17.28
CA GLY F 2 12.62 48.96 15.83
C GLY F 2 11.76 47.77 15.46
N GLY F 3 12.31 46.58 15.67
CA GLY F 3 11.62 45.33 15.37
C GLY F 3 11.53 45.03 13.90
N ARG F 4 12.29 44.04 13.42
CA ARG F 4 12.36 43.65 12.01
C ARG F 4 11.90 42.19 11.84
N PRO F 5 11.64 41.73 10.62
CA PRO F 5 11.21 40.35 10.43
C PRO F 5 12.18 39.35 11.02
N LEU F 6 11.69 38.47 11.90
CA LEU F 6 12.52 37.47 12.57
C LEU F 6 12.48 36.14 11.85
N GLN F 7 13.65 35.63 11.39
CA GLN F 7 13.74 34.35 10.68
C GLN F 7 14.68 33.39 11.34
N CYS F 8 14.39 32.09 11.17
CA CYS F 8 15.19 31.02 11.73
C CYS F 8 16.43 30.81 10.91
N GLU F 9 17.52 30.43 11.59
CA GLU F 9 18.80 30.19 10.95
C GLU F 9 18.89 28.79 10.33
N ILE F 10 18.11 27.85 10.82
CA ILE F 10 18.16 26.48 10.36
C ILE F 10 17.50 26.30 9.03
N CYS F 11 16.32 26.89 8.85
CA CYS F 11 15.52 26.71 7.65
C CYS F 11 15.01 27.98 7.02
N GLY F 12 15.31 29.14 7.57
CA GLY F 12 14.82 30.39 7.04
C GLY F 12 13.40 30.74 7.43
N PHE F 13 12.79 29.94 8.31
CA PHE F 13 11.43 30.14 8.78
C PHE F 13 11.26 31.55 9.28
N THR F 14 10.53 32.34 8.52
CA THR F 14 10.22 33.71 8.87
C THR F 14 9.11 33.76 9.90
N CYS F 15 9.18 34.77 10.74
CA CYS F 15 8.28 34.90 11.86
C CYS F 15 8.31 36.29 12.47
N ARG F 16 7.14 36.72 12.91
CA ARG F 16 6.95 37.90 13.74
C ARG F 16 6.57 37.33 15.06
N GLN F 17 6.99 37.98 16.15
CA GLN F 17 6.84 37.52 17.53
C GLN F 17 8.06 36.64 17.86
N LYS F 18 8.63 36.81 19.05
CA LYS F 18 9.85 36.10 19.44
C LYS F 18 9.61 34.71 19.97
N ALA F 19 8.91 34.57 21.12
CA ALA F 19 8.79 33.21 21.67
C ALA F 19 8.12 32.22 20.71
N SER F 20 7.33 32.74 19.75
CA SER F 20 6.77 31.93 18.69
C SER F 20 7.91 31.34 17.82
N LEU F 21 9.00 32.08 17.69
CA LEU F 21 10.20 31.63 17.01
C LEU F 21 10.94 30.60 17.86
N ASN F 22 10.94 30.79 19.17
CA ASN F 22 11.59 29.89 20.11
C ASN F 22 10.90 28.56 20.17
N TRP F 23 9.58 28.53 20.02
CA TRP F 23 8.86 27.27 19.99
C TRP F 23 9.21 26.46 18.76
N HIS F 24 9.45 27.12 17.62
CA HIS F 24 9.86 26.45 16.38
C HIS F 24 11.28 25.93 16.47
N GLN F 25 12.20 26.74 16.98
CA GLN F 25 13.57 26.32 17.19
C GLN F 25 13.68 25.11 18.08
N ARG F 26 12.72 24.93 18.98
CA ARG F 26 12.63 23.78 19.86
C ARG F 26 12.29 22.53 19.07
N LYS F 27 11.59 22.70 17.93
CA LYS F 27 11.14 21.62 17.06
C LYS F 27 12.21 21.09 16.10
N HIS F 28 13.39 21.70 16.02
CA HIS F 28 14.44 21.26 15.11
C HIS F 28 15.34 20.24 15.78
N ALA F 29 16.14 20.69 16.75
CA ALA F 29 17.10 19.81 17.39
C ALA F 29 16.49 18.89 18.44
N GLU F 30 15.15 18.79 18.53
CA GLU F 30 14.49 17.90 19.49
C GLU F 30 14.64 16.46 19.09
N THR F 31 14.19 16.17 17.85
CA THR F 31 14.21 14.86 17.23
C THR F 31 13.41 13.83 18.06
ZN ZN G . -38.36 31.75 -36.92
C1 Y70 H . -23.78 19.35 -47.33
C2 Y70 H . -23.36 20.43 -46.55
C3 Y70 H . -23.60 20.42 -45.18
C4 Y70 H . -24.24 19.28 -44.62
C5 Y70 H . -24.63 18.19 -45.40
C6 Y70 H . -24.42 18.24 -46.78
C7 Y70 H . -24.65 18.97 -43.18
N8 Y70 H . -25.26 17.64 -43.14
C9 Y70 H . -25.30 17.13 -44.50
N10 Y70 H . -24.69 17.27 -47.81
O11 Y70 H . -25.74 16.09 -44.85
C12 Y70 H . -25.82 16.96 -41.94
O13 Y70 H . -24.44 19.72 -42.28
C14 Y70 H . -27.33 16.90 -42.11
C15 Y70 H . -25.03 15.62 -41.74
N16 Y70 H . -25.88 14.43 -41.48
C17 Y70 H . -27.36 14.47 -41.44
C18 Y70 H . -27.91 15.55 -42.40
O19 Y70 H . -23.86 15.55 -41.75
O20 Y70 H . -28.02 13.76 -40.76
ZN ZN I . -26.65 27.81 -43.97
ZN ZN J . 4.37 16.56 10.60
C1 Y70 K . 18.37 32.05 6.25
C2 Y70 K . 18.28 30.90 7.04
C3 Y70 K . 18.22 29.64 6.44
C4 Y70 K . 18.24 29.54 5.02
C5 Y70 K . 18.29 30.70 4.23
C6 Y70 K . 18.37 31.96 4.85
C7 Y70 K . 18.19 28.32 4.07
N8 Y70 K . 18.25 28.82 2.69
C9 Y70 K . 18.27 30.30 2.72
N10 Y70 K . 18.42 33.28 4.26
O11 Y70 K . 18.32 31.06 1.79
C12 Y70 K . 18.22 27.99 1.48
O13 Y70 K . 18.19 27.18 4.41
C14 Y70 K . 16.82 28.09 0.90
C15 Y70 K . 19.33 28.43 0.50
N16 Y70 K . 19.02 28.07 -0.90
C17 Y70 K . 17.77 27.43 -1.41
C18 Y70 K . 16.66 27.28 -0.35
O19 Y70 K . 20.34 28.96 0.83
O20 Y70 K . 17.63 27.16 -2.56
ZN ZN L . 13.84 26.48 11.52
#